data_7XHS
# 
_entry.id   7XHS 
# 
_audit_conform.dict_name       mmcif_pdbx.dic 
_audit_conform.dict_version    5.392 
_audit_conform.dict_location   http://mmcif.pdb.org/dictionaries/ascii/mmcif_pdbx.dic 
# 
loop_
_database_2.database_id 
_database_2.database_code 
_database_2.pdbx_database_accession 
_database_2.pdbx_DOI 
PDB   7XHS         pdb_00007xhs 10.2210/pdb7xhs/pdb 
WWPDB D_1300028838 ?            ?                   
# 
loop_
_pdbx_audit_revision_history.ordinal 
_pdbx_audit_revision_history.data_content_type 
_pdbx_audit_revision_history.major_revision 
_pdbx_audit_revision_history.minor_revision 
_pdbx_audit_revision_history.revision_date 
1 'Structure model' 1 0 2023-02-01 
2 'Structure model' 1 1 2024-05-29 
# 
_pdbx_audit_revision_details.ordinal             1 
_pdbx_audit_revision_details.revision_ordinal    1 
_pdbx_audit_revision_details.data_content_type   'Structure model' 
_pdbx_audit_revision_details.provider            repository 
_pdbx_audit_revision_details.type                'Initial release' 
_pdbx_audit_revision_details.description         ? 
_pdbx_audit_revision_details.details             ? 
# 
_pdbx_audit_revision_group.ordinal             1 
_pdbx_audit_revision_group.revision_ordinal    2 
_pdbx_audit_revision_group.data_content_type   'Structure model' 
_pdbx_audit_revision_group.group               'Data collection' 
# 
loop_
_pdbx_audit_revision_category.ordinal 
_pdbx_audit_revision_category.revision_ordinal 
_pdbx_audit_revision_category.data_content_type 
_pdbx_audit_revision_category.category 
1 2 'Structure model' chem_comp_atom 
2 2 'Structure model' chem_comp_bond 
# 
_pdbx_database_status.status_code                     REL 
_pdbx_database_status.status_code_sf                  REL 
_pdbx_database_status.status_code_mr                  ? 
_pdbx_database_status.entry_id                        7XHS 
_pdbx_database_status.recvd_initial_deposition_date   2022-04-10 
_pdbx_database_status.SG_entry                        N 
_pdbx_database_status.deposit_site                    PDBJ 
_pdbx_database_status.process_site                    PDBJ 
_pdbx_database_status.status_code_cs                  ? 
_pdbx_database_status.status_code_nmr_data            ? 
_pdbx_database_status.methods_development_category    ? 
_pdbx_database_status.pdb_format_compatible           Y 
# 
_pdbx_contact_author.id                 2 
_pdbx_contact_author.email              tueno@bio.titech.ac.jp 
_pdbx_contact_author.name_first         Takafumi 
_pdbx_contact_author.name_last          Ueno 
_pdbx_contact_author.name_mi            ? 
_pdbx_contact_author.role               'principal investigator/group leader' 
_pdbx_contact_author.identifier_ORCID   0000-0001-9219-0726 
# 
loop_
_audit_author.name 
_audit_author.pdbx_ordinal 
_audit_author.identifier_ORCID 
'Abe, S.'       1 ? 
'Tanaka, J.'    2 ? 
'Kojima, M.'    3 ? 
'Kanamaru, S.'  4 ? 
'Yamashita, K.' 5 ? 
'Hirata, K.'    6 ? 
'Ueno, T.'      7 ? 
# 
_citation.abstract                  ? 
_citation.abstract_id_CAS           ? 
_citation.book_id_ISBN              ? 
_citation.book_publisher            ? 
_citation.book_publisher_city       ? 
_citation.book_title                ? 
_citation.coordinate_linkage        ? 
_citation.country                   UK 
_citation.database_id_Medline       ? 
_citation.details                   ? 
_citation.id                        primary 
_citation.journal_abbrev            'Sci Rep' 
_citation.journal_id_ASTM           ? 
_citation.journal_id_CSD            ? 
_citation.journal_id_ISSN           2045-2322 
_citation.journal_full              ? 
_citation.journal_issue             ? 
_citation.journal_volume            12 
_citation.language                  ? 
_citation.page_first                16031 
_citation.page_last                 16031 
_citation.title                     'Cell-free protein crystallization for nanocrystal structure determination.' 
_citation.year                      2022 
_citation.database_id_CSD           ? 
_citation.pdbx_database_id_DOI      10.1038/s41598-022-19681-9 
_citation.pdbx_database_id_PubMed   36192567 
_citation.pdbx_database_id_patent   ? 
_citation.unpublished_flag          ? 
# 
loop_
_citation_author.citation_id 
_citation_author.name 
_citation_author.ordinal 
_citation_author.identifier_ORCID 
primary 'Abe, S.'       1 ? 
primary 'Tanaka, J.'    2 ? 
primary 'Kojima, M.'    3 ? 
primary 'Kanamaru, S.'  4 ? 
primary 'Hirata, K.'    5 ? 
primary 'Yamashita, K.' 6 ? 
primary 'Kobayashi, A.' 7 ? 
primary 'Ueno, T.'      8 ? 
# 
loop_
_entity.id 
_entity.type 
_entity.src_method 
_entity.pdbx_description 
_entity.formula_weight 
_entity.pdbx_number_of_molecules 
_entity.pdbx_ec 
_entity.pdbx_mutation 
_entity.pdbx_fragment 
_entity.details 
1 polymer man 'Cro/Cl family transcriptional regulator' 11734.304 1  ? ? ? ? 
2 water   nat water                                     18.015    20 ? ? ? ? 
# 
_entity_poly.entity_id                      1 
_entity_poly.type                           'polypeptide(L)' 
_entity_poly.nstd_linkage                   no 
_entity_poly.nstd_monomer                   no 
_entity_poly.pdbx_seq_one_letter_code       
;MINDMHPSLIKDKDIVDDVMLRSCKIIAMKVMPDKVMQVMVTVLMHDGVCEEMLLKWNLLDNRGMAIYKVLMEALCAKKD
VKISTVGKVGPLGCDYINCVEISM
;
_entity_poly.pdbx_seq_one_letter_code_can   
;MINDMHPSLIKDKDIVDDVMLRSCKIIAMKVMPDKVMQVMVTVLMHDGVCEEMLLKWNLLDNRGMAIYKVLMEALCAKKD
VKISTVGKVGPLGCDYINCVEISM
;
_entity_poly.pdbx_strand_id                 A 
_entity_poly.pdbx_target_identifier         ? 
# 
_pdbx_entity_nonpoly.entity_id   2 
_pdbx_entity_nonpoly.name        water 
_pdbx_entity_nonpoly.comp_id     HOH 
# 
loop_
_entity_poly_seq.entity_id 
_entity_poly_seq.num 
_entity_poly_seq.mon_id 
_entity_poly_seq.hetero 
1 1   MET n 
1 2   ILE n 
1 3   ASN n 
1 4   ASP n 
1 5   MET n 
1 6   HIS n 
1 7   PRO n 
1 8   SER n 
1 9   LEU n 
1 10  ILE n 
1 11  LYS n 
1 12  ASP n 
1 13  LYS n 
1 14  ASP n 
1 15  ILE n 
1 16  VAL n 
1 17  ASP n 
1 18  ASP n 
1 19  VAL n 
1 20  MET n 
1 21  LEU n 
1 22  ARG n 
1 23  SER n 
1 24  CYS n 
1 25  LYS n 
1 26  ILE n 
1 27  ILE n 
1 28  ALA n 
1 29  MET n 
1 30  LYS n 
1 31  VAL n 
1 32  MET n 
1 33  PRO n 
1 34  ASP n 
1 35  LYS n 
1 36  VAL n 
1 37  MET n 
1 38  GLN n 
1 39  VAL n 
1 40  MET n 
1 41  VAL n 
1 42  THR n 
1 43  VAL n 
1 44  LEU n 
1 45  MET n 
1 46  HIS n 
1 47  ASP n 
1 48  GLY n 
1 49  VAL n 
1 50  CYS n 
1 51  GLU n 
1 52  GLU n 
1 53  MET n 
1 54  LEU n 
1 55  LEU n 
1 56  LYS n 
1 57  TRP n 
1 58  ASN n 
1 59  LEU n 
1 60  LEU n 
1 61  ASP n 
1 62  ASN n 
1 63  ARG n 
1 64  GLY n 
1 65  MET n 
1 66  ALA n 
1 67  ILE n 
1 68  TYR n 
1 69  LYS n 
1 70  VAL n 
1 71  LEU n 
1 72  MET n 
1 73  GLU n 
1 74  ALA n 
1 75  LEU n 
1 76  CYS n 
1 77  ALA n 
1 78  LYS n 
1 79  LYS n 
1 80  ASP n 
1 81  VAL n 
1 82  LYS n 
1 83  ILE n 
1 84  SER n 
1 85  THR n 
1 86  VAL n 
1 87  GLY n 
1 88  LYS n 
1 89  VAL n 
1 90  GLY n 
1 91  PRO n 
1 92  LEU n 
1 93  GLY n 
1 94  CYS n 
1 95  ASP n 
1 96  TYR n 
1 97  ILE n 
1 98  ASN n 
1 99  CYS n 
1 100 VAL n 
1 101 GLU n 
1 102 ILE n 
1 103 SER n 
1 104 MET n 
# 
_entity_src_gen.entity_id                          1 
_entity_src_gen.pdbx_src_id                        1 
_entity_src_gen.pdbx_alt_source_flag               sample 
_entity_src_gen.pdbx_seq_type                      'Biological sequence' 
_entity_src_gen.pdbx_beg_seq_num                   1 
_entity_src_gen.pdbx_end_seq_num                   104 
_entity_src_gen.gene_src_common_name               ? 
_entity_src_gen.gene_src_genus                     ? 
_entity_src_gen.pdbx_gene_src_gene                 C6H68_06435 
_entity_src_gen.gene_src_species                   ? 
_entity_src_gen.gene_src_strain                    ? 
_entity_src_gen.gene_src_tissue                    ? 
_entity_src_gen.gene_src_tissue_fraction           ? 
_entity_src_gen.gene_src_details                   ? 
_entity_src_gen.pdbx_gene_src_fragment             ? 
_entity_src_gen.pdbx_gene_src_scientific_name      Photorhabdus 
_entity_src_gen.pdbx_gene_src_ncbi_taxonomy_id     29487 
_entity_src_gen.pdbx_gene_src_variant              ? 
_entity_src_gen.pdbx_gene_src_cell_line            ? 
_entity_src_gen.pdbx_gene_src_atcc                 ? 
_entity_src_gen.pdbx_gene_src_organ                ? 
_entity_src_gen.pdbx_gene_src_organelle            ? 
_entity_src_gen.pdbx_gene_src_cell                 ? 
_entity_src_gen.pdbx_gene_src_cellular_location    ? 
_entity_src_gen.host_org_common_name               ? 
_entity_src_gen.pdbx_host_org_scientific_name      'Triticum aestivum' 
_entity_src_gen.pdbx_host_org_ncbi_taxonomy_id     4565 
_entity_src_gen.host_org_genus                     ? 
_entity_src_gen.pdbx_host_org_gene                 ? 
_entity_src_gen.pdbx_host_org_organ                ? 
_entity_src_gen.host_org_species                   ? 
_entity_src_gen.pdbx_host_org_tissue               ? 
_entity_src_gen.pdbx_host_org_tissue_fraction      ? 
_entity_src_gen.pdbx_host_org_strain               ? 
_entity_src_gen.pdbx_host_org_variant              ? 
_entity_src_gen.pdbx_host_org_cell_line            ? 
_entity_src_gen.pdbx_host_org_atcc                 ? 
_entity_src_gen.pdbx_host_org_culture_collection   ? 
_entity_src_gen.pdbx_host_org_cell                 ? 
_entity_src_gen.pdbx_host_org_organelle            ? 
_entity_src_gen.pdbx_host_org_cellular_location    ? 
_entity_src_gen.pdbx_host_org_vector_type          ? 
_entity_src_gen.pdbx_host_org_vector               ? 
_entity_src_gen.host_org_details                   ? 
_entity_src_gen.expression_system_id               ? 
_entity_src_gen.plasmid_name                       ? 
_entity_src_gen.plasmid_details                    ? 
_entity_src_gen.pdbx_description                   ? 
# 
loop_
_chem_comp.id 
_chem_comp.type 
_chem_comp.mon_nstd_flag 
_chem_comp.name 
_chem_comp.pdbx_synonyms 
_chem_comp.formula 
_chem_comp.formula_weight 
ALA 'L-peptide linking' y ALANINE         ? 'C3 H7 N O2'     89.093  
ARG 'L-peptide linking' y ARGININE        ? 'C6 H15 N4 O2 1' 175.209 
ASN 'L-peptide linking' y ASPARAGINE      ? 'C4 H8 N2 O3'    132.118 
ASP 'L-peptide linking' y 'ASPARTIC ACID' ? 'C4 H7 N O4'     133.103 
CYS 'L-peptide linking' y CYSTEINE        ? 'C3 H7 N O2 S'   121.158 
GLN 'L-peptide linking' y GLUTAMINE       ? 'C5 H10 N2 O3'   146.144 
GLU 'L-peptide linking' y 'GLUTAMIC ACID' ? 'C5 H9 N O4'     147.129 
GLY 'peptide linking'   y GLYCINE         ? 'C2 H5 N O2'     75.067  
HIS 'L-peptide linking' y HISTIDINE       ? 'C6 H10 N3 O2 1' 156.162 
HOH non-polymer         . WATER           ? 'H2 O'           18.015  
ILE 'L-peptide linking' y ISOLEUCINE      ? 'C6 H13 N O2'    131.173 
LEU 'L-peptide linking' y LEUCINE         ? 'C6 H13 N O2'    131.173 
LYS 'L-peptide linking' y LYSINE          ? 'C6 H15 N2 O2 1' 147.195 
MET 'L-peptide linking' y METHIONINE      ? 'C5 H11 N O2 S'  149.211 
PRO 'L-peptide linking' y PROLINE         ? 'C5 H9 N O2'     115.130 
SER 'L-peptide linking' y SERINE          ? 'C3 H7 N O3'     105.093 
THR 'L-peptide linking' y THREONINE       ? 'C4 H9 N O3'     119.119 
TRP 'L-peptide linking' y TRYPTOPHAN      ? 'C11 H12 N2 O2'  204.225 
TYR 'L-peptide linking' y TYROSINE        ? 'C9 H11 N O3'    181.189 
VAL 'L-peptide linking' y VALINE          ? 'C5 H11 N O2'    117.146 
# 
loop_
_pdbx_poly_seq_scheme.asym_id 
_pdbx_poly_seq_scheme.entity_id 
_pdbx_poly_seq_scheme.seq_id 
_pdbx_poly_seq_scheme.mon_id 
_pdbx_poly_seq_scheme.ndb_seq_num 
_pdbx_poly_seq_scheme.pdb_seq_num 
_pdbx_poly_seq_scheme.auth_seq_num 
_pdbx_poly_seq_scheme.pdb_mon_id 
_pdbx_poly_seq_scheme.auth_mon_id 
_pdbx_poly_seq_scheme.pdb_strand_id 
_pdbx_poly_seq_scheme.pdb_ins_code 
_pdbx_poly_seq_scheme.hetero 
A 1 1   MET 1   1   ?   ?   ?   A . n 
A 1 2   ILE 2   2   ?   ?   ?   A . n 
A 1 3   ASN 3   3   ?   ?   ?   A . n 
A 1 4   ASP 4   4   4   ASP ASP A . n 
A 1 5   MET 5   5   5   MET MET A . n 
A 1 6   HIS 6   6   6   HIS HIS A . n 
A 1 7   PRO 7   7   7   PRO PRO A . n 
A 1 8   SER 8   8   8   SER SER A . n 
A 1 9   LEU 9   9   9   LEU LEU A . n 
A 1 10  ILE 10  10  10  ILE ILE A . n 
A 1 11  LYS 11  11  11  LYS LYS A . n 
A 1 12  ASP 12  12  ?   ?   ?   A . n 
A 1 13  LYS 13  13  ?   ?   ?   A . n 
A 1 14  ASP 14  14  ?   ?   ?   A . n 
A 1 15  ILE 15  15  ?   ?   ?   A . n 
A 1 16  VAL 16  16  ?   ?   ?   A . n 
A 1 17  ASP 17  17  ?   ?   ?   A . n 
A 1 18  ASP 18  18  ?   ?   ?   A . n 
A 1 19  VAL 19  19  ?   ?   ?   A . n 
A 1 20  MET 20  20  20  MET MET A . n 
A 1 21  LEU 21  21  21  LEU LEU A . n 
A 1 22  ARG 22  22  22  ARG ARG A . n 
A 1 23  SER 23  23  23  SER SER A . n 
A 1 24  CYS 24  24  24  CYS CYS A . n 
A 1 25  LYS 25  25  25  LYS LYS A . n 
A 1 26  ILE 26  26  26  ILE ILE A . n 
A 1 27  ILE 27  27  27  ILE ILE A . n 
A 1 28  ALA 28  28  28  ALA ALA A . n 
A 1 29  MET 29  29  29  MET MET A . n 
A 1 30  LYS 30  30  30  LYS LYS A . n 
A 1 31  VAL 31  31  31  VAL VAL A . n 
A 1 32  MET 32  32  32  MET MET A . n 
A 1 33  PRO 33  33  33  PRO PRO A . n 
A 1 34  ASP 34  34  34  ASP ASP A . n 
A 1 35  LYS 35  35  35  LYS LYS A . n 
A 1 36  VAL 36  36  36  VAL VAL A . n 
A 1 37  MET 37  37  37  MET MET A . n 
A 1 38  GLN 38  38  38  GLN GLN A . n 
A 1 39  VAL 39  39  39  VAL VAL A . n 
A 1 40  MET 40  40  40  MET MET A . n 
A 1 41  VAL 41  41  41  VAL VAL A . n 
A 1 42  THR 42  42  42  THR THR A . n 
A 1 43  VAL 43  43  43  VAL VAL A . n 
A 1 44  LEU 44  44  44  LEU LEU A . n 
A 1 45  MET 45  45  45  MET MET A . n 
A 1 46  HIS 46  46  46  HIS HIS A . n 
A 1 47  ASP 47  47  47  ASP ASP A . n 
A 1 48  GLY 48  48  48  GLY GLY A . n 
A 1 49  VAL 49  49  49  VAL VAL A . n 
A 1 50  CYS 50  50  50  CYS CYS A . n 
A 1 51  GLU 51  51  51  GLU GLU A . n 
A 1 52  GLU 52  52  52  GLU GLU A . n 
A 1 53  MET 53  53  53  MET MET A . n 
A 1 54  LEU 54  54  54  LEU LEU A . n 
A 1 55  LEU 55  55  55  LEU LEU A . n 
A 1 56  LYS 56  56  56  LYS LYS A . n 
A 1 57  TRP 57  57  57  TRP TRP A . n 
A 1 58  ASN 58  58  58  ASN ASN A . n 
A 1 59  LEU 59  59  59  LEU LEU A . n 
A 1 60  LEU 60  60  60  LEU LEU A . n 
A 1 61  ASP 61  61  61  ASP ASP A . n 
A 1 62  ASN 62  62  62  ASN ASN A . n 
A 1 63  ARG 63  63  63  ARG ARG A . n 
A 1 64  GLY 64  64  64  GLY GLY A . n 
A 1 65  MET 65  65  65  MET MET A . n 
A 1 66  ALA 66  66  66  ALA ALA A . n 
A 1 67  ILE 67  67  67  ILE ILE A . n 
A 1 68  TYR 68  68  68  TYR TYR A . n 
A 1 69  LYS 69  69  69  LYS LYS A . n 
A 1 70  VAL 70  70  70  VAL VAL A . n 
A 1 71  LEU 71  71  71  LEU LEU A . n 
A 1 72  MET 72  72  72  MET MET A . n 
A 1 73  GLU 73  73  73  GLU GLU A . n 
A 1 74  ALA 74  74  74  ALA ALA A . n 
A 1 75  LEU 75  75  75  LEU LEU A . n 
A 1 76  CYS 76  76  76  CYS CYS A . n 
A 1 77  ALA 77  77  77  ALA ALA A . n 
A 1 78  LYS 78  78  78  LYS LYS A . n 
A 1 79  LYS 79  79  79  LYS LYS A . n 
A 1 80  ASP 80  80  80  ASP ASP A . n 
A 1 81  VAL 81  81  81  VAL VAL A . n 
A 1 82  LYS 82  82  82  LYS LYS A . n 
A 1 83  ILE 83  83  83  ILE ILE A . n 
A 1 84  SER 84  84  84  SER SER A . n 
A 1 85  THR 85  85  85  THR THR A . n 
A 1 86  VAL 86  86  86  VAL VAL A . n 
A 1 87  GLY 87  87  87  GLY GLY A . n 
A 1 88  LYS 88  88  88  LYS LYS A . n 
A 1 89  VAL 89  89  89  VAL VAL A . n 
A 1 90  GLY 90  90  90  GLY GLY A . n 
A 1 91  PRO 91  91  91  PRO PRO A . n 
A 1 92  LEU 92  92  92  LEU LEU A . n 
A 1 93  GLY 93  93  93  GLY GLY A . n 
A 1 94  CYS 94  94  94  CYS CYS A . n 
A 1 95  ASP 95  95  95  ASP ASP A . n 
A 1 96  TYR 96  96  96  TYR TYR A . n 
A 1 97  ILE 97  97  97  ILE ILE A . n 
A 1 98  ASN 98  98  98  ASN ASN A . n 
A 1 99  CYS 99  99  99  CYS CYS A . n 
A 1 100 VAL 100 100 100 VAL VAL A . n 
A 1 101 GLU 101 101 101 GLU GLU A . n 
A 1 102 ILE 102 102 102 ILE ILE A . n 
A 1 103 SER 103 103 103 SER SER A . n 
A 1 104 MET 104 104 104 MET MET A . n 
# 
loop_
_pdbx_nonpoly_scheme.asym_id 
_pdbx_nonpoly_scheme.entity_id 
_pdbx_nonpoly_scheme.mon_id 
_pdbx_nonpoly_scheme.ndb_seq_num 
_pdbx_nonpoly_scheme.pdb_seq_num 
_pdbx_nonpoly_scheme.auth_seq_num 
_pdbx_nonpoly_scheme.pdb_mon_id 
_pdbx_nonpoly_scheme.auth_mon_id 
_pdbx_nonpoly_scheme.pdb_strand_id 
_pdbx_nonpoly_scheme.pdb_ins_code 
B 2 HOH 1  201 26 HOH HOH A . 
B 2 HOH 2  202 20 HOH HOH A . 
B 2 HOH 3  203 2  HOH HOH A . 
B 2 HOH 4  204 13 HOH HOH A . 
B 2 HOH 5  205 8  HOH HOH A . 
B 2 HOH 6  206 9  HOH HOH A . 
B 2 HOH 7  207 1  HOH HOH A . 
B 2 HOH 8  208 12 HOH HOH A . 
B 2 HOH 9  209 22 HOH HOH A . 
B 2 HOH 10 210 6  HOH HOH A . 
B 2 HOH 11 211 27 HOH HOH A . 
B 2 HOH 12 212 23 HOH HOH A . 
B 2 HOH 13 213 16 HOH HOH A . 
B 2 HOH 14 214 25 HOH HOH A . 
B 2 HOH 15 215 14 HOH HOH A . 
B 2 HOH 16 216 5  HOH HOH A . 
B 2 HOH 17 217 4  HOH HOH A . 
B 2 HOH 18 218 18 HOH HOH A . 
B 2 HOH 19 219 17 HOH HOH A . 
B 2 HOH 20 220 21 HOH HOH A . 
# 
loop_
_software.citation_id 
_software.classification 
_software.compiler_name 
_software.compiler_version 
_software.contact_author 
_software.contact_author_email 
_software.date 
_software.description 
_software.dependencies 
_software.hardware 
_software.language 
_software.location 
_software.mods 
_software.name 
_software.os 
_software.os_version 
_software.type 
_software.version 
_software.pdbx_ordinal 
? refinement       ? ? ? ? ? ? ? ? ? ? ? PHENIX ? ? ? 1.18.2_3874 1 
? 'data scaling'   ? ? ? ? ? ? ? ? ? ? ? XDS    ? ? ? .           2 
? 'model building' ? ? ? ? ? ? ? ? ? ? ? Coot   ? ? ? .           3 
? 'data reduction' ? ? ? ? ? ? ? ? ? ? ? XDS    ? ? ? .           4 
? phasing          ? ? ? ? ? ? ? ? ? ? ? PHASER ? ? ? .           5 
# 
_cell.angle_alpha                  90.000 
_cell.angle_alpha_esd              ? 
_cell.angle_beta                   90.000 
_cell.angle_beta_esd               ? 
_cell.angle_gamma                  90.000 
_cell.angle_gamma_esd              ? 
_cell.entry_id                     7XHS 
_cell.details                      ? 
_cell.formula_units_Z              ? 
_cell.length_a                     61.090 
_cell.length_a_esd                 ? 
_cell.length_b                     61.090 
_cell.length_b_esd                 ? 
_cell.length_c                     54.010 
_cell.length_c_esd                 ? 
_cell.volume                       201564.677 
_cell.volume_esd                   ? 
_cell.Z_PDB                        8 
_cell.reciprocal_angle_alpha       ? 
_cell.reciprocal_angle_beta        ? 
_cell.reciprocal_angle_gamma       ? 
_cell.reciprocal_angle_alpha_esd   ? 
_cell.reciprocal_angle_beta_esd    ? 
_cell.reciprocal_angle_gamma_esd   ? 
_cell.reciprocal_length_a          ? 
_cell.reciprocal_length_b          ? 
_cell.reciprocal_length_c          ? 
_cell.reciprocal_length_a_esd      ? 
_cell.reciprocal_length_b_esd      ? 
_cell.reciprocal_length_c_esd      ? 
_cell.pdbx_unique_axis             ? 
# 
_symmetry.entry_id                         7XHS 
_symmetry.cell_setting                     ? 
_symmetry.Int_Tables_number                79 
_symmetry.space_group_name_Hall            'I 4' 
_symmetry.space_group_name_H-M             'I 4' 
_symmetry.pdbx_full_space_group_name_H-M   ? 
# 
_exptl.absorpt_coefficient_mu     ? 
_exptl.absorpt_correction_T_max   ? 
_exptl.absorpt_correction_T_min   ? 
_exptl.absorpt_correction_type    ? 
_exptl.absorpt_process_details    ? 
_exptl.entry_id                   7XHS 
_exptl.crystals_number            1 
_exptl.details                    ? 
_exptl.method                     'X-RAY DIFFRACTION' 
_exptl.method_details             ? 
# 
_exptl_crystal.colour                      ? 
_exptl_crystal.density_diffrn              ? 
_exptl_crystal.density_Matthews            2.15 
_exptl_crystal.density_method              ? 
_exptl_crystal.density_percent_sol         42.72 
_exptl_crystal.description                 ? 
_exptl_crystal.F_000                       ? 
_exptl_crystal.id                          1 
_exptl_crystal.preparation                 ? 
_exptl_crystal.size_max                    ? 
_exptl_crystal.size_mid                    ? 
_exptl_crystal.size_min                    ? 
_exptl_crystal.size_rad                    ? 
_exptl_crystal.colour_lustre               ? 
_exptl_crystal.colour_modifier             ? 
_exptl_crystal.colour_primary              ? 
_exptl_crystal.density_meas                ? 
_exptl_crystal.density_meas_esd            ? 
_exptl_crystal.density_meas_gt             ? 
_exptl_crystal.density_meas_lt             ? 
_exptl_crystal.density_meas_temp           ? 
_exptl_crystal.density_meas_temp_esd       ? 
_exptl_crystal.density_meas_temp_gt        ? 
_exptl_crystal.density_meas_temp_lt        ? 
_exptl_crystal.pdbx_crystal_image_url      ? 
_exptl_crystal.pdbx_crystal_image_format   ? 
_exptl_crystal.pdbx_mosaicity              ? 
_exptl_crystal.pdbx_mosaicity_esd          ? 
# 
_exptl_crystal_grow.apparatus       ? 
_exptl_crystal_grow.atmosphere      ? 
_exptl_crystal_grow.crystal_id      1 
_exptl_crystal_grow.details         ? 
_exptl_crystal_grow.method          'SMALL TUBES' 
_exptl_crystal_grow.method_ref      ? 
_exptl_crystal_grow.pH              ? 
_exptl_crystal_grow.pressure        ? 
_exptl_crystal_grow.pressure_esd    ? 
_exptl_crystal_grow.seeding         ? 
_exptl_crystal_grow.seeding_ref     ? 
_exptl_crystal_grow.temp            293 
_exptl_crystal_grow.temp_details    ? 
_exptl_crystal_grow.temp_esd        ? 
_exptl_crystal_grow.time            ? 
_exptl_crystal_grow.pdbx_details    'cell-free protein crystallization' 
_exptl_crystal_grow.pdbx_pH_range   ? 
# 
_diffrn.ambient_environment              ? 
_diffrn.ambient_temp                     100 
_diffrn.ambient_temp_details             ? 
_diffrn.ambient_temp_esd                 ? 
_diffrn.crystal_id                       1 
_diffrn.crystal_support                  ? 
_diffrn.crystal_treatment                ? 
_diffrn.details                          ? 
_diffrn.id                               1 
_diffrn.ambient_pressure                 ? 
_diffrn.ambient_pressure_esd             ? 
_diffrn.ambient_pressure_gt              ? 
_diffrn.ambient_pressure_lt              ? 
_diffrn.ambient_temp_gt                  ? 
_diffrn.ambient_temp_lt                  ? 
_diffrn.pdbx_serial_crystal_experiment   N 
# 
_diffrn_detector.details                      ? 
_diffrn_detector.detector                     PIXEL 
_diffrn_detector.diffrn_id                    1 
_diffrn_detector.type                         'DECTRIS EIGER X 9M' 
_diffrn_detector.area_resol_mean              ? 
_diffrn_detector.dtime                        ? 
_diffrn_detector.pdbx_frames_total            ? 
_diffrn_detector.pdbx_collection_time_total   ? 
_diffrn_detector.pdbx_collection_date         2021-06-17 
_diffrn_detector.pdbx_frequency               ? 
# 
_diffrn_radiation.collimation                      ? 
_diffrn_radiation.diffrn_id                        1 
_diffrn_radiation.filter_edge                      ? 
_diffrn_radiation.inhomogeneity                    ? 
_diffrn_radiation.monochromator                    ? 
_diffrn_radiation.polarisn_norm                    ? 
_diffrn_radiation.polarisn_ratio                   ? 
_diffrn_radiation.probe                            ? 
_diffrn_radiation.type                             ? 
_diffrn_radiation.xray_symbol                      ? 
_diffrn_radiation.wavelength_id                    1 
_diffrn_radiation.pdbx_monochromatic_or_laue_m_l   M 
_diffrn_radiation.pdbx_wavelength_list             ? 
_diffrn_radiation.pdbx_wavelength                  ? 
_diffrn_radiation.pdbx_diffrn_protocol             'SINGLE WAVELENGTH' 
_diffrn_radiation.pdbx_analyzer                    ? 
_diffrn_radiation.pdbx_scattering_type             x-ray 
# 
_diffrn_radiation_wavelength.id           1 
_diffrn_radiation_wavelength.wavelength   1 
_diffrn_radiation_wavelength.wt           1.0 
# 
_diffrn_source.current                     ? 
_diffrn_source.details                     ? 
_diffrn_source.diffrn_id                   1 
_diffrn_source.power                       ? 
_diffrn_source.size                        ? 
_diffrn_source.source                      SYNCHROTRON 
_diffrn_source.target                      ? 
_diffrn_source.type                        'SPRING-8 BEAMLINE BL32XU' 
_diffrn_source.voltage                     ? 
_diffrn_source.take-off_angle              ? 
_diffrn_source.pdbx_wavelength_list        1 
_diffrn_source.pdbx_wavelength             ? 
_diffrn_source.pdbx_synchrotron_beamline   BL32XU 
_diffrn_source.pdbx_synchrotron_site       SPring-8 
# 
_reflns.B_iso_Wilson_estimate                          26.65 
_reflns.entry_id                                       7XHS 
_reflns.data_reduction_details                         ? 
_reflns.data_reduction_method                          ? 
_reflns.d_resolution_high                              2.11 
_reflns.d_resolution_low                               50 
_reflns.details                                        ? 
_reflns.limit_h_max                                    ? 
_reflns.limit_h_min                                    ? 
_reflns.limit_k_max                                    ? 
_reflns.limit_k_min                                    ? 
_reflns.limit_l_max                                    ? 
_reflns.limit_l_min                                    ? 
_reflns.number_all                                     ? 
_reflns.number_obs                                     5781 
_reflns.observed_criterion                             ? 
_reflns.observed_criterion_F_max                       ? 
_reflns.observed_criterion_F_min                       ? 
_reflns.observed_criterion_I_max                       ? 
_reflns.observed_criterion_I_min                       ? 
_reflns.observed_criterion_sigma_F                     ? 
_reflns.observed_criterion_sigma_I                     ? 
_reflns.percent_possible_obs                           100 
_reflns.R_free_details                                 ? 
_reflns.Rmerge_F_all                                   ? 
_reflns.Rmerge_F_obs                                   ? 
_reflns.Friedel_coverage                               ? 
_reflns.number_gt                                      ? 
_reflns.threshold_expression                           ? 
_reflns.pdbx_redundancy                                19.3 
_reflns.pdbx_Rmerge_I_obs                              ? 
_reflns.pdbx_Rmerge_I_all                              ? 
_reflns.pdbx_Rsym_value                                ? 
_reflns.pdbx_netI_over_av_sigmaI                       ? 
_reflns.pdbx_netI_over_sigmaI                          9.04 
_reflns.pdbx_res_netI_over_av_sigmaI_2                 ? 
_reflns.pdbx_res_netI_over_sigmaI_2                    ? 
_reflns.pdbx_chi_squared                               ? 
_reflns.pdbx_scaling_rejects                           ? 
_reflns.pdbx_d_res_high_opt                            ? 
_reflns.pdbx_d_res_low_opt                             ? 
_reflns.pdbx_d_res_opt_method                          ? 
_reflns.phase_calculation_details                      ? 
_reflns.pdbx_Rrim_I_all                                ? 
_reflns.pdbx_Rpim_I_all                                ? 
_reflns.pdbx_d_opt                                     ? 
_reflns.pdbx_number_measured_all                       ? 
_reflns.pdbx_diffrn_id                                 1 
_reflns.pdbx_ordinal                                   1 
_reflns.pdbx_CC_half                                   0.994 
_reflns.pdbx_CC_star                                   ? 
_reflns.pdbx_R_split                                   ? 
_reflns.pdbx_aniso_diffraction_limit_axis_1_ortho[1]   ? 
_reflns.pdbx_aniso_diffraction_limit_axis_1_ortho[2]   ? 
_reflns.pdbx_aniso_diffraction_limit_axis_1_ortho[3]   ? 
_reflns.pdbx_aniso_diffraction_limit_axis_2_ortho[1]   ? 
_reflns.pdbx_aniso_diffraction_limit_axis_2_ortho[2]   ? 
_reflns.pdbx_aniso_diffraction_limit_axis_2_ortho[3]   ? 
_reflns.pdbx_aniso_diffraction_limit_axis_3_ortho[1]   ? 
_reflns.pdbx_aniso_diffraction_limit_axis_3_ortho[2]   ? 
_reflns.pdbx_aniso_diffraction_limit_axis_3_ortho[3]   ? 
_reflns.pdbx_aniso_diffraction_limit_1                 ? 
_reflns.pdbx_aniso_diffraction_limit_2                 ? 
_reflns.pdbx_aniso_diffraction_limit_3                 ? 
_reflns.pdbx_aniso_B_tensor_eigenvector_1_ortho[1]     ? 
_reflns.pdbx_aniso_B_tensor_eigenvector_1_ortho[2]     ? 
_reflns.pdbx_aniso_B_tensor_eigenvector_1_ortho[3]     ? 
_reflns.pdbx_aniso_B_tensor_eigenvector_2_ortho[1]     ? 
_reflns.pdbx_aniso_B_tensor_eigenvector_2_ortho[2]     ? 
_reflns.pdbx_aniso_B_tensor_eigenvector_2_ortho[3]     ? 
_reflns.pdbx_aniso_B_tensor_eigenvector_3_ortho[1]     ? 
_reflns.pdbx_aniso_B_tensor_eigenvector_3_ortho[2]     ? 
_reflns.pdbx_aniso_B_tensor_eigenvector_3_ortho[3]     ? 
_reflns.pdbx_aniso_B_tensor_eigenvalue_1               ? 
_reflns.pdbx_aniso_B_tensor_eigenvalue_2               ? 
_reflns.pdbx_aniso_B_tensor_eigenvalue_3               ? 
_reflns.pdbx_orthogonalization_convention              ? 
_reflns.pdbx_percent_possible_ellipsoidal              ? 
_reflns.pdbx_percent_possible_spherical                ? 
_reflns.pdbx_percent_possible_ellipsoidal_anomalous    ? 
_reflns.pdbx_percent_possible_spherical_anomalous      ? 
_reflns.pdbx_redundancy_anomalous                      ? 
_reflns.pdbx_CC_half_anomalous                         ? 
_reflns.pdbx_absDiff_over_sigma_anomalous              ? 
_reflns.pdbx_percent_possible_anomalous                ? 
_reflns.pdbx_observed_signal_threshold                 ? 
_reflns.pdbx_signal_type                               ? 
_reflns.pdbx_signal_details                            ? 
_reflns.pdbx_signal_software_id                        ? 
# 
_reflns_shell.d_res_high                                    2.11 
_reflns_shell.d_res_low                                     2.24 
_reflns_shell.meanI_over_sigI_all                           ? 
_reflns_shell.meanI_over_sigI_obs                           1.7 
_reflns_shell.number_measured_all                           ? 
_reflns_shell.number_measured_obs                           ? 
_reflns_shell.number_possible                               ? 
_reflns_shell.number_unique_all                             ? 
_reflns_shell.number_unique_obs                             5781 
_reflns_shell.percent_possible_all                          ? 
_reflns_shell.percent_possible_obs                          ? 
_reflns_shell.Rmerge_F_all                                  ? 
_reflns_shell.Rmerge_F_obs                                  ? 
_reflns_shell.Rmerge_I_all                                  ? 
_reflns_shell.Rmerge_I_obs                                  ? 
_reflns_shell.meanI_over_sigI_gt                            ? 
_reflns_shell.meanI_over_uI_all                             ? 
_reflns_shell.meanI_over_uI_gt                              ? 
_reflns_shell.number_measured_gt                            ? 
_reflns_shell.number_unique_gt                              ? 
_reflns_shell.percent_possible_gt                           ? 
_reflns_shell.Rmerge_F_gt                                   ? 
_reflns_shell.Rmerge_I_gt                                   ? 
_reflns_shell.pdbx_redundancy                               ? 
_reflns_shell.pdbx_Rsym_value                               ? 
_reflns_shell.pdbx_chi_squared                              ? 
_reflns_shell.pdbx_netI_over_sigmaI_all                     ? 
_reflns_shell.pdbx_netI_over_sigmaI_obs                     ? 
_reflns_shell.pdbx_Rrim_I_all                               ? 
_reflns_shell.pdbx_Rpim_I_all                               ? 
_reflns_shell.pdbx_rejects                                  ? 
_reflns_shell.pdbx_ordinal                                  1 
_reflns_shell.pdbx_diffrn_id                                1 
_reflns_shell.pdbx_CC_half                                  0.587 
_reflns_shell.pdbx_CC_star                                  ? 
_reflns_shell.pdbx_R_split                                  ? 
_reflns_shell.pdbx_percent_possible_ellipsoidal             ? 
_reflns_shell.pdbx_percent_possible_spherical               ? 
_reflns_shell.pdbx_percent_possible_ellipsoidal_anomalous   ? 
_reflns_shell.pdbx_percent_possible_spherical_anomalous     ? 
_reflns_shell.pdbx_redundancy_anomalous                     ? 
_reflns_shell.pdbx_CC_half_anomalous                        ? 
_reflns_shell.pdbx_absDiff_over_sigma_anomalous             ? 
_reflns_shell.pdbx_percent_possible_anomalous               ? 
# 
_refine.aniso_B[1][1]                            ? 
_refine.aniso_B[1][2]                            ? 
_refine.aniso_B[1][3]                            ? 
_refine.aniso_B[2][2]                            ? 
_refine.aniso_B[2][3]                            ? 
_refine.aniso_B[3][3]                            ? 
_refine.B_iso_max                                ? 
_refine.B_iso_mean                               28.38 
_refine.B_iso_min                                ? 
_refine.correlation_coeff_Fo_to_Fc               ? 
_refine.correlation_coeff_Fo_to_Fc_free          ? 
_refine.details                                  ? 
_refine.diff_density_max                         ? 
_refine.diff_density_max_esd                     ? 
_refine.diff_density_min                         ? 
_refine.diff_density_min_esd                     ? 
_refine.diff_density_rms                         ? 
_refine.diff_density_rms_esd                     ? 
_refine.entry_id                                 7XHS 
_refine.pdbx_refine_id                           'X-RAY DIFFRACTION' 
_refine.ls_abs_structure_details                 ? 
_refine.ls_abs_structure_Flack                   ? 
_refine.ls_abs_structure_Flack_esd               ? 
_refine.ls_abs_structure_Rogers                  ? 
_refine.ls_abs_structure_Rogers_esd              ? 
_refine.ls_d_res_high                            2.11 
_refine.ls_d_res_low                             43.20 
_refine.ls_extinction_coef                       ? 
_refine.ls_extinction_coef_esd                   ? 
_refine.ls_extinction_expression                 ? 
_refine.ls_extinction_method                     ? 
_refine.ls_goodness_of_fit_all                   ? 
_refine.ls_goodness_of_fit_all_esd               ? 
_refine.ls_goodness_of_fit_obs                   ? 
_refine.ls_goodness_of_fit_obs_esd               ? 
_refine.ls_hydrogen_treatment                    ? 
_refine.ls_matrix_type                           ? 
_refine.ls_number_constraints                    ? 
_refine.ls_number_parameters                     ? 
_refine.ls_number_reflns_all                     ? 
_refine.ls_number_reflns_obs                     5781 
_refine.ls_number_reflns_R_free                  579 
_refine.ls_number_reflns_R_work                  5202 
_refine.ls_number_restraints                     ? 
_refine.ls_percent_reflns_obs                    99.88 
_refine.ls_percent_reflns_R_free                 10.02 
_refine.ls_R_factor_all                          ? 
_refine.ls_R_factor_obs                          0.1905 
_refine.ls_R_factor_R_free                       0.2224 
_refine.ls_R_factor_R_free_error                 ? 
_refine.ls_R_factor_R_free_error_details         ? 
_refine.ls_R_factor_R_work                       0.1869 
_refine.ls_R_Fsqd_factor_obs                     ? 
_refine.ls_R_I_factor_obs                        ? 
_refine.ls_redundancy_reflns_all                 ? 
_refine.ls_redundancy_reflns_obs                 ? 
_refine.ls_restrained_S_all                      ? 
_refine.ls_restrained_S_obs                      ? 
_refine.ls_shift_over_esd_max                    ? 
_refine.ls_shift_over_esd_mean                   ? 
_refine.ls_structure_factor_coef                 ? 
_refine.ls_weighting_details                     ? 
_refine.ls_weighting_scheme                      ? 
_refine.ls_wR_factor_all                         ? 
_refine.ls_wR_factor_obs                         ? 
_refine.ls_wR_factor_R_free                      ? 
_refine.ls_wR_factor_R_work                      ? 
_refine.occupancy_max                            ? 
_refine.occupancy_min                            ? 
_refine.solvent_model_details                    'FLAT BULK SOLVENT MODEL' 
_refine.solvent_model_param_bsol                 ? 
_refine.solvent_model_param_ksol                 ? 
_refine.pdbx_R_complete                          ? 
_refine.ls_R_factor_gt                           ? 
_refine.ls_goodness_of_fit_gt                    ? 
_refine.ls_goodness_of_fit_ref                   ? 
_refine.ls_shift_over_su_max                     ? 
_refine.ls_shift_over_su_max_lt                  ? 
_refine.ls_shift_over_su_mean                    ? 
_refine.ls_shift_over_su_mean_lt                 ? 
_refine.pdbx_ls_sigma_I                          ? 
_refine.pdbx_ls_sigma_F                          1.37 
_refine.pdbx_ls_sigma_Fsqd                       ? 
_refine.pdbx_data_cutoff_high_absF               ? 
_refine.pdbx_data_cutoff_high_rms_absF           ? 
_refine.pdbx_data_cutoff_low_absF                ? 
_refine.pdbx_isotropic_thermal_model             ? 
_refine.pdbx_ls_cross_valid_method               'FREE R-VALUE' 
_refine.pdbx_method_to_determine_struct          'MOLECULAR REPLACEMENT' 
_refine.pdbx_starting_model                      ? 
_refine.pdbx_stereochemistry_target_values       'GeoStd + Monomer Library + CDL v1.2' 
_refine.pdbx_R_Free_selection_details            ? 
_refine.pdbx_stereochem_target_val_spec_case     ? 
_refine.pdbx_overall_ESU_R                       ? 
_refine.pdbx_overall_ESU_R_Free                  ? 
_refine.pdbx_solvent_vdw_probe_radii             1.1100 
_refine.pdbx_solvent_ion_probe_radii             ? 
_refine.pdbx_solvent_shrinkage_radii             0.9000 
_refine.pdbx_real_space_R                        ? 
_refine.pdbx_density_correlation                 ? 
_refine.pdbx_pd_number_of_powder_patterns        ? 
_refine.pdbx_pd_number_of_points                 ? 
_refine.pdbx_pd_meas_number_of_points            ? 
_refine.pdbx_pd_proc_ls_prof_R_factor            ? 
_refine.pdbx_pd_proc_ls_prof_wR_factor           ? 
_refine.pdbx_pd_Marquardt_correlation_coeff      ? 
_refine.pdbx_pd_Fsqrd_R_factor                   ? 
_refine.pdbx_pd_ls_matrix_band_width             ? 
_refine.pdbx_overall_phase_error                 24.2689 
_refine.pdbx_overall_SU_R_free_Cruickshank_DPI   ? 
_refine.pdbx_overall_SU_R_free_Blow_DPI          ? 
_refine.pdbx_overall_SU_R_Blow_DPI               ? 
_refine.pdbx_TLS_residual_ADP_flag               ? 
_refine.pdbx_diffrn_id                           1 
_refine.overall_SU_B                             ? 
_refine.overall_SU_ML                            0.2462 
_refine.overall_SU_R_Cruickshank_DPI             ? 
_refine.overall_SU_R_free                        ? 
_refine.overall_FOM_free_R_set                   ? 
_refine.overall_FOM_work_R_set                   ? 
_refine.pdbx_average_fsc_overall                 ? 
_refine.pdbx_average_fsc_work                    ? 
_refine.pdbx_average_fsc_free                    ? 
# 
_refine_hist.pdbx_refine_id                   'X-RAY DIFFRACTION' 
_refine_hist.cycle_id                         LAST 
_refine_hist.details                          ? 
_refine_hist.d_res_high                       2.11 
_refine_hist.d_res_low                        43.20 
_refine_hist.number_atoms_solvent             20 
_refine_hist.number_atoms_total               738 
_refine_hist.number_reflns_all                ? 
_refine_hist.number_reflns_obs                ? 
_refine_hist.number_reflns_R_free             ? 
_refine_hist.number_reflns_R_work             ? 
_refine_hist.R_factor_all                     ? 
_refine_hist.R_factor_obs                     ? 
_refine_hist.R_factor_R_free                  ? 
_refine_hist.R_factor_R_work                  ? 
_refine_hist.pdbx_number_residues_total       ? 
_refine_hist.pdbx_B_iso_mean_ligand           ? 
_refine_hist.pdbx_B_iso_mean_solvent          ? 
_refine_hist.pdbx_number_atoms_protein        718 
_refine_hist.pdbx_number_atoms_nucleic_acid   0 
_refine_hist.pdbx_number_atoms_ligand         0 
_refine_hist.pdbx_number_atoms_lipid          ? 
_refine_hist.pdbx_number_atoms_carb           ? 
_refine_hist.pdbx_pseudo_atom_details         ? 
# 
loop_
_refine_ls_restr.pdbx_refine_id 
_refine_ls_restr.criterion 
_refine_ls_restr.dev_ideal 
_refine_ls_restr.dev_ideal_target 
_refine_ls_restr.number 
_refine_ls_restr.rejects 
_refine_ls_restr.type 
_refine_ls_restr.weight 
_refine_ls_restr.pdbx_restraint_function 
'X-RAY DIFFRACTION' ? 0.0090 ? 725 ? f_bond_d           ? ? 
'X-RAY DIFFRACTION' ? 1.1588 ? 970 ? f_angle_d          ? ? 
'X-RAY DIFFRACTION' ? 0.0596 ? 118 ? f_chiral_restr     ? ? 
'X-RAY DIFFRACTION' ? 0.0042 ? 116 ? f_plane_restr      ? ? 
'X-RAY DIFFRACTION' ? 6.9039 ? 96  ? f_dihedral_angle_d ? ? 
# 
loop_
_refine_ls_shell.pdbx_refine_id 
_refine_ls_shell.d_res_high 
_refine_ls_shell.d_res_low 
_refine_ls_shell.number_reflns_all 
_refine_ls_shell.number_reflns_obs 
_refine_ls_shell.number_reflns_R_free 
_refine_ls_shell.number_reflns_R_work 
_refine_ls_shell.percent_reflns_obs 
_refine_ls_shell.percent_reflns_R_free 
_refine_ls_shell.R_factor_all 
_refine_ls_shell.R_factor_obs 
_refine_ls_shell.R_factor_R_free 
_refine_ls_shell.R_factor_R_free_error 
_refine_ls_shell.R_factor_R_work 
_refine_ls_shell.redundancy_reflns_all 
_refine_ls_shell.redundancy_reflns_obs 
_refine_ls_shell.wR_factor_all 
_refine_ls_shell.wR_factor_obs 
_refine_ls_shell.wR_factor_R_free 
_refine_ls_shell.wR_factor_R_work 
_refine_ls_shell.pdbx_R_complete 
_refine_ls_shell.pdbx_total_number_of_bins_used 
_refine_ls_shell.pdbx_phase_error 
_refine_ls_shell.pdbx_fsc_work 
_refine_ls_shell.pdbx_fsc_free 
'X-RAY DIFFRACTION' 2.11 2.32  . . 143 1293 99.51  . . . 0.3349 . 0.2593 . . . . . . . . . . . 
'X-RAY DIFFRACTION' 2.32 2.66  . . 148 1284 100.00 . . . 0.2437 . 0.1970 . . . . . . . . . . . 
'X-RAY DIFFRACTION' 2.66 3.35  . . 140 1301 100.00 . . . 0.2461 . 0.2138 . . . . . . . . . . . 
'X-RAY DIFFRACTION' 3.35 43.20 . . 148 1324 100.00 . . . 0.1746 . 0.1509 . . . . . . . . . . . 
# 
_struct.entry_id                     7XHS 
_struct.title                        'Crystal structure of CipA crystal produced by cell-free protein synthesis' 
_struct.pdbx_model_details           ? 
_struct.pdbx_formula_weight          ? 
_struct.pdbx_formula_weight_method   ? 
_struct.pdbx_model_type_details      ? 
_struct.pdbx_CASP_flag               N 
# 
_struct_keywords.entry_id        7XHS 
_struct_keywords.text            'in cell crystal, crystalline inclusion protein' 
_struct_keywords.pdbx_keywords   'Crystalline inclusion protein' 
# 
loop_
_struct_asym.id 
_struct_asym.pdbx_blank_PDB_chainid_flag 
_struct_asym.pdbx_modified 
_struct_asym.entity_id 
_struct_asym.details 
A N N 1 ? 
B N N 2 ? 
# 
_struct_ref.id                         1 
_struct_ref.db_name                    UNP 
_struct_ref.db_code                    A0A2S8QTL8_PHOLU 
_struct_ref.pdbx_db_accession          A0A2S8QTL8 
_struct_ref.pdbx_db_isoform            ? 
_struct_ref.entity_id                  1 
_struct_ref.pdbx_seq_one_letter_code   
;MINDMHPSLIKDKDIVDDVMLRSCKIIAMKVMPDKVMQVMVTVLMHDGVCEEMLLKWNLLDNRGMAIYKVLMEALCAKKD
VKISTVGKVGPLGCDYINCVEISM
;
_struct_ref.pdbx_align_begin           1 
# 
_struct_ref_seq.align_id                      1 
_struct_ref_seq.ref_id                        1 
_struct_ref_seq.pdbx_PDB_id_code              7XHS 
_struct_ref_seq.pdbx_strand_id                A 
_struct_ref_seq.seq_align_beg                 1 
_struct_ref_seq.pdbx_seq_align_beg_ins_code   ? 
_struct_ref_seq.seq_align_end                 104 
_struct_ref_seq.pdbx_seq_align_end_ins_code   ? 
_struct_ref_seq.pdbx_db_accession             A0A2S8QTL8 
_struct_ref_seq.db_align_beg                  1 
_struct_ref_seq.pdbx_db_align_beg_ins_code    ? 
_struct_ref_seq.db_align_end                  104 
_struct_ref_seq.pdbx_db_align_end_ins_code    ? 
_struct_ref_seq.pdbx_auth_seq_align_beg       1 
_struct_ref_seq.pdbx_auth_seq_align_end       104 
# 
_pdbx_struct_assembly.id                   1 
_pdbx_struct_assembly.details              author_and_software_defined_assembly 
_pdbx_struct_assembly.method_details       PISA 
_pdbx_struct_assembly.oligomeric_details   tetrameric 
_pdbx_struct_assembly.oligomeric_count     4 
# 
loop_
_pdbx_struct_assembly_prop.biol_id 
_pdbx_struct_assembly_prop.type 
_pdbx_struct_assembly_prop.value 
_pdbx_struct_assembly_prop.details 
1 'ABSA (A^2)' 8460  ? 
1 MORE         -60   ? 
1 'SSA (A^2)'  17210 ? 
# 
_pdbx_struct_assembly_gen.assembly_id       1 
_pdbx_struct_assembly_gen.oper_expression   1,2,3,4 
_pdbx_struct_assembly_gen.asym_id_list      A,B 
# 
_pdbx_struct_assembly_auth_evidence.id                     1 
_pdbx_struct_assembly_auth_evidence.assembly_id            1 
_pdbx_struct_assembly_auth_evidence.experimental_support   none 
_pdbx_struct_assembly_auth_evidence.details                ? 
# 
loop_
_pdbx_struct_oper_list.id 
_pdbx_struct_oper_list.type 
_pdbx_struct_oper_list.name 
_pdbx_struct_oper_list.symmetry_operation 
_pdbx_struct_oper_list.matrix[1][1] 
_pdbx_struct_oper_list.matrix[1][2] 
_pdbx_struct_oper_list.matrix[1][3] 
_pdbx_struct_oper_list.vector[1] 
_pdbx_struct_oper_list.matrix[2][1] 
_pdbx_struct_oper_list.matrix[2][2] 
_pdbx_struct_oper_list.matrix[2][3] 
_pdbx_struct_oper_list.vector[2] 
_pdbx_struct_oper_list.matrix[3][1] 
_pdbx_struct_oper_list.matrix[3][2] 
_pdbx_struct_oper_list.matrix[3][3] 
_pdbx_struct_oper_list.vector[3] 
1 'identity operation'         1_555 x,y,z       1.0000000000  0.0000000000  0.0000000000  0.0000000000   0.0000000000  1.0000000000  0.0000000000  0.0000000000  0.0000000000  0.0000000000  1.0000000000  0.0000000000  
2 'crystal symmetry operation' 2_665 -x+1,-y+1,z -0.7657814837 -0.4491326677 0.4602809642  -6.5496326403  -0.4491326677 -0.1387523225 -0.8826254244 19.9495563575 0.4602809642  -0.8826254244 -0.0954661938 22.7992107450 
3 'crystal symmetry operation' 3_655 -y+1,x,z    0.1171092581  0.4479415866  0.8863598347  -17.4635753080 -0.8970742543 0.4306238387  -0.0991004124 3.8713530938  -0.4260788705 -0.7835250120 0.4522669031  12.6640993077 
4 'crystal symmetry operation' 4_565 y,-x+1,z    0.1171092581  -0.8970742543 -0.4260788705 10.9139426677  0.4479415866  0.4306238387  -0.7835250120 16.0782032637 0.8863598347  -0.0991004124 0.4522669031  10.1351114373 
# 
_struct_conf.conf_type_id            HELX_P 
_struct_conf.id                      HELX_P1 
_struct_conf.pdbx_PDB_helix_id       AA1 
_struct_conf.beg_label_comp_id       ASP 
_struct_conf.beg_label_asym_id       A 
_struct_conf.beg_label_seq_id        61 
_struct_conf.pdbx_beg_PDB_ins_code   ? 
_struct_conf.end_label_comp_id       LYS 
_struct_conf.end_label_asym_id       A 
_struct_conf.end_label_seq_id        78 
_struct_conf.pdbx_end_PDB_ins_code   ? 
_struct_conf.beg_auth_comp_id        ASP 
_struct_conf.beg_auth_asym_id        A 
_struct_conf.beg_auth_seq_id         61 
_struct_conf.end_auth_comp_id        LYS 
_struct_conf.end_auth_asym_id        A 
_struct_conf.end_auth_seq_id         78 
_struct_conf.pdbx_PDB_helix_class    1 
_struct_conf.details                 ? 
_struct_conf.pdbx_PDB_helix_length   18 
# 
_struct_conf_type.id          HELX_P 
_struct_conf_type.criteria    ? 
_struct_conf_type.reference   ? 
# 
_struct_sheet.id               AA1 
_struct_sheet.type             ? 
_struct_sheet.number_strands   6 
_struct_sheet.details          ? 
# 
loop_
_struct_sheet_order.sheet_id 
_struct_sheet_order.range_id_1 
_struct_sheet_order.range_id_2 
_struct_sheet_order.offset 
_struct_sheet_order.sense 
AA1 1 2 ? anti-parallel 
AA1 2 3 ? anti-parallel 
AA1 3 4 ? parallel      
AA1 4 5 ? anti-parallel 
AA1 5 6 ? anti-parallel 
# 
loop_
_struct_sheet_range.sheet_id 
_struct_sheet_range.id 
_struct_sheet_range.beg_label_comp_id 
_struct_sheet_range.beg_label_asym_id 
_struct_sheet_range.beg_label_seq_id 
_struct_sheet_range.pdbx_beg_PDB_ins_code 
_struct_sheet_range.end_label_comp_id 
_struct_sheet_range.end_label_asym_id 
_struct_sheet_range.end_label_seq_id 
_struct_sheet_range.pdbx_end_PDB_ins_code 
_struct_sheet_range.beg_auth_comp_id 
_struct_sheet_range.beg_auth_asym_id 
_struct_sheet_range.beg_auth_seq_id 
_struct_sheet_range.end_auth_comp_id 
_struct_sheet_range.end_auth_asym_id 
_struct_sheet_range.end_auth_seq_id 
AA1 1 ARG A 22 ? MET A 32  ? ARG A 22 MET A 32  
AA1 2 GLN A 38 ? MET A 45  ? GLN A 38 MET A 45  
AA1 3 CYS A 50 ? LEU A 55  ? CYS A 50 LEU A 55  
AA1 4 ASP A 95 ? GLU A 101 ? ASP A 95 GLU A 101 
AA1 5 ASP A 80 ? THR A 85  ? ASP A 80 THR A 85  
AA1 6 ARG A 22 ? MET A 32  ? ARG A 22 MET A 32  
# 
loop_
_pdbx_struct_sheet_hbond.sheet_id 
_pdbx_struct_sheet_hbond.range_id_1 
_pdbx_struct_sheet_hbond.range_id_2 
_pdbx_struct_sheet_hbond.range_1_label_atom_id 
_pdbx_struct_sheet_hbond.range_1_label_comp_id 
_pdbx_struct_sheet_hbond.range_1_label_asym_id 
_pdbx_struct_sheet_hbond.range_1_label_seq_id 
_pdbx_struct_sheet_hbond.range_1_PDB_ins_code 
_pdbx_struct_sheet_hbond.range_1_auth_atom_id 
_pdbx_struct_sheet_hbond.range_1_auth_comp_id 
_pdbx_struct_sheet_hbond.range_1_auth_asym_id 
_pdbx_struct_sheet_hbond.range_1_auth_seq_id 
_pdbx_struct_sheet_hbond.range_2_label_atom_id 
_pdbx_struct_sheet_hbond.range_2_label_comp_id 
_pdbx_struct_sheet_hbond.range_2_label_asym_id 
_pdbx_struct_sheet_hbond.range_2_label_seq_id 
_pdbx_struct_sheet_hbond.range_2_PDB_ins_code 
_pdbx_struct_sheet_hbond.range_2_auth_atom_id 
_pdbx_struct_sheet_hbond.range_2_auth_comp_id 
_pdbx_struct_sheet_hbond.range_2_auth_asym_id 
_pdbx_struct_sheet_hbond.range_2_auth_seq_id 
AA1 1 2 N MET A 32  ? N MET A 32  O GLN A 38 ? O GLN A 38 
AA1 2 3 N VAL A 41  ? N VAL A 41  O MET A 53 ? O MET A 53 
AA1 3 4 N LEU A 54  ? N LEU A 54  O ILE A 97 ? O ILE A 97 
AA1 4 5 O GLU A 101 ? O GLU A 101 N LYS A 82 ? N LYS A 82 
AA1 5 6 O VAL A 81  ? O VAL A 81  N CYS A 24 ? N CYS A 24 
# 
_pdbx_validate_torsion.id              1 
_pdbx_validate_torsion.PDB_model_num   1 
_pdbx_validate_torsion.auth_comp_id    GLN 
_pdbx_validate_torsion.auth_asym_id    A 
_pdbx_validate_torsion.auth_seq_id     38 
_pdbx_validate_torsion.PDB_ins_code    ? 
_pdbx_validate_torsion.label_alt_id    ? 
_pdbx_validate_torsion.phi             70.36 
_pdbx_validate_torsion.psi             -56.37 
# 
_pdbx_struct_special_symmetry.id              1 
_pdbx_struct_special_symmetry.PDB_model_num   1 
_pdbx_struct_special_symmetry.auth_asym_id    A 
_pdbx_struct_special_symmetry.auth_comp_id    HOH 
_pdbx_struct_special_symmetry.auth_seq_id     202 
_pdbx_struct_special_symmetry.PDB_ins_code    ? 
_pdbx_struct_special_symmetry.label_asym_id   B 
_pdbx_struct_special_symmetry.label_comp_id   HOH 
_pdbx_struct_special_symmetry.label_seq_id    . 
# 
loop_
_space_group_symop.id 
_space_group_symop.operation_xyz 
1 x,y,z               
2 -y,x,z              
3 y,-x,z              
4 -x,-y,z             
5 x+1/2,y+1/2,z+1/2   
6 -y+1/2,x+1/2,z+1/2  
7 y+1/2,-x+1/2,z+1/2  
8 -x+1/2,-y+1/2,z+1/2 
# 
loop_
_pdbx_unobs_or_zero_occ_residues.id 
_pdbx_unobs_or_zero_occ_residues.PDB_model_num 
_pdbx_unobs_or_zero_occ_residues.polymer_flag 
_pdbx_unobs_or_zero_occ_residues.occupancy_flag 
_pdbx_unobs_or_zero_occ_residues.auth_asym_id 
_pdbx_unobs_or_zero_occ_residues.auth_comp_id 
_pdbx_unobs_or_zero_occ_residues.auth_seq_id 
_pdbx_unobs_or_zero_occ_residues.PDB_ins_code 
_pdbx_unobs_or_zero_occ_residues.label_asym_id 
_pdbx_unobs_or_zero_occ_residues.label_comp_id 
_pdbx_unobs_or_zero_occ_residues.label_seq_id 
1  1 Y 1 A MET 1  ? A MET 1  
2  1 Y 1 A ILE 2  ? A ILE 2  
3  1 Y 1 A ASN 3  ? A ASN 3  
4  1 Y 1 A ASP 12 ? A ASP 12 
5  1 Y 1 A LYS 13 ? A LYS 13 
6  1 Y 1 A ASP 14 ? A ASP 14 
7  1 Y 1 A ILE 15 ? A ILE 15 
8  1 Y 1 A VAL 16 ? A VAL 16 
9  1 Y 1 A ASP 17 ? A ASP 17 
10 1 Y 1 A ASP 18 ? A ASP 18 
11 1 Y 1 A VAL 19 ? A VAL 19 
# 
loop_
_chem_comp_atom.comp_id 
_chem_comp_atom.atom_id 
_chem_comp_atom.type_symbol 
_chem_comp_atom.pdbx_aromatic_flag 
_chem_comp_atom.pdbx_stereo_config 
_chem_comp_atom.pdbx_ordinal 
ALA N    N N N 1   
ALA CA   C N S 2   
ALA C    C N N 3   
ALA O    O N N 4   
ALA CB   C N N 5   
ALA OXT  O N N 6   
ALA H    H N N 7   
ALA H2   H N N 8   
ALA HA   H N N 9   
ALA HB1  H N N 10  
ALA HB2  H N N 11  
ALA HB3  H N N 12  
ALA HXT  H N N 13  
ARG N    N N N 14  
ARG CA   C N S 15  
ARG C    C N N 16  
ARG O    O N N 17  
ARG CB   C N N 18  
ARG CG   C N N 19  
ARG CD   C N N 20  
ARG NE   N N N 21  
ARG CZ   C N N 22  
ARG NH1  N N N 23  
ARG NH2  N N N 24  
ARG OXT  O N N 25  
ARG H    H N N 26  
ARG H2   H N N 27  
ARG HA   H N N 28  
ARG HB2  H N N 29  
ARG HB3  H N N 30  
ARG HG2  H N N 31  
ARG HG3  H N N 32  
ARG HD2  H N N 33  
ARG HD3  H N N 34  
ARG HE   H N N 35  
ARG HH11 H N N 36  
ARG HH12 H N N 37  
ARG HH21 H N N 38  
ARG HH22 H N N 39  
ARG HXT  H N N 40  
ASN N    N N N 41  
ASN CA   C N S 42  
ASN C    C N N 43  
ASN O    O N N 44  
ASN CB   C N N 45  
ASN CG   C N N 46  
ASN OD1  O N N 47  
ASN ND2  N N N 48  
ASN OXT  O N N 49  
ASN H    H N N 50  
ASN H2   H N N 51  
ASN HA   H N N 52  
ASN HB2  H N N 53  
ASN HB3  H N N 54  
ASN HD21 H N N 55  
ASN HD22 H N N 56  
ASN HXT  H N N 57  
ASP N    N N N 58  
ASP CA   C N S 59  
ASP C    C N N 60  
ASP O    O N N 61  
ASP CB   C N N 62  
ASP CG   C N N 63  
ASP OD1  O N N 64  
ASP OD2  O N N 65  
ASP OXT  O N N 66  
ASP H    H N N 67  
ASP H2   H N N 68  
ASP HA   H N N 69  
ASP HB2  H N N 70  
ASP HB3  H N N 71  
ASP HD2  H N N 72  
ASP HXT  H N N 73  
CYS N    N N N 74  
CYS CA   C N R 75  
CYS C    C N N 76  
CYS O    O N N 77  
CYS CB   C N N 78  
CYS SG   S N N 79  
CYS OXT  O N N 80  
CYS H    H N N 81  
CYS H2   H N N 82  
CYS HA   H N N 83  
CYS HB2  H N N 84  
CYS HB3  H N N 85  
CYS HG   H N N 86  
CYS HXT  H N N 87  
GLN N    N N N 88  
GLN CA   C N S 89  
GLN C    C N N 90  
GLN O    O N N 91  
GLN CB   C N N 92  
GLN CG   C N N 93  
GLN CD   C N N 94  
GLN OE1  O N N 95  
GLN NE2  N N N 96  
GLN OXT  O N N 97  
GLN H    H N N 98  
GLN H2   H N N 99  
GLN HA   H N N 100 
GLN HB2  H N N 101 
GLN HB3  H N N 102 
GLN HG2  H N N 103 
GLN HG3  H N N 104 
GLN HE21 H N N 105 
GLN HE22 H N N 106 
GLN HXT  H N N 107 
GLU N    N N N 108 
GLU CA   C N S 109 
GLU C    C N N 110 
GLU O    O N N 111 
GLU CB   C N N 112 
GLU CG   C N N 113 
GLU CD   C N N 114 
GLU OE1  O N N 115 
GLU OE2  O N N 116 
GLU OXT  O N N 117 
GLU H    H N N 118 
GLU H2   H N N 119 
GLU HA   H N N 120 
GLU HB2  H N N 121 
GLU HB3  H N N 122 
GLU HG2  H N N 123 
GLU HG3  H N N 124 
GLU HE2  H N N 125 
GLU HXT  H N N 126 
GLY N    N N N 127 
GLY CA   C N N 128 
GLY C    C N N 129 
GLY O    O N N 130 
GLY OXT  O N N 131 
GLY H    H N N 132 
GLY H2   H N N 133 
GLY HA2  H N N 134 
GLY HA3  H N N 135 
GLY HXT  H N N 136 
HIS N    N N N 137 
HIS CA   C N S 138 
HIS C    C N N 139 
HIS O    O N N 140 
HIS CB   C N N 141 
HIS CG   C Y N 142 
HIS ND1  N Y N 143 
HIS CD2  C Y N 144 
HIS CE1  C Y N 145 
HIS NE2  N Y N 146 
HIS OXT  O N N 147 
HIS H    H N N 148 
HIS H2   H N N 149 
HIS HA   H N N 150 
HIS HB2  H N N 151 
HIS HB3  H N N 152 
HIS HD1  H N N 153 
HIS HD2  H N N 154 
HIS HE1  H N N 155 
HIS HE2  H N N 156 
HIS HXT  H N N 157 
HOH O    O N N 158 
HOH H1   H N N 159 
HOH H2   H N N 160 
ILE N    N N N 161 
ILE CA   C N S 162 
ILE C    C N N 163 
ILE O    O N N 164 
ILE CB   C N S 165 
ILE CG1  C N N 166 
ILE CG2  C N N 167 
ILE CD1  C N N 168 
ILE OXT  O N N 169 
ILE H    H N N 170 
ILE H2   H N N 171 
ILE HA   H N N 172 
ILE HB   H N N 173 
ILE HG12 H N N 174 
ILE HG13 H N N 175 
ILE HG21 H N N 176 
ILE HG22 H N N 177 
ILE HG23 H N N 178 
ILE HD11 H N N 179 
ILE HD12 H N N 180 
ILE HD13 H N N 181 
ILE HXT  H N N 182 
LEU N    N N N 183 
LEU CA   C N S 184 
LEU C    C N N 185 
LEU O    O N N 186 
LEU CB   C N N 187 
LEU CG   C N N 188 
LEU CD1  C N N 189 
LEU CD2  C N N 190 
LEU OXT  O N N 191 
LEU H    H N N 192 
LEU H2   H N N 193 
LEU HA   H N N 194 
LEU HB2  H N N 195 
LEU HB3  H N N 196 
LEU HG   H N N 197 
LEU HD11 H N N 198 
LEU HD12 H N N 199 
LEU HD13 H N N 200 
LEU HD21 H N N 201 
LEU HD22 H N N 202 
LEU HD23 H N N 203 
LEU HXT  H N N 204 
LYS N    N N N 205 
LYS CA   C N S 206 
LYS C    C N N 207 
LYS O    O N N 208 
LYS CB   C N N 209 
LYS CG   C N N 210 
LYS CD   C N N 211 
LYS CE   C N N 212 
LYS NZ   N N N 213 
LYS OXT  O N N 214 
LYS H    H N N 215 
LYS H2   H N N 216 
LYS HA   H N N 217 
LYS HB2  H N N 218 
LYS HB3  H N N 219 
LYS HG2  H N N 220 
LYS HG3  H N N 221 
LYS HD2  H N N 222 
LYS HD3  H N N 223 
LYS HE2  H N N 224 
LYS HE3  H N N 225 
LYS HZ1  H N N 226 
LYS HZ2  H N N 227 
LYS HZ3  H N N 228 
LYS HXT  H N N 229 
MET N    N N N 230 
MET CA   C N S 231 
MET C    C N N 232 
MET O    O N N 233 
MET CB   C N N 234 
MET CG   C N N 235 
MET SD   S N N 236 
MET CE   C N N 237 
MET OXT  O N N 238 
MET H    H N N 239 
MET H2   H N N 240 
MET HA   H N N 241 
MET HB2  H N N 242 
MET HB3  H N N 243 
MET HG2  H N N 244 
MET HG3  H N N 245 
MET HE1  H N N 246 
MET HE2  H N N 247 
MET HE3  H N N 248 
MET HXT  H N N 249 
PRO N    N N N 250 
PRO CA   C N S 251 
PRO C    C N N 252 
PRO O    O N N 253 
PRO CB   C N N 254 
PRO CG   C N N 255 
PRO CD   C N N 256 
PRO OXT  O N N 257 
PRO H    H N N 258 
PRO HA   H N N 259 
PRO HB2  H N N 260 
PRO HB3  H N N 261 
PRO HG2  H N N 262 
PRO HG3  H N N 263 
PRO HD2  H N N 264 
PRO HD3  H N N 265 
PRO HXT  H N N 266 
SER N    N N N 267 
SER CA   C N S 268 
SER C    C N N 269 
SER O    O N N 270 
SER CB   C N N 271 
SER OG   O N N 272 
SER OXT  O N N 273 
SER H    H N N 274 
SER H2   H N N 275 
SER HA   H N N 276 
SER HB2  H N N 277 
SER HB3  H N N 278 
SER HG   H N N 279 
SER HXT  H N N 280 
THR N    N N N 281 
THR CA   C N S 282 
THR C    C N N 283 
THR O    O N N 284 
THR CB   C N R 285 
THR OG1  O N N 286 
THR CG2  C N N 287 
THR OXT  O N N 288 
THR H    H N N 289 
THR H2   H N N 290 
THR HA   H N N 291 
THR HB   H N N 292 
THR HG1  H N N 293 
THR HG21 H N N 294 
THR HG22 H N N 295 
THR HG23 H N N 296 
THR HXT  H N N 297 
TRP N    N N N 298 
TRP CA   C N S 299 
TRP C    C N N 300 
TRP O    O N N 301 
TRP CB   C N N 302 
TRP CG   C Y N 303 
TRP CD1  C Y N 304 
TRP CD2  C Y N 305 
TRP NE1  N Y N 306 
TRP CE2  C Y N 307 
TRP CE3  C Y N 308 
TRP CZ2  C Y N 309 
TRP CZ3  C Y N 310 
TRP CH2  C Y N 311 
TRP OXT  O N N 312 
TRP H    H N N 313 
TRP H2   H N N 314 
TRP HA   H N N 315 
TRP HB2  H N N 316 
TRP HB3  H N N 317 
TRP HD1  H N N 318 
TRP HE1  H N N 319 
TRP HE3  H N N 320 
TRP HZ2  H N N 321 
TRP HZ3  H N N 322 
TRP HH2  H N N 323 
TRP HXT  H N N 324 
TYR N    N N N 325 
TYR CA   C N S 326 
TYR C    C N N 327 
TYR O    O N N 328 
TYR CB   C N N 329 
TYR CG   C Y N 330 
TYR CD1  C Y N 331 
TYR CD2  C Y N 332 
TYR CE1  C Y N 333 
TYR CE2  C Y N 334 
TYR CZ   C Y N 335 
TYR OH   O N N 336 
TYR OXT  O N N 337 
TYR H    H N N 338 
TYR H2   H N N 339 
TYR HA   H N N 340 
TYR HB2  H N N 341 
TYR HB3  H N N 342 
TYR HD1  H N N 343 
TYR HD2  H N N 344 
TYR HE1  H N N 345 
TYR HE2  H N N 346 
TYR HH   H N N 347 
TYR HXT  H N N 348 
VAL N    N N N 349 
VAL CA   C N S 350 
VAL C    C N N 351 
VAL O    O N N 352 
VAL CB   C N N 353 
VAL CG1  C N N 354 
VAL CG2  C N N 355 
VAL OXT  O N N 356 
VAL H    H N N 357 
VAL H2   H N N 358 
VAL HA   H N N 359 
VAL HB   H N N 360 
VAL HG11 H N N 361 
VAL HG12 H N N 362 
VAL HG13 H N N 363 
VAL HG21 H N N 364 
VAL HG22 H N N 365 
VAL HG23 H N N 366 
VAL HXT  H N N 367 
# 
loop_
_chem_comp_bond.comp_id 
_chem_comp_bond.atom_id_1 
_chem_comp_bond.atom_id_2 
_chem_comp_bond.value_order 
_chem_comp_bond.pdbx_aromatic_flag 
_chem_comp_bond.pdbx_stereo_config 
_chem_comp_bond.pdbx_ordinal 
ALA N   CA   sing N N 1   
ALA N   H    sing N N 2   
ALA N   H2   sing N N 3   
ALA CA  C    sing N N 4   
ALA CA  CB   sing N N 5   
ALA CA  HA   sing N N 6   
ALA C   O    doub N N 7   
ALA C   OXT  sing N N 8   
ALA CB  HB1  sing N N 9   
ALA CB  HB2  sing N N 10  
ALA CB  HB3  sing N N 11  
ALA OXT HXT  sing N N 12  
ARG N   CA   sing N N 13  
ARG N   H    sing N N 14  
ARG N   H2   sing N N 15  
ARG CA  C    sing N N 16  
ARG CA  CB   sing N N 17  
ARG CA  HA   sing N N 18  
ARG C   O    doub N N 19  
ARG C   OXT  sing N N 20  
ARG CB  CG   sing N N 21  
ARG CB  HB2  sing N N 22  
ARG CB  HB3  sing N N 23  
ARG CG  CD   sing N N 24  
ARG CG  HG2  sing N N 25  
ARG CG  HG3  sing N N 26  
ARG CD  NE   sing N N 27  
ARG CD  HD2  sing N N 28  
ARG CD  HD3  sing N N 29  
ARG NE  CZ   sing N N 30  
ARG NE  HE   sing N N 31  
ARG CZ  NH1  sing N N 32  
ARG CZ  NH2  doub N N 33  
ARG NH1 HH11 sing N N 34  
ARG NH1 HH12 sing N N 35  
ARG NH2 HH21 sing N N 36  
ARG NH2 HH22 sing N N 37  
ARG OXT HXT  sing N N 38  
ASN N   CA   sing N N 39  
ASN N   H    sing N N 40  
ASN N   H2   sing N N 41  
ASN CA  C    sing N N 42  
ASN CA  CB   sing N N 43  
ASN CA  HA   sing N N 44  
ASN C   O    doub N N 45  
ASN C   OXT  sing N N 46  
ASN CB  CG   sing N N 47  
ASN CB  HB2  sing N N 48  
ASN CB  HB3  sing N N 49  
ASN CG  OD1  doub N N 50  
ASN CG  ND2  sing N N 51  
ASN ND2 HD21 sing N N 52  
ASN ND2 HD22 sing N N 53  
ASN OXT HXT  sing N N 54  
ASP N   CA   sing N N 55  
ASP N   H    sing N N 56  
ASP N   H2   sing N N 57  
ASP CA  C    sing N N 58  
ASP CA  CB   sing N N 59  
ASP CA  HA   sing N N 60  
ASP C   O    doub N N 61  
ASP C   OXT  sing N N 62  
ASP CB  CG   sing N N 63  
ASP CB  HB2  sing N N 64  
ASP CB  HB3  sing N N 65  
ASP CG  OD1  doub N N 66  
ASP CG  OD2  sing N N 67  
ASP OD2 HD2  sing N N 68  
ASP OXT HXT  sing N N 69  
CYS N   CA   sing N N 70  
CYS N   H    sing N N 71  
CYS N   H2   sing N N 72  
CYS CA  C    sing N N 73  
CYS CA  CB   sing N N 74  
CYS CA  HA   sing N N 75  
CYS C   O    doub N N 76  
CYS C   OXT  sing N N 77  
CYS CB  SG   sing N N 78  
CYS CB  HB2  sing N N 79  
CYS CB  HB3  sing N N 80  
CYS SG  HG   sing N N 81  
CYS OXT HXT  sing N N 82  
GLN N   CA   sing N N 83  
GLN N   H    sing N N 84  
GLN N   H2   sing N N 85  
GLN CA  C    sing N N 86  
GLN CA  CB   sing N N 87  
GLN CA  HA   sing N N 88  
GLN C   O    doub N N 89  
GLN C   OXT  sing N N 90  
GLN CB  CG   sing N N 91  
GLN CB  HB2  sing N N 92  
GLN CB  HB3  sing N N 93  
GLN CG  CD   sing N N 94  
GLN CG  HG2  sing N N 95  
GLN CG  HG3  sing N N 96  
GLN CD  OE1  doub N N 97  
GLN CD  NE2  sing N N 98  
GLN NE2 HE21 sing N N 99  
GLN NE2 HE22 sing N N 100 
GLN OXT HXT  sing N N 101 
GLU N   CA   sing N N 102 
GLU N   H    sing N N 103 
GLU N   H2   sing N N 104 
GLU CA  C    sing N N 105 
GLU CA  CB   sing N N 106 
GLU CA  HA   sing N N 107 
GLU C   O    doub N N 108 
GLU C   OXT  sing N N 109 
GLU CB  CG   sing N N 110 
GLU CB  HB2  sing N N 111 
GLU CB  HB3  sing N N 112 
GLU CG  CD   sing N N 113 
GLU CG  HG2  sing N N 114 
GLU CG  HG3  sing N N 115 
GLU CD  OE1  doub N N 116 
GLU CD  OE2  sing N N 117 
GLU OE2 HE2  sing N N 118 
GLU OXT HXT  sing N N 119 
GLY N   CA   sing N N 120 
GLY N   H    sing N N 121 
GLY N   H2   sing N N 122 
GLY CA  C    sing N N 123 
GLY CA  HA2  sing N N 124 
GLY CA  HA3  sing N N 125 
GLY C   O    doub N N 126 
GLY C   OXT  sing N N 127 
GLY OXT HXT  sing N N 128 
HIS N   CA   sing N N 129 
HIS N   H    sing N N 130 
HIS N   H2   sing N N 131 
HIS CA  C    sing N N 132 
HIS CA  CB   sing N N 133 
HIS CA  HA   sing N N 134 
HIS C   O    doub N N 135 
HIS C   OXT  sing N N 136 
HIS CB  CG   sing N N 137 
HIS CB  HB2  sing N N 138 
HIS CB  HB3  sing N N 139 
HIS CG  ND1  sing Y N 140 
HIS CG  CD2  doub Y N 141 
HIS ND1 CE1  doub Y N 142 
HIS ND1 HD1  sing N N 143 
HIS CD2 NE2  sing Y N 144 
HIS CD2 HD2  sing N N 145 
HIS CE1 NE2  sing Y N 146 
HIS CE1 HE1  sing N N 147 
HIS NE2 HE2  sing N N 148 
HIS OXT HXT  sing N N 149 
HOH O   H1   sing N N 150 
HOH O   H2   sing N N 151 
ILE N   CA   sing N N 152 
ILE N   H    sing N N 153 
ILE N   H2   sing N N 154 
ILE CA  C    sing N N 155 
ILE CA  CB   sing N N 156 
ILE CA  HA   sing N N 157 
ILE C   O    doub N N 158 
ILE C   OXT  sing N N 159 
ILE CB  CG1  sing N N 160 
ILE CB  CG2  sing N N 161 
ILE CB  HB   sing N N 162 
ILE CG1 CD1  sing N N 163 
ILE CG1 HG12 sing N N 164 
ILE CG1 HG13 sing N N 165 
ILE CG2 HG21 sing N N 166 
ILE CG2 HG22 sing N N 167 
ILE CG2 HG23 sing N N 168 
ILE CD1 HD11 sing N N 169 
ILE CD1 HD12 sing N N 170 
ILE CD1 HD13 sing N N 171 
ILE OXT HXT  sing N N 172 
LEU N   CA   sing N N 173 
LEU N   H    sing N N 174 
LEU N   H2   sing N N 175 
LEU CA  C    sing N N 176 
LEU CA  CB   sing N N 177 
LEU CA  HA   sing N N 178 
LEU C   O    doub N N 179 
LEU C   OXT  sing N N 180 
LEU CB  CG   sing N N 181 
LEU CB  HB2  sing N N 182 
LEU CB  HB3  sing N N 183 
LEU CG  CD1  sing N N 184 
LEU CG  CD2  sing N N 185 
LEU CG  HG   sing N N 186 
LEU CD1 HD11 sing N N 187 
LEU CD1 HD12 sing N N 188 
LEU CD1 HD13 sing N N 189 
LEU CD2 HD21 sing N N 190 
LEU CD2 HD22 sing N N 191 
LEU CD2 HD23 sing N N 192 
LEU OXT HXT  sing N N 193 
LYS N   CA   sing N N 194 
LYS N   H    sing N N 195 
LYS N   H2   sing N N 196 
LYS CA  C    sing N N 197 
LYS CA  CB   sing N N 198 
LYS CA  HA   sing N N 199 
LYS C   O    doub N N 200 
LYS C   OXT  sing N N 201 
LYS CB  CG   sing N N 202 
LYS CB  HB2  sing N N 203 
LYS CB  HB3  sing N N 204 
LYS CG  CD   sing N N 205 
LYS CG  HG2  sing N N 206 
LYS CG  HG3  sing N N 207 
LYS CD  CE   sing N N 208 
LYS CD  HD2  sing N N 209 
LYS CD  HD3  sing N N 210 
LYS CE  NZ   sing N N 211 
LYS CE  HE2  sing N N 212 
LYS CE  HE3  sing N N 213 
LYS NZ  HZ1  sing N N 214 
LYS NZ  HZ2  sing N N 215 
LYS NZ  HZ3  sing N N 216 
LYS OXT HXT  sing N N 217 
MET N   CA   sing N N 218 
MET N   H    sing N N 219 
MET N   H2   sing N N 220 
MET CA  C    sing N N 221 
MET CA  CB   sing N N 222 
MET CA  HA   sing N N 223 
MET C   O    doub N N 224 
MET C   OXT  sing N N 225 
MET CB  CG   sing N N 226 
MET CB  HB2  sing N N 227 
MET CB  HB3  sing N N 228 
MET CG  SD   sing N N 229 
MET CG  HG2  sing N N 230 
MET CG  HG3  sing N N 231 
MET SD  CE   sing N N 232 
MET CE  HE1  sing N N 233 
MET CE  HE2  sing N N 234 
MET CE  HE3  sing N N 235 
MET OXT HXT  sing N N 236 
PRO N   CA   sing N N 237 
PRO N   CD   sing N N 238 
PRO N   H    sing N N 239 
PRO CA  C    sing N N 240 
PRO CA  CB   sing N N 241 
PRO CA  HA   sing N N 242 
PRO C   O    doub N N 243 
PRO C   OXT  sing N N 244 
PRO CB  CG   sing N N 245 
PRO CB  HB2  sing N N 246 
PRO CB  HB3  sing N N 247 
PRO CG  CD   sing N N 248 
PRO CG  HG2  sing N N 249 
PRO CG  HG3  sing N N 250 
PRO CD  HD2  sing N N 251 
PRO CD  HD3  sing N N 252 
PRO OXT HXT  sing N N 253 
SER N   CA   sing N N 254 
SER N   H    sing N N 255 
SER N   H2   sing N N 256 
SER CA  C    sing N N 257 
SER CA  CB   sing N N 258 
SER CA  HA   sing N N 259 
SER C   O    doub N N 260 
SER C   OXT  sing N N 261 
SER CB  OG   sing N N 262 
SER CB  HB2  sing N N 263 
SER CB  HB3  sing N N 264 
SER OG  HG   sing N N 265 
SER OXT HXT  sing N N 266 
THR N   CA   sing N N 267 
THR N   H    sing N N 268 
THR N   H2   sing N N 269 
THR CA  C    sing N N 270 
THR CA  CB   sing N N 271 
THR CA  HA   sing N N 272 
THR C   O    doub N N 273 
THR C   OXT  sing N N 274 
THR CB  OG1  sing N N 275 
THR CB  CG2  sing N N 276 
THR CB  HB   sing N N 277 
THR OG1 HG1  sing N N 278 
THR CG2 HG21 sing N N 279 
THR CG2 HG22 sing N N 280 
THR CG2 HG23 sing N N 281 
THR OXT HXT  sing N N 282 
TRP N   CA   sing N N 283 
TRP N   H    sing N N 284 
TRP N   H2   sing N N 285 
TRP CA  C    sing N N 286 
TRP CA  CB   sing N N 287 
TRP CA  HA   sing N N 288 
TRP C   O    doub N N 289 
TRP C   OXT  sing N N 290 
TRP CB  CG   sing N N 291 
TRP CB  HB2  sing N N 292 
TRP CB  HB3  sing N N 293 
TRP CG  CD1  doub Y N 294 
TRP CG  CD2  sing Y N 295 
TRP CD1 NE1  sing Y N 296 
TRP CD1 HD1  sing N N 297 
TRP CD2 CE2  doub Y N 298 
TRP CD2 CE3  sing Y N 299 
TRP NE1 CE2  sing Y N 300 
TRP NE1 HE1  sing N N 301 
TRP CE2 CZ2  sing Y N 302 
TRP CE3 CZ3  doub Y N 303 
TRP CE3 HE3  sing N N 304 
TRP CZ2 CH2  doub Y N 305 
TRP CZ2 HZ2  sing N N 306 
TRP CZ3 CH2  sing Y N 307 
TRP CZ3 HZ3  sing N N 308 
TRP CH2 HH2  sing N N 309 
TRP OXT HXT  sing N N 310 
TYR N   CA   sing N N 311 
TYR N   H    sing N N 312 
TYR N   H2   sing N N 313 
TYR CA  C    sing N N 314 
TYR CA  CB   sing N N 315 
TYR CA  HA   sing N N 316 
TYR C   O    doub N N 317 
TYR C   OXT  sing N N 318 
TYR CB  CG   sing N N 319 
TYR CB  HB2  sing N N 320 
TYR CB  HB3  sing N N 321 
TYR CG  CD1  doub Y N 322 
TYR CG  CD2  sing Y N 323 
TYR CD1 CE1  sing Y N 324 
TYR CD1 HD1  sing N N 325 
TYR CD2 CE2  doub Y N 326 
TYR CD2 HD2  sing N N 327 
TYR CE1 CZ   doub Y N 328 
TYR CE1 HE1  sing N N 329 
TYR CE2 CZ   sing Y N 330 
TYR CE2 HE2  sing N N 331 
TYR CZ  OH   sing N N 332 
TYR OH  HH   sing N N 333 
TYR OXT HXT  sing N N 334 
VAL N   CA   sing N N 335 
VAL N   H    sing N N 336 
VAL N   H2   sing N N 337 
VAL CA  C    sing N N 338 
VAL CA  CB   sing N N 339 
VAL CA  HA   sing N N 340 
VAL C   O    doub N N 341 
VAL C   OXT  sing N N 342 
VAL CB  CG1  sing N N 343 
VAL CB  CG2  sing N N 344 
VAL CB  HB   sing N N 345 
VAL CG1 HG11 sing N N 346 
VAL CG1 HG12 sing N N 347 
VAL CG1 HG13 sing N N 348 
VAL CG2 HG21 sing N N 349 
VAL CG2 HG22 sing N N 350 
VAL CG2 HG23 sing N N 351 
VAL OXT HXT  sing N N 352 
# 
loop_
_pdbx_audit_support.funding_organization 
_pdbx_audit_support.country 
_pdbx_audit_support.grant_number 
_pdbx_audit_support.ordinal 
'Japan Society for the Promotion of Science (JSPS)' Japan JP18H05421 1 
'Japan Society for the Promotion of Science (JSPS)' Japan JP19H02830 2 
'Japan Science and Technology'                      Japan JPMJTR20U1 3 
# 
_space_group.name_H-M_alt     'I 4' 
_space_group.name_Hall        'I 4' 
_space_group.IT_number        79 
_space_group.crystal_system   tetragonal 
_space_group.id               1 
# 
_atom_sites.entry_id                    7XHS 
_atom_sites.Cartn_transf_matrix[1][1]   ? 
_atom_sites.Cartn_transf_matrix[1][2]   ? 
_atom_sites.Cartn_transf_matrix[1][3]   ? 
_atom_sites.Cartn_transf_matrix[2][1]   ? 
_atom_sites.Cartn_transf_matrix[2][2]   ? 
_atom_sites.Cartn_transf_matrix[2][3]   ? 
_atom_sites.Cartn_transf_matrix[3][1]   ? 
_atom_sites.Cartn_transf_matrix[3][2]   ? 
_atom_sites.Cartn_transf_matrix[3][3]   ? 
_atom_sites.Cartn_transf_vector[1]      ? 
_atom_sites.Cartn_transf_vector[2]      ? 
_atom_sites.Cartn_transf_vector[3]      ? 
_atom_sites.fract_transf_matrix[1][1]   -0.00890385 
_atom_sites.fract_transf_matrix[1][2]   0.00728820 
_atom_sites.fract_transf_matrix[1][3]   0.01164249 
_atom_sites.fract_transf_matrix[2][1]   0.01254140 
_atom_sites.fract_transf_matrix[2][2]   0.00997212 
_atom_sites.fract_transf_matrix[2][3]   0.00334877 
_atom_sites.fract_transf_matrix[3][1]   -0.00633606 
_atom_sites.fract_transf_matrix[3][2]   0.01214990 
_atom_sites.fract_transf_matrix[3][3]   -0.01245148 
_atom_sites.fract_transf_vector[1]      0.265415 
_atom_sites.fract_transf_vector[2]      0.403418 
_atom_sites.fract_transf_vector[3]      0.030744 
_atom_sites.solution_primary            ? 
_atom_sites.solution_secondary          ? 
_atom_sites.solution_hydrogens          ? 
_atom_sites.special_details             ? 
# 
loop_
_atom_type.symbol 
_atom_type.scat_dispersion_real 
_atom_type.scat_dispersion_imag 
_atom_type.scat_Cromer_Mann_a1 
_atom_type.scat_Cromer_Mann_a2 
_atom_type.scat_Cromer_Mann_a3 
_atom_type.scat_Cromer_Mann_a4 
_atom_type.scat_Cromer_Mann_b1 
_atom_type.scat_Cromer_Mann_b2 
_atom_type.scat_Cromer_Mann_b3 
_atom_type.scat_Cromer_Mann_b4 
_atom_type.scat_Cromer_Mann_c 
_atom_type.scat_source 
_atom_type.scat_dispersion_source 
C ? ? 3.54356 2.42580 ? ? 25.62398 1.50364  ? ? 0.0 
;2-Gaussian fit: Grosse-Kunstleve RW, Sauter NK, Adams PD: Newsletter of the IUCr Commission on Crystallographic Computing 2004, 3, 22-31.
;
? 
N ? ? 4.01032 2.96436 ? ? 19.97189 1.75589  ? ? 0.0 
;2-Gaussian fit: Grosse-Kunstleve RW, Sauter NK, Adams PD: Newsletter of the IUCr Commission on Crystallographic Computing 2004, 3, 22-31.
;
? 
O ? ? 4.49882 3.47563 ? ? 15.80542 1.70748  ? ? 0.0 
;2-Gaussian fit: Grosse-Kunstleve RW, Sauter NK, Adams PD: Newsletter of the IUCr Commission on Crystallographic Computing 2004, 3, 22-31.
;
? 
S ? ? 9.55732 6.39887 ? ? 1.23737  29.19336 ? ? 0.0 
;2-Gaussian fit: Grosse-Kunstleve RW, Sauter NK, Adams PD: Newsletter of the IUCr Commission on Crystallographic Computing 2004, 3, 22-31.
;
? 
# 
loop_
_atom_site.group_PDB 
_atom_site.id 
_atom_site.type_symbol 
_atom_site.label_atom_id 
_atom_site.label_alt_id 
_atom_site.label_comp_id 
_atom_site.label_asym_id 
_atom_site.label_entity_id 
_atom_site.label_seq_id 
_atom_site.pdbx_PDB_ins_code 
_atom_site.Cartn_x 
_atom_site.Cartn_y 
_atom_site.Cartn_z 
_atom_site.occupancy 
_atom_site.B_iso_or_equiv 
_atom_site.pdbx_formal_charge 
_atom_site.auth_seq_id 
_atom_site.auth_comp_id 
_atom_site.auth_asym_id 
_atom_site.auth_atom_id 
_atom_site.pdbx_PDB_model_num 
ATOM   1   N N   . ASP A 1 4   ? 22.53310  15.43751  -10.25521 1.000 35.25184 ? 4   ASP A N   1 
ATOM   2   C CA  . ASP A 1 4   ? 22.12768  16.37302  -9.21526  1.000 36.22196 ? 4   ASP A CA  1 
ATOM   3   C C   . ASP A 1 4   ? 20.98666  17.23772  -9.73594  1.000 30.42038 ? 4   ASP A C   1 
ATOM   4   O O   . ASP A 1 4   ? 21.17886  18.13900  -10.53933 1.000 32.37274 ? 4   ASP A O   1 
ATOM   5   C CB  . ASP A 1 4   ? 23.30548  17.23639  -8.76877  1.000 42.53159 ? 4   ASP A CB  1 
ATOM   6   C CG  . ASP A 1 4   ? 23.02067  18.00080  -7.48494  1.000 44.89954 ? 4   ASP A CG  1 
ATOM   7   O OD1 . ASP A 1 4   ? 23.75378  18.97867  -7.19892  1.000 43.10358 ? 4   ASP A OD1 1 
ATOM   8   O OD2 . ASP A 1 4   ? 22.06712  17.62457  -6.76958  1.000 42.63519 ? 4   ASP A OD2 1 
ATOM   9   N N   . MET A 1 5   ? 19.78957  16.94944  -9.26528  1.000 30.70661 ? 5   MET A N   1 
ATOM   10  C CA  . MET A 1 5   ? 18.59009  17.53825  -9.81737  1.000 31.36930 ? 5   MET A CA  1 
ATOM   11  C C   . MET A 1 5   ? 18.20725  18.77940  -9.03031  1.000 28.82355 ? 5   MET A C   1 
ATOM   12  O O   . MET A 1 5   ? 18.89389  19.17545  -8.08983  1.000 27.18316 ? 5   MET A O   1 
ATOM   13  C CB  . MET A 1 5   ? 17.48112  16.49738  -9.83748  1.000 34.50487 ? 5   MET A CB  1 
ATOM   14  C CG  . MET A 1 5   ? 17.98199  15.20024  -10.44272 1.000 37.16874 ? 5   MET A CG  1 
ATOM   15  S SD  . MET A 1 5   ? 16.69452  14.48959  -11.44939 1.000 42.28266 ? 5   MET A SD  1 
ATOM   16  C CE  . MET A 1 5   ? 15.58363  13.91688  -10.17248 1.000 45.18008 ? 5   MET A CE  1 
ATOM   17  N N   . HIS A 1 6   ? 17.12569  19.42634  -9.45846  1.000 28.14220 ? 6   HIS A N   1 
ATOM   18  C CA  . HIS A 1 6   ? 16.63348  20.57241  -8.71604  1.000 28.62932 ? 6   HIS A CA  1 
ATOM   19  C C   . HIS A 1 6   ? 16.38204  20.15748  -7.27447  1.000 30.15151 ? 6   HIS A C   1 
ATOM   20  O O   . HIS A 1 6   ? 15.83230  19.07287  -7.03085  1.000 26.82463 ? 6   HIS A O   1 
ATOM   21  C CB  . HIS A 1 6   ? 15.34394  21.12192  -9.32856  1.000 26.39763 ? 6   HIS A CB  1 
ATOM   22  C CG  . HIS A 1 6   ? 15.00334  22.50179  -8.86377  1.000 26.62735 ? 6   HIS A CG  1 
ATOM   23  N ND1 . HIS A 1 6   ? 14.26860  22.74368  -7.72167  1.000 26.66659 ? 6   HIS A ND1 1 
ATOM   24  C CD2 . HIS A 1 6   ? 15.31231  23.71632  -9.37512  1.000 28.30454 ? 6   HIS A CD2 1 
ATOM   25  C CE1 . HIS A 1 6   ? 14.13131  24.04595  -7.55460  1.000 26.48700 ? 6   HIS A CE1 1 
ATOM   26  N NE2 . HIS A 1 6   ? 14.76135  24.66075  -8.53992  1.000 28.86330 ? 6   HIS A NE2 1 
ATOM   27  N N   . PRO A 1 7   ? 16.79698  20.97191  -6.29835  1.000 30.30564 ? 7   PRO A N   1 
ATOM   28  C CA  . PRO A 1 7   ? 16.52498  20.69547  -4.87915  1.000 29.60748 ? 7   PRO A CA  1 
ATOM   29  C C   . PRO A 1 7   ? 15.11627  20.20956  -4.56085  1.000 30.24788 ? 7   PRO A C   1 
ATOM   30  O O   . PRO A 1 7   ? 14.92826  19.41382  -3.63723  1.000 27.45582 ? 7   PRO A O   1 
ATOM   31  C CB  . PRO A 1 7   ? 16.76851  22.05564  -4.22325  1.000 29.04990 ? 7   PRO A CB  1 
ATOM   32  C CG  . PRO A 1 7   ? 17.79133  22.69161  -5.06827  1.000 33.51532 ? 7   PRO A CG  1 
ATOM   33  C CD  . PRO A 1 7   ? 17.58441  22.20130  -6.48160  1.000 29.37351 ? 7   PRO A CD  1 
ATOM   34  N N   . SER A 1 8   ? 14.11910  20.69376  -5.29536  1.000 30.81064 ? 8   SER A N   1 
ATOM   35  C CA  . SER A 1 8   ? 12.72984  20.37740  -5.00234  1.000 27.12399 ? 8   SER A CA  1 
ATOM   36  C C   . SER A 1 8   ? 12.19774  19.18721  -5.80397  1.000 30.84102 ? 8   SER A C   1 
ATOM   37  O O   . SER A 1 8   ? 11.00848  18.86997  -5.69778  1.000 30.25295 ? 8   SER A O   1 
ATOM   38  C CB  . SER A 1 8   ? 11.85354  21.60508  -5.24866  1.000 25.25214 ? 8   SER A CB  1 
ATOM   39  O OG  . SER A 1 8   ? 11.68266  21.85539  -6.63493  1.000 25.13751 ? 8   SER A OG  1 
ATOM   40  N N   . LEU A 1 9   ? 13.03938  18.51556  -6.58311  1.000 30.47740 ? 9   LEU A N   1 
ATOM   41  C CA  . LEU A 1 9   ? 12.60790  17.44574  -7.47538  1.000 32.09990 ? 9   LEU A CA  1 
ATOM   42  C C   . LEU A 1 9   ? 13.08221  16.10645  -6.92697  1.000 32.59926 ? 9   LEU A C   1 
ATOM   43  O O   . LEU A 1 9   ? 14.28772  15.87595  -6.78308  1.000 34.37073 ? 9   LEU A O   1 
ATOM   44  C CB  . LEU A 1 9   ? 13.13204  17.68086  -8.89228  1.000 28.69269 ? 9   LEU A CB  1 
ATOM   45  C CG  . LEU A 1 9   ? 12.80791  16.64912  -9.97639  1.000 30.78594 ? 9   LEU A CG  1 
ATOM   46  C CD1 . LEU A 1 9   ? 11.37285  16.21921  -9.88801  1.000 31.13342 ? 9   LEU A CD1 1 
ATOM   47  C CD2 . LEU A 1 9   ? 13.10136  17.21849  -11.34761 1.000 26.57595 ? 9   LEU A CD2 1 
ATOM   48  N N   . ILE A 1 10  ? 12.12778  15.22645  -6.63710  1.000 35.08127 ? 10  ILE A N   1 
ATOM   49  C CA  . ILE A 1 10  ? 12.42945  13.91392  -6.07562  1.000 36.97519 ? 10  ILE A CA  1 
ATOM   50  C C   . ILE A 1 10  ? 13.21121  13.06359  -7.07709  1.000 40.94890 ? 10  ILE A C   1 
ATOM   51  O O   . ILE A 1 10  ? 13.09192  13.23091  -8.29934  1.000 42.65178 ? 10  ILE A O   1 
ATOM   52  C CB  . ILE A 1 10  ? 11.11654  13.21514  -5.67426  1.000 41.50226 ? 10  ILE A CB  1 
ATOM   53  C CG1 . ILE A 1 10  ? 11.38827  11.99135  -4.80674  1.000 38.53863 ? 10  ILE A CG1 1 
ATOM   54  C CG2 . ILE A 1 10  ? 10.32314  12.79772  -6.92707  1.000 51.00986 ? 10  ILE A CG2 1 
ATOM   55  C CD1 . ILE A 1 10  ? 10.14300  11.45474  -4.14648  1.000 42.36610 ? 10  ILE A CD1 1 
ATOM   56  N N   . LYS A 1 11  ? 13.99241  12.12205  -6.53940  1.000 44.64430 ? 11  LYS A N   1 
ATOM   57  C CA  . LYS A 1 11  ? 14.79902  11.12191  -7.26032  1.000 51.50363 ? 11  LYS A CA  1 
ATOM   58  C C   . LYS A 1 11  ? 16.15614  11.70332  -7.63323  1.000 50.89651 ? 11  LYS A C   1 
ATOM   59  O O   . LYS A 1 11  ? 16.93127  11.08024  -8.35830  1.000 50.77102 ? 11  LYS A O   1 
ATOM   60  C CB  . LYS A 1 11  ? 14.09267  10.58272  -8.51811  1.000 47.34079 ? 11  LYS A CB  1 
ATOM   61  C CG  . LYS A 1 11  ? 12.78815  9.86150   -8.24669  1.000 45.15685 ? 11  LYS A CG  1 
ATOM   62  C CD  . LYS A 1 11  ? 12.02883  9.62139   -9.54433  1.000 48.00886 ? 11  LYS A CD  1 
ATOM   63  C CE  . LYS A 1 11  ? 12.23290  8.20399   -10.05387 1.000 43.19556 ? 11  LYS A CE  1 
ATOM   64  N NZ  . LYS A 1 11  ? 11.84507  8.08668   -11.48242 1.000 47.93718 ? 11  LYS A NZ  1 
ATOM   65  N N   . MET A 1 20  ? 11.19680  -2.44347  -8.41236  1.000 52.35156 ? 20  MET A N   1 
ATOM   66  C CA  . MET A 1 20  ? 10.63792  -2.64900  -7.08182  1.000 46.91332 ? 20  MET A CA  1 
ATOM   67  C C   . MET A 1 20  ? 9.38017   -1.82428  -6.88544  1.000 43.37799 ? 20  MET A C   1 
ATOM   68  O O   . MET A 1 20  ? 8.31716   -2.37536  -6.59264  1.000 47.67433 ? 20  MET A O   1 
ATOM   69  C CB  . MET A 1 20  ? 11.65949  -2.30095  -5.99259  1.000 43.81236 ? 20  MET A CB  1 
ATOM   70  C CG  . MET A 1 20  ? 12.83754  -3.26563  -5.87582  1.000 49.38232 ? 20  MET A CG  1 
ATOM   71  S SD  . MET A 1 20  ? 12.37499  -5.01264  -5.95787  1.000 74.75450 ? 20  MET A SD  1 
ATOM   72  C CE  . MET A 1 20  ? 12.61925  -5.42189  -7.69306  1.000 57.79361 ? 20  MET A CE  1 
ATOM   73  N N   . LEU A 1 21  ? 9.49453   -0.50734  -7.05269  1.000 33.94421 ? 21  LEU A N   1 
ATOM   74  C CA  . LEU A 1 21  ? 8.41412   0.40914   -6.70166  1.000 36.96034 ? 21  LEU A CA  1 
ATOM   75  C C   . LEU A 1 21  ? 7.52429   0.64667   -7.91519  1.000 36.98192 ? 21  LEU A C   1 
ATOM   76  O O   . LEU A 1 21  ? 7.95913   1.24402   -8.90224  1.000 40.42163 ? 21  LEU A O   1 
ATOM   77  C CB  . LEU A 1 21  ? 8.97302   1.72207   -6.15737  1.000 31.05160 ? 21  LEU A CB  1 
ATOM   78  C CG  . LEU A 1 21  ? 9.81626   1.50424   -4.89632  1.000 35.92335 ? 21  LEU A CG  1 
ATOM   79  C CD1 . LEU A 1 21  ? 10.79520  2.65877   -4.62647  1.000 34.00928 ? 21  LEU A CD1 1 
ATOM   80  C CD2 . LEU A 1 21  ? 8.90572   1.26281   -3.70536  1.000 31.89391 ? 21  LEU A CD2 1 
ATOM   81  N N   . ARG A 1 22  ? 6.27640   0.19110   -7.83338  1.000 32.14626 ? 22  ARG A N   1 
ATOM   82  C CA  . ARG A 1 22  ? 5.26441   0.47247   -8.84051  1.000 30.94912 ? 22  ARG A CA  1 
ATOM   83  C C   . ARG A 1 22  ? 4.39210   1.64097   -8.40556  1.000 29.91155 ? 22  ARG A C   1 
ATOM   84  O O   . ARG A 1 22  ? 3.95842   1.71458   -7.25111  1.000 28.66135 ? 22  ARG A O   1 
ATOM   85  C CB  . ARG A 1 22  ? 4.39546   -0.75469  -9.08520  1.000 33.19219 ? 22  ARG A CB  1 
ATOM   86  C CG  . ARG A 1 22  ? 5.21690   -1.98668  -9.44839  1.000 41.09515 ? 22  ARG A CG  1 
ATOM   87  C CD  . ARG A 1 22  ? 4.37933   -3.24851  -9.38532  1.000 38.59752 ? 22  ARG A CD  1 
ATOM   88  N NE  . ARG A 1 22  ? 4.57892   -3.91239  -8.10273  1.000 39.48545 ? 22  ARG A NE  1 
ATOM   89  C CZ  . ARG A 1 22  ? 3.74479   -4.80371  -7.58565  1.000 40.86142 ? 22  ARG A CZ  1 
ATOM   90  N NH1 . ARG A 1 22  ? 2.64233   -5.14567  -8.24775  1.000 44.76044 ? 22  ARG A NH1 1 
ATOM   91  N NH2 . ARG A 1 22  ? 4.01928   -5.35455  -6.40955  1.000 35.45039 ? 22  ARG A NH2 1 
ATOM   92  N N   . SER A 1 23  ? 4.14141   2.54800   -9.33976  1.000 25.66418 ? 23  SER A N   1 
ATOM   93  C CA  . SER A 1 23  ? 3.21414   3.64898   -9.12795  1.000 30.76673 ? 23  SER A CA  1 
ATOM   94  C C   . SER A 1 23  ? 1.76310   3.17597   -9.18269  1.000 28.24343 ? 23  SER A C   1 
ATOM   95  O O   . SER A 1 23  ? 1.39097   2.36628   -10.03971 1.000 32.54398 ? 23  SER A O   1 
ATOM   96  C CB  . SER A 1 23  ? 3.44648   4.72060   -10.18575 1.000 29.63836 ? 23  SER A CB  1 
ATOM   97  O OG  . SER A 1 23  ? 2.30717   5.54830   -10.29935 1.000 41.21282 ? 23  SER A OG  1 
ATOM   98  N N   . CYS A 1 24  ? 0.93463   3.70228   -8.27693  1.000 25.21226 ? 24  CYS A N   1 
ATOM   99  C CA  . CYS A 1 24  ? -0.45865  3.27321   -8.17775  1.000 25.72990 ? 24  CYS A CA  1 
ATOM   100 C C   . CYS A 1 24  ? -1.28573  4.30781   -7.41239  1.000 25.17560 ? 24  CYS A C   1 
ATOM   101 O O   . CYS A 1 24  ? -0.76066  5.28289   -6.87236  1.000 26.05716 ? 24  CYS A O   1 
ATOM   102 C CB  . CYS A 1 24  ? -0.55792  1.90295   -7.50308  1.000 20.58500 ? 24  CYS A CB  1 
ATOM   103 S SG  . CYS A 1 24  ? 0.14084   1.83496   -5.81607  1.000 28.09229 ? 24  CYS A SG  1 
ATOM   104 N N   . LYS A 1 25  ? -2.59824  4.07786   -7.38947  1.000 22.26349 ? 25  LYS A N   1 
ATOM   105 C CA  . LYS A 1 25  ? -3.54450  4.77496   -6.52906  1.000 20.53158 ? 25  LYS A CA  1 
ATOM   106 C C   . LYS A 1 25  ? -4.14435  3.78717   -5.53078  1.000 23.85490 ? 25  LYS A C   1 
ATOM   107 O O   . LYS A 1 25  ? -4.37692  2.62177   -5.87281  1.000 23.71055 ? 25  LYS A O   1 
ATOM   108 C CB  . LYS A 1 25  ? -4.68185  5.40153   -7.34598  1.000 28.91499 ? 25  LYS A CB  1 
ATOM   109 C CG  . LYS A 1 25  ? -4.33455  6.64190   -8.16778  1.000 32.70038 ? 25  LYS A CG  1 
ATOM   110 C CD  . LYS A 1 25  ? -5.61112  7.31430   -8.68783  1.000 38.91502 ? 25  LYS A CD  1 
ATOM   111 C CE  . LYS A 1 25  ? -5.36429  8.17181   -9.92453  1.000 41.54821 ? 25  LYS A CE  1 
ATOM   112 N NZ  . LYS A 1 25  ? -4.43421  9.30267   -9.64953  1.000 40.01214 ? 25  LYS A NZ  1 
ATOM   113 N N   . ILE A 1 26  ? -4.42005  4.25585   -4.30940  1.000 21.49859 ? 26  ILE A N   1 
ATOM   114 C CA  . ILE A 1 26  ? -5.05647  3.45366   -3.26270  1.000 18.46026 ? 26  ILE A CA  1 
ATOM   115 C C   . ILE A 1 26  ? -6.54920  3.76919   -3.27606  1.000 21.04767 ? 26  ILE A C   1 
ATOM   116 O O   . ILE A 1 26  ? -6.98969  4.76803   -2.69171  1.000 21.30265 ? 26  ILE A O   1 
ATOM   117 C CB  . ILE A 1 26  ? -4.45140  3.73279   -1.88319  1.000 23.62154 ? 26  ILE A CB  1 
ATOM   118 C CG1 . ILE A 1 26  ? -2.92114  3.60024   -1.91056  1.000 21.91218 ? 26  ILE A CG1 1 
ATOM   119 C CG2 . ILE A 1 26  ? -5.04469  2.78851   -0.86480  1.000 19.60879 ? 26  ILE A CG2 1 
ATOM   120 C CD1 . ILE A 1 26  ? -2.39959  2.21891   -2.30361  1.000 20.58038 ? 26  ILE A CD1 1 
ATOM   121 N N   . ILE A 1 27  ? -7.35900  2.90444   -3.89690  1.000 16.45907 ? 27  ILE A N   1 
ATOM   122 C CA  . ILE A 1 27  ? -8.73161  3.29745   -4.18519  1.000 19.10932 ? 27  ILE A CA  1 
ATOM   123 C C   . ILE A 1 27  ? -9.75083  2.77855   -3.17372  1.000 17.63928 ? 27  ILE A C   1 
ATOM   124 O O   . ILE A 1 27  ? -10.90163 3.24617   -3.19474  1.000 18.73992 ? 27  ILE A O   1 
ATOM   125 C CB  . ILE A 1 27  ? -9.13170  2.90236   -5.62673  1.000 23.20451 ? 27  ILE A CB  1 
ATOM   126 C CG1 . ILE A 1 27  ? -9.09660  1.38954   -5.84313  1.000 19.36265 ? 27  ILE A CG1 1 
ATOM   127 C CG2 . ILE A 1 27  ? -8.22477  3.63831   -6.63343  1.000 20.70120 ? 27  ILE A CG2 1 
ATOM   128 C CD1 . ILE A 1 27  ? -9.73654  0.95003   -7.17509  1.000 23.38911 ? 27  ILE A CD1 1 
ATOM   129 N N   . ALA A 1 28  ? -9.36974  1.85619   -2.27997  1.000 15.37160 ? 28  ALA A N   1 
ATOM   130 C CA  . ALA A 1 28  ? -10.25264 1.41547   -1.19938  1.000 19.45709 ? 28  ALA A CA  1 
ATOM   131 C C   . ALA A 1 28  ? -9.43058  0.75168   -0.10270  1.000 19.64130 ? 28  ALA A C   1 
ATOM   132 O O   . ALA A 1 28  ? -8.39735  0.13330   -0.37433  1.000 17.98957 ? 28  ALA A O   1 
ATOM   133 C CB  . ALA A 1 28  ? -11.33226 0.43092   -1.69683  1.000 17.60148 ? 28  ALA A CB  1 
ATOM   134 N N   . MET A 1 29  ? -9.91440  0.85301   1.13529   1.000 17.12291 ? 29  MET A N   1 
ATOM   135 C CA  . MET A 1 29  ? -9.31671  0.12257   2.25551   1.000 20.53925 ? 29  MET A CA  1 
ATOM   136 C C   . MET A 1 29  ? -10.44467 -0.41158  3.11971   1.000 17.63573 ? 29  MET A C   1 
ATOM   137 O O   . MET A 1 29  ? -11.36735 0.33384   3.46418   1.000 20.19723 ? 29  MET A O   1 
ATOM   138 C CB  . MET A 1 29  ? -8.38064  1.01500   3.10200   1.000 19.96737 ? 29  MET A CB  1 
ATOM   139 C CG  . MET A 1 29  ? -7.14681  1.53069   2.33853   1.000 22.66834 ? 29  MET A CG  1 
ATOM   140 S SD  . MET A 1 29  ? -5.89041  2.39922   3.30287   1.000 22.66396 ? 29  MET A SD  1 
ATOM   141 C CE  . MET A 1 29  ? -5.66468  1.35583   4.75054   1.000 21.05705 ? 29  MET A CE  1 
ATOM   142 N N   . LYS A 1 30  ? -10.39844 -1.68943  3.45805   1.000 19.49521 ? 30  LYS A N   1 
ATOM   143 C CA  . LYS A 1 30  ? -11.43766 -2.26953  4.30196   1.000 23.60509 ? 30  LYS A CA  1 
ATOM   144 C C   . LYS A 1 30  ? -10.79052 -2.78478  5.58049   1.000 23.08842 ? 30  LYS A C   1 
ATOM   145 O O   . LYS A 1 30  ? -10.02972 -3.75821  5.55596   1.000 23.29837 ? 30  LYS A O   1 
ATOM   146 C CB  . LYS A 1 30  ? -12.21228 -3.36152  3.57248   1.000 27.89909 ? 30  LYS A CB  1 
ATOM   147 C CG  . LYS A 1 30  ? -13.29902 -4.03279  4.42662   1.000 28.95495 ? 30  LYS A CG  1 
ATOM   148 C CD  . LYS A 1 30  ? -13.84504 -5.27857  3.70721   1.000 28.57667 ? 30  LYS A CD  1 
ATOM   149 C CE  . LYS A 1 30  ? -15.30474 -5.52543  3.93302   1.000 37.80192 ? 30  LYS A CE  1 
ATOM   150 N NZ  . LYS A 1 30  ? -15.83035 -6.32573  2.78211   1.000 47.07857 ? 30  LYS A NZ  1 
ATOM   151 N N   . VAL A 1 31  ? -11.08649 -2.10829  6.68731   1.000 22.60526 ? 31  VAL A N   1 
ATOM   152 C CA  . VAL A 1 31  ? -10.47576 -2.36388  7.98737   1.000 21.60008 ? 31  VAL A CA  1 
ATOM   153 C C   . VAL A 1 31  ? -11.39757 -3.30848  8.74500   1.000 22.38163 ? 31  VAL A C   1 
ATOM   154 O O   . VAL A 1 31  ? -12.54466 -2.96048  9.04875   1.000 21.73753 ? 31  VAL A O   1 
ATOM   155 C CB  . VAL A 1 31  ? -10.25474 -1.04992  8.75616   1.000 22.40464 ? 31  VAL A CB  1 
ATOM   156 C CG1 . VAL A 1 31  ? -9.48520  -1.27072  10.05796  1.000 20.19968 ? 31  VAL A CG1 1 
ATOM   157 C CG2 . VAL A 1 31  ? -9.54282  -0.04491  7.86517   1.000 23.28338 ? 31  VAL A CG2 1 
ATOM   158 N N   . MET A 1 32  ? -10.92391 -4.51194  9.03223   1.000 20.45737 ? 32  MET A N   1 
ATOM   159 C CA  . MET A 1 32  ? -11.78611 -5.58090  9.51988   1.000 23.28856 ? 32  MET A CA  1 
ATOM   160 C C   . MET A 1 32  ? -10.98651 -6.41486  10.53349  1.000 25.39632 ? 32  MET A C   1 
ATOM   161 O O   . MET A 1 32  ? -10.60801 -7.56682  10.28607  1.000 25.95287 ? 32  MET A O   1 
ATOM   162 C CB  . MET A 1 32  ? -12.32896 -6.37439  8.31864   1.000 25.24154 ? 32  MET A CB  1 
ATOM   163 C CG  . MET A 1 32  ? -11.36893 -7.28346  7.57343   1.000 30.75575 ? 32  MET A CG  1 
ATOM   164 S SD  . MET A 1 32  ? -11.90072 -7.92112  5.96103   1.000 36.57660 ? 32  MET A SD  1 
ATOM   165 C CE  . MET A 1 32  ? -11.22405 -6.69999  4.86785   1.000 29.53283 ? 32  MET A CE  1 
ATOM   166 N N   . PRO A 1 33  ? -10.70140 -5.84133  11.71294  1.000 23.77823 ? 33  PRO A N   1 
ATOM   167 C CA  . PRO A 1 33  ? -9.77255  -6.51163  12.64277  1.000 26.31093 ? 33  PRO A CA  1 
ATOM   168 C C   . PRO A 1 33  ? -10.36914 -7.71018  13.36861  1.000 26.74409 ? 33  PRO A C   1 
ATOM   169 O O   . PRO A 1 33  ? -9.68370  -8.31380  14.20213  1.000 30.43127 ? 33  PRO A O   1 
ATOM   170 C CB  . PRO A 1 33  ? -9.39121  -5.39071  13.63096  1.000 25.46789 ? 33  PRO A CB  1 
ATOM   171 C CG  . PRO A 1 33  ? -9.94384  -4.13115  13.05346  1.000 24.14172 ? 33  PRO A CG  1 
ATOM   172 C CD  . PRO A 1 33  ? -11.14063 -4.54865  12.25893  1.000 23.08130 ? 33  PRO A CD  1 
ATOM   173 N N   . ASP A 1 34  ? -11.61670 -8.07607  13.05389  1.000 35.66101 ? 34  ASP A N   1 
ATOM   174 C CA  . ASP A 1 34  ? -12.23938 -9.32774  13.47670  1.000 34.08853 ? 34  ASP A CA  1 
ATOM   175 C C   . ASP A 1 34  ? -11.82718 -10.52986 12.63741  1.000 36.38448 ? 34  ASP A C   1 
ATOM   176 O O   . ASP A 1 34  ? -12.10301 -11.66163 13.05085  1.000 36.50921 ? 34  ASP A O   1 
ATOM   177 C CB  . ASP A 1 34  ? -13.76691 -9.23072  13.36722  1.000 33.35915 ? 34  ASP A CB  1 
ATOM   178 C CG  . ASP A 1 34  ? -14.42552 -8.85950  14.65899  1.000 34.42883 ? 34  ASP A CG  1 
ATOM   179 O OD1 . ASP A 1 34  ? -13.89838 -9.22644  15.72848  1.000 39.36081 ? 34  ASP A OD1 1 
ATOM   180 O OD2 . ASP A 1 34  ? -15.49004 -8.21746  14.60274  1.000 37.22674 ? 34  ASP A OD2 1 
ATOM   181 N N   . LYS A 1 35  ? -11.24306 -10.32075 11.45348  1.000 29.32173 ? 35  LYS A N   1 
ATOM   182 C CA  . LYS A 1 35  ? -11.15635 -11.35883 10.43388  1.000 30.07522 ? 35  LYS A CA  1 
ATOM   183 C C   . LYS A 1 35  ? -9.72037  -11.59849 9.98132   1.000 34.02754 ? 35  LYS A C   1 
ATOM   184 O O   . LYS A 1 35  ? -8.81492  -10.80748 10.26618  1.000 30.98613 ? 35  LYS A O   1 
ATOM   185 C CB  . LYS A 1 35  ? -12.00519 -11.00667 9.21756   1.000 33.67665 ? 35  LYS A CB  1 
ATOM   186 C CG  . LYS A 1 35  ? -13.49774 -10.96865 9.44863   1.000 38.49623 ? 35  LYS A CG  1 
ATOM   187 C CD  . LYS A 1 35  ? -14.14935 -10.75301 8.10203   1.000 49.94754 ? 35  LYS A CD  1 
ATOM   188 C CE  . LYS A 1 35  ? -13.98109 -12.03655 7.25744   1.000 51.82216 ? 35  LYS A CE  1 
ATOM   189 N NZ  . LYS A 1 35  ? -14.26926 -11.84048 5.79714   1.000 56.37241 ? 35  LYS A NZ  1 
ATOM   190 N N   . VAL A 1 36  ? -9.54036  -12.69589 9.22352   1.000 32.57235 ? 36  VAL A N   1 
ATOM   191 C CA  . VAL A 1 36  ? -8.20092  -13.18034 8.87666   1.000 32.61114 ? 36  VAL A CA  1 
ATOM   192 C C   . VAL A 1 36  ? -7.40759  -12.14107 8.09765   1.000 25.63883 ? 36  VAL A C   1 
ATOM   193 O O   . VAL A 1 36  ? -6.19262  -12.03998 8.26935   1.000 31.37050 ? 36  VAL A O   1 
ATOM   194 C CB  . VAL A 1 36  ? -8.26157  -14.51293 8.09327   1.000 30.78153 ? 36  VAL A CB  1 
ATOM   195 C CG1 . VAL A 1 36  ? -8.67183  -15.65062 8.98975   1.000 33.31947 ? 36  VAL A CG1 1 
ATOM   196 C CG2 . VAL A 1 36  ? -9.19305  -14.40274 6.89791   1.000 30.51695 ? 36  VAL A CG2 1 
ATOM   197 N N   . MET A 1 37  ? -8.06031  -11.34820 7.24266   1.000 26.53506 ? 37  MET A N   1 
ATOM   198 C CA  . MET A 1 37  ? -7.30513  -10.38817 6.44209   1.000 28.58070 ? 37  MET A CA  1 
ATOM   199 C C   . MET A 1 37  ? -6.84161  -9.17150  7.24408   1.000 25.83481 ? 37  MET A C   1 
ATOM   200 O O   . MET A 1 37  ? -5.81347  -8.57579  6.89422   1.000 28.95194 ? 37  MET A O   1 
ATOM   201 C CB  . MET A 1 37  ? -8.13245  -9.93118  5.24381   1.000 28.54105 ? 37  MET A CB  1 
ATOM   202 C CG  . MET A 1 37  ? -8.17527  -10.95674 4.13762   1.000 30.06806 ? 37  MET A CG  1 
ATOM   203 S SD  . MET A 1 37  ? -9.12397  -10.41863 2.71267   1.000 37.51628 ? 37  MET A SD  1 
ATOM   204 C CE  . MET A 1 37  ? -7.82167  -9.82469  1.66148   1.000 35.52676 ? 37  MET A CE  1 
ATOM   205 N N   . GLN A 1 38  ? -7.58295  -8.78754  8.29430   1.000 20.31675 ? 38  GLN A N   1 
ATOM   206 C CA  . GLN A 1 38  ? -7.33377  -7.62202  9.15154   1.000 24.62472 ? 38  GLN A CA  1 
ATOM   207 C C   . GLN A 1 38  ? -7.59339  -6.29636  8.45137   1.000 19.85880 ? 38  GLN A C   1 
ATOM   208 O O   . GLN A 1 38  ? -8.35552  -5.46071  8.94760   1.000 20.00920 ? 38  GLN A O   1 
ATOM   209 C CB  . GLN A 1 38  ? -5.90115  -7.62168  9.70548   1.000 27.54618 ? 38  GLN A CB  1 
ATOM   210 C CG  . GLN A 1 38  ? -5.75806  -8.31370  11.01091  1.000 31.31262 ? 38  GLN A CG  1 
ATOM   211 C CD  . GLN A 1 38  ? -4.50641  -7.90122  11.77107  1.000 36.94445 ? 38  GLN A CD  1 
ATOM   212 O OE1 . GLN A 1 38  ? -3.54797  -7.35416  11.20480  1.000 30.01997 ? 38  GLN A OE1 1 
ATOM   213 N NE2 . GLN A 1 38  ? -4.52277  -8.14516  13.07404  1.000 30.06121 ? 38  GLN A NE2 1 
ATOM   214 N N   . VAL A 1 39  ? -6.92599  -6.07388  7.32498   1.000 22.92219 ? 39  VAL A N   1 
ATOM   215 C CA  . VAL A 1 39  ? -7.19038  -4.91946  6.46603   1.000 21.17971 ? 39  VAL A CA  1 
ATOM   216 C C   . VAL A 1 39  ? -6.78032  -5.27031  5.03776   1.000 22.14378 ? 39  VAL A C   1 
ATOM   217 O O   . VAL A 1 39  ? -5.66237  -5.73068  4.79098   1.000 26.87836 ? 39  VAL A O   1 
ATOM   218 C CB  . VAL A 1 39  ? -6.49775  -3.64257  6.99341   1.000 24.50971 ? 39  VAL A CB  1 
ATOM   219 C CG1 . VAL A 1 39  ? -4.99139  -3.84380  7.14449   1.000 26.61980 ? 39  VAL A CG1 1 
ATOM   220 C CG2 . VAL A 1 39  ? -6.77476  -2.46126  6.04282   1.000 26.70567 ? 39  VAL A CG2 1 
ATOM   221 N N   . MET A 1 40  ? -7.71006  -5.08914  4.10323   1.000 21.05648 ? 40  MET A N   1 
ATOM   222 C CA  . MET A 1 40  ? -7.48475  -5.36226  2.69090   1.000 23.42524 ? 40  MET A CA  1 
ATOM   223 C C   . MET A 1 40  ? -7.43755  -4.05295  1.90934   1.000 21.42894 ? 40  MET A C   1 
ATOM   224 O O   . MET A 1 40  ? -8.35965  -3.23080  2.00682   1.000 22.01302 ? 40  MET A O   1 
ATOM   225 C CB  . MET A 1 40  ? -8.58506  -6.25972  2.12394   1.000 20.63354 ? 40  MET A CB  1 
ATOM   226 C CG  . MET A 1 40  ? -8.55271  -6.28949  0.61654   1.000 24.37660 ? 40  MET A CG  1 
ATOM   227 S SD  . MET A 1 40  ? -9.73087  -7.46412  -0.03834  1.000 50.14145 ? 40  MET A SD  1 
ATOM   228 C CE  . MET A 1 40  ? -11.24121 -6.49535  0.06872   1.000 35.75269 ? 40  MET A CE  1 
ATOM   229 N N   . VAL A 1 41  ? -6.38534  -3.88061  1.11300   1.000 17.44883 ? 41  VAL A N   1 
ATOM   230 C CA  . VAL A 1 41  ? -6.13636  -2.65909  0.33922   1.000 18.80316 ? 41  VAL A CA  1 
ATOM   231 C C   . VAL A 1 41  ? -6.41674  -2.93474  -1.13791  1.000 19.94388 ? 41  VAL A C   1 
ATOM   232 O O   . VAL A 1 41  ? -5.79276  -3.81968  -1.73970  1.000 18.15147 ? 41  VAL A O   1 
ATOM   233 C CB  . VAL A 1 41  ? -4.68454  -2.18750  0.51886   1.000 18.04783 ? 41  VAL A CB  1 
ATOM   234 C CG1 . VAL A 1 41  ? -4.46713  -0.82091  -0.09528  1.000 18.39860 ? 41  VAL A CG1 1 
ATOM   235 C CG2 . VAL A 1 41  ? -4.28935  -2.22985  1.98208   1.000 17.67584 ? 41  VAL A CG2 1 
ATOM   236 N N   . THR A 1 42  ? -7.30908  -2.15194  -1.74651  1.000 18.00300 ? 42  THR A N   1 
ATOM   237 C CA  . THR A 1 42  ? -7.52696  -2.24697  -3.19023  1.000 20.62163 ? 42  THR A CA  1 
ATOM   238 C C   . THR A 1 42  ? -6.67516  -1.20838  -3.91503  1.000 20.57506 ? 42  THR A C   1 
ATOM   239 O O   . THR A 1 42  ? -6.78961  -0.00071  -3.64777  1.000 18.88948 ? 42  THR A O   1 
ATOM   240 C CB  . THR A 1 42  ? -9.00890  -2.08017  -3.53013  1.000 23.50104 ? 42  THR A CB  1 
ATOM   241 O OG1 . THR A 1 42  ? -9.77394  -3.02570  -2.76125  1.000 22.21665 ? 42  THR A OG1 1 
ATOM   242 C CG2 . THR A 1 42  ? -9.26788  -2.31394  -5.04111  1.000 17.76197 ? 42  THR A CG2 1 
ATOM   243 N N   . VAL A 1 43  ? -5.82115  -1.67239  -4.83797  1.000 21.40049 ? 43  VAL A N   1 
ATOM   244 C CA  . VAL A 1 43  ? -4.83450  -0.80573  -5.48675  1.000 22.15756 ? 43  VAL A CA  1 
ATOM   245 C C   . VAL A 1 43  ? -5.03636  -0.82630  -7.00213  1.000 26.55858 ? 43  VAL A C   1 
ATOM   246 O O   . VAL A 1 43  ? -5.25392  -1.88281  -7.60713  1.000 27.20785 ? 43  VAL A O   1 
ATOM   247 C CB  . VAL A 1 43  ? -3.38102  -1.18852  -5.11471  1.000 26.24505 ? 43  VAL A CB  1 
ATOM   248 C CG1 . VAL A 1 43  ? -3.19814  -1.24544  -3.57359  1.000 20.51906 ? 43  VAL A CG1 1 
ATOM   249 C CG2 . VAL A 1 43  ? -2.96870  -2.50190  -5.73661  1.000 32.46353 ? 43  VAL A CG2 1 
ATOM   250 N N   . LEU A 1 44  ? -4.97279  0.36234   -7.60622  1.000 20.47863 ? 44  LEU A N   1 
ATOM   251 C CA  . LEU A 1 44  ? -5.08166  0.53819   -9.04458  1.000 23.12356 ? 44  LEU A CA  1 
ATOM   252 C C   . LEU A 1 44  ? -3.72240  0.98773   -9.58076  1.000 26.87843 ? 44  LEU A C   1 
ATOM   253 O O   . LEU A 1 44  ? -3.27599  2.10100   -9.28888  1.000 23.03092 ? 44  LEU A O   1 
ATOM   254 C CB  . LEU A 1 44  ? -6.19464  1.53390   -9.35725  1.000 24.85483 ? 44  LEU A CB  1 
ATOM   255 C CG  . LEU A 1 44  ? -6.40394  1.97790   -10.80047 1.000 30.10711 ? 44  LEU A CG  1 
ATOM   256 C CD1 . LEU A 1 44  ? -6.97216  0.84185   -11.61486 1.000 27.58373 ? 44  LEU A CD1 1 
ATOM   257 C CD2 . LEU A 1 44  ? -7.37301  3.16348   -10.80395 1.000 28.54995 ? 44  LEU A CD2 1 
ATOM   258 N N   . MET A 1 45  ? -3.05369  0.10434   -10.33335 1.000 28.24439 ? 45  MET A N   1 
ATOM   259 C CA  . MET A 1 45  ? -1.76719  0.40335   -10.95070 1.000 30.33663 ? 45  MET A CA  1 
ATOM   260 C C   . MET A 1 45  ? -1.95674  1.31285   -12.15739 1.000 32.05180 ? 45  MET A C   1 
ATOM   261 O O   . MET A 1 45  ? -3.04146  1.40097   -12.73739 1.000 31.78768 ? 45  MET A O   1 
ATOM   262 C CB  . MET A 1 45  ? -1.04357  -0.87007  -11.40558 1.000 28.52878 ? 45  MET A CB  1 
ATOM   263 C CG  . MET A 1 45  ? -0.99276  -2.02296  -10.40448 1.000 30.80819 ? 45  MET A CG  1 
ATOM   264 S SD  . MET A 1 45  ? -0.06623  -1.64417  -8.90147  1.000 38.96487 ? 45  MET A SD  1 
ATOM   265 C CE  . MET A 1 45  ? -0.05455  -3.26445  -8.15569  1.000 44.05380 ? 45  MET A CE  1 
ATOM   266 N N   . HIS A 1 46  ? -0.86984  1.98107   -12.54462 1.000 31.96824 ? 46  HIS A N   1 
ATOM   267 C CA  . HIS A 1 46  ? -0.92630  2.93352   -13.65223 1.000 37.57084 ? 46  HIS A CA  1 
ATOM   268 C C   . HIS A 1 46  ? -1.24141  2.28053   -15.00113 1.000 38.76880 ? 46  HIS A C   1 
ATOM   269 O O   . HIS A 1 46  ? -1.69011  2.97321   -15.92164 1.000 38.71719 ? 46  HIS A O   1 
ATOM   270 C CB  . HIS A 1 46  ? 0.39462   3.69808   -13.74250 1.000 38.09073 ? 46  HIS A CB  1 
ATOM   271 C CG  . HIS A 1 46  ? 0.25393   5.07676   -14.31023 1.000 51.00008 ? 46  HIS A CG  1 
ATOM   272 N ND1 . HIS A 1 46  ? -0.47136  6.06817   -13.68299 1.000 49.46904 ? 46  HIS A ND1 1 
ATOM   273 C CD2 . HIS A 1 46  ? 0.75237   5.63178   -15.44259 1.000 49.66214 ? 46  HIS A CD2 1 
ATOM   274 C CE1 . HIS A 1 46  ? -0.41985  7.17259   -14.40853 1.000 53.84263 ? 46  HIS A CE1 1 
ATOM   275 N NE2 . HIS A 1 46  ? 0.31803   6.93565   -15.47944 1.000 51.37059 ? 46  HIS A NE2 1 
ATOM   276 N N   . ASP A 1 47  ? -1.02723  0.97727   -15.15000 1.000 36.26078 ? 47  ASP A N   1 
ATOM   277 C CA  . ASP A 1 47  ? -1.32541  0.30355   -16.40670 1.000 34.24370 ? 47  ASP A CA  1 
ATOM   278 C C   . ASP A 1 47  ? -2.72066  -0.31488  -16.43369 1.000 36.73733 ? 47  ASP A C   1 
ATOM   279 O O   . ASP A 1 47  ? -3.00424  -1.15303  -17.29636 1.000 40.00444 ? 47  ASP A O   1 
ATOM   280 C CB  . ASP A 1 47  ? -0.26865  -0.76461  -16.69237 1.000 36.32032 ? 47  ASP A CB  1 
ATOM   281 C CG  . ASP A 1 47  ? -0.32739  -1.93406  -15.71770 1.000 41.58845 ? 47  ASP A CG  1 
ATOM   282 O OD1 . ASP A 1 47  ? 0.45987   -2.88808  -15.90467 1.000 50.19795 ? 47  ASP A OD1 1 
ATOM   283 O OD2 . ASP A 1 47  ? -1.14436  -1.91396  -14.76721 1.000 38.24539 ? 47  ASP A OD2 1 
ATOM   284 N N   . GLY A 1 48  ? -3.58827  0.05189   -15.50045 1.000 32.86615 ? 48  GLY A N   1 
ATOM   285 C CA  . GLY A 1 48  ? -4.97258  -0.34440  -15.57050 1.000 33.65621 ? 48  GLY A CA  1 
ATOM   286 C C   . GLY A 1 48  ? -5.35108  -1.59539  -14.80670 1.000 36.03153 ? 48  GLY A C   1 
ATOM   287 O O   . GLY A 1 48  ? -6.54597  -1.87059  -14.67386 1.000 35.22624 ? 48  GLY A O   1 
ATOM   288 N N   . VAL A 1 49  ? -4.39713  -2.36416  -14.29645 1.000 35.13684 ? 49  VAL A N   1 
ATOM   289 C CA  . VAL A 1 49  ? -4.75453  -3.55565  -13.53410 1.000 31.70998 ? 49  VAL A CA  1 
ATOM   290 C C   . VAL A 1 49  ? -5.05696  -3.17051  -12.08642 1.000 34.53913 ? 49  VAL A C   1 
ATOM   291 O O   . VAL A 1 49  ? -4.43006  -2.27133  -11.50964 1.000 34.04139 ? 49  VAL A O   1 
ATOM   292 C CB  . VAL A 1 49  ? -3.64433  -4.61492  -13.63190 1.000 35.79030 ? 49  VAL A CB  1 
ATOM   293 C CG1 . VAL A 1 49  ? -3.35234  -4.92483  -15.09802 1.000 37.26435 ? 49  VAL A CG1 1 
ATOM   294 C CG2 . VAL A 1 49  ? -2.39163  -4.15626  -12.93470 1.000 36.04586 ? 49  VAL A CG2 1 
ATOM   295 N N   . CYS A 1 50  ? -6.04820  -3.83173  -11.50184 1.000 28.95691 ? 50  CYS A N   1 
ATOM   296 C CA  . CYS A 1 50  ? -6.48114  -3.58109  -10.13826 1.000 29.86017 ? 50  CYS A CA  1 
ATOM   297 C C   . CYS A 1 50  ? -6.23035  -4.83478  -9.30876  1.000 32.70809 ? 50  CYS A C   1 
ATOM   298 O O   . CYS A 1 50  ? -6.50832  -5.94596  -9.76582  1.000 35.59454 ? 50  CYS A O   1 
ATOM   299 C CB  . CYS A 1 50  ? -7.95781  -3.19446  -10.12504 1.000 29.54731 ? 50  CYS A CB  1 
ATOM   300 S SG  . CYS A 1 50  ? -8.64970  -2.89390  -8.49586  1.000 34.80984 ? 50  CYS A SG  1 
ATOM   301 N N   . GLU A 1 51  ? -5.69142  -4.66333  -8.09822  1.000 28.00203 ? 51  GLU A N   1 
ATOM   302 C CA  . GLU A 1 51  ? -5.22902  -5.78314  -7.28004  1.000 29.93549 ? 51  GLU A CA  1 
ATOM   303 C C   . GLU A 1 51  ? -5.61979  -5.59014  -5.82145  1.000 26.90900 ? 51  GLU A C   1 
ATOM   304 O O   . GLU A 1 51  ? -5.55170  -4.47220  -5.30901  1.000 26.04973 ? 51  GLU A O   1 
ATOM   305 C CB  . GLU A 1 51  ? -3.70509  -5.93009  -7.35089  1.000 30.28552 ? 51  GLU A CB  1 
ATOM   306 C CG  . GLU A 1 51  ? -3.21063  -7.31062  -7.00591  1.000 37.57411 ? 51  GLU A CG  1 
ATOM   307 C CD  . GLU A 1 51  ? -1.78281  -7.54883  -7.46955  1.000 44.45191 ? 51  GLU A CD  1 
ATOM   308 O OE1 . GLU A 1 51  ? -1.03853  -8.24767  -6.74901  1.000 35.12482 ? 51  GLU A OE1 1 
ATOM   309 O OE2 . GLU A 1 51  ? -1.39854  -7.01963  -8.53997  1.000 48.38915 ? 51  GLU A OE2 1 
ATOM   310 N N   . GLU A 1 52  ? -5.97710  -6.68630  -5.14650  1.000 25.59885 ? 52  GLU A N   1 
ATOM   311 C CA  . GLU A 1 52  ? -6.26670  -6.68131  -3.71330  1.000 28.80594 ? 52  GLU A CA  1 
ATOM   312 C C   . GLU A 1 52  ? -5.05509  -7.18659  -2.93058  1.000 30.84178 ? 52  GLU A C   1 
ATOM   313 O O   . GLU A 1 52  ? -4.49810  -8.24951  -3.24413  1.000 27.94782 ? 52  GLU A O   1 
ATOM   314 C CB  . GLU A 1 52  ? -7.49731  -7.53466  -3.39125  1.000 26.63286 ? 52  GLU A CB  1 
ATOM   315 C CG  . GLU A 1 52  ? -8.77722  -7.03874  -4.07082  1.000 32.56284 ? 52  GLU A CG  1 
ATOM   316 C CD  . GLU A 1 52  ? -10.03999 -7.72541  -3.55406  1.000 35.38644 ? 52  GLU A CD  1 
ATOM   317 O OE1 . GLU A 1 52  ? -11.13902 -7.15865  -3.71283  1.000 37.50516 ? 52  GLU A OE1 1 
ATOM   318 O OE2 . GLU A 1 52  ? -9.94189  -8.83190  -2.98533  1.000 34.49968 ? 52  GLU A OE2 1 
ATOM   319 N N   . MET A 1 53  ? -4.67332  -6.44272  -1.88941  1.000 24.27995 ? 53  MET A N   1 
ATOM   320 C CA  . MET A 1 53  ? -3.40256  -6.65497  -1.21714  1.000 19.60523 ? 53  MET A CA  1 
ATOM   321 C C   . MET A 1 53  ? -3.55314  -6.53982  0.29629   1.000 25.78859 ? 53  MET A C   1 
ATOM   322 O O   . MET A 1 53  ? -4.47013  -5.88804  0.80486   1.000 21.39554 ? 53  MET A O   1 
ATOM   323 C CB  . MET A 1 53  ? -2.37884  -5.66214  -1.75390  1.000 26.56847 ? 53  MET A CB  1 
ATOM   324 C CG  . MET A 1 53  ? -1.66051  -6.18546  -2.99592  1.000 27.67589 ? 53  MET A CG  1 
ATOM   325 S SD  . MET A 1 53  ? -0.30597  -5.10287  -3.37669  1.000 39.47017 ? 53  MET A SD  1 
ATOM   326 C CE  . MET A 1 53  ? -0.45511  -4.95410  -5.15034  1.000 32.55088 ? 53  MET A CE  1 
ATOM   327 N N   . LEU A 1 54  ? -2.63917  -7.20290  1.01286   1.000 21.85732 ? 54  LEU A N   1 
ATOM   328 C CA  . LEU A 1 54  ? -2.54790  -7.14713  2.46464   1.000 22.53460 ? 54  LEU A CA  1 
ATOM   329 C C   . LEU A 1 54  ? -1.25954  -6.44204  2.88294   1.000 23.05527 ? 54  LEU A C   1 
ATOM   330 O O   . LEU A 1 54  ? -0.43349  -6.07369  2.04832   1.000 22.25206 ? 54  LEU A O   1 
ATOM   331 C CB  . LEU A 1 54  ? -2.60659  -8.55789  3.06100   1.000 23.22246 ? 54  LEU A CB  1 
ATOM   332 C CG  . LEU A 1 54  ? -3.86116  -9.34760  2.72810   1.000 24.66299 ? 54  LEU A CG  1 
ATOM   333 C CD1 . LEU A 1 54  ? -3.67514  -10.80792 3.12153   1.000 25.65669 ? 54  LEU A CD1 1 
ATOM   334 C CD2 . LEU A 1 54  ? -5.01830  -8.72910  3.47850   1.000 26.68839 ? 54  LEU A CD2 1 
ATOM   335 N N   . LEU A 1 55  ? -1.09570  -6.23497  4.19208   1.000 22.14529 ? 55  LEU A N   1 
ATOM   336 C CA  . LEU A 1 55  ? 0.13111   -5.65576  4.74287   1.000 21.96263 ? 55  LEU A CA  1 
ATOM   337 C C   . LEU A 1 55  ? 1.07286   -6.75341  5.22795   1.000 21.69638 ? 55  LEU A C   1 
ATOM   338 O O   . LEU A 1 55  ? 0.63269   -7.79413  5.71823   1.000 23.68670 ? 55  LEU A O   1 
ATOM   339 C CB  . LEU A 1 55  ? -0.17967  -4.69921  5.90626   1.000 19.85234 ? 55  LEU A CB  1 
ATOM   340 C CG  . LEU A 1 55  ? -1.35374  -3.73020  5.72128   1.000 19.63187 ? 55  LEU A CG  1 
ATOM   341 C CD1 . LEU A 1 55  ? -1.46296  -2.79692  6.91321   1.000 18.04469 ? 55  LEU A CD1 1 
ATOM   342 C CD2 . LEU A 1 55  ? -1.18746  -2.92904  4.42853   1.000 17.02568 ? 55  LEU A CD2 1 
ATOM   343 N N   . LYS A 1 56  ? 2.38000   -6.51117  5.09866   1.000 20.64049 ? 56  LYS A N   1 
ATOM   344 C CA  . LYS A 1 56  ? 3.35264   -7.51107  5.54254   1.000 26.63318 ? 56  LYS A CA  1 
ATOM   345 C C   . LYS A 1 56  ? 3.28084   -7.75006  7.05026   1.000 24.58292 ? 56  LYS A C   1 
ATOM   346 O O   . LYS A 1 56  ? 3.57434   -8.85548  7.51557   1.000 26.03043 ? 56  LYS A O   1 
ATOM   347 C CB  . LYS A 1 56  ? 4.77447   -7.09564  5.14012   1.000 21.97021 ? 56  LYS A CB  1 
ATOM   348 C CG  . LYS A 1 56  ? 5.86140   -7.92495  5.79446   1.000 25.39017 ? 56  LYS A CG  1 
ATOM   349 C CD  . LYS A 1 56  ? 7.11811   -8.00969  4.96323   1.000 28.00219 ? 56  LYS A CD  1 
ATOM   350 C CE  . LYS A 1 56  ? 8.18463   -8.83594  5.69023   1.000 37.94226 ? 56  LYS A CE  1 
ATOM   351 N NZ  . LYS A 1 56  ? 9.58327   -8.65628  5.15763   1.000 31.94399 ? 56  LYS A NZ  1 
ATOM   352 N N   . TRP A 1 57  ? 2.88218   -6.74444  7.82471   1.000 25.59152 ? 57  TRP A N   1 
ATOM   353 C CA  . TRP A 1 57  ? 2.89051   -6.82628  9.27834   1.000 26.40529 ? 57  TRP A CA  1 
ATOM   354 C C   . TRP A 1 57  ? 1.47885   -6.81697  9.86038   1.000 25.37891 ? 57  TRP A C   1 
ATOM   355 O O   . TRP A 1 57  ? 0.54200   -6.24814  9.28887   1.000 22.40896 ? 57  TRP A O   1 
ATOM   356 C CB  . TRP A 1 57  ? 3.70260   -5.67439  9.88294   1.000 26.22934 ? 57  TRP A CB  1 
ATOM   357 C CG  . TRP A 1 57  ? 5.16594   -5.77915  9.56518   1.000 29.87388 ? 57  TRP A CG  1 
ATOM   358 C CD1 . TRP A 1 57  ? 6.10387   -6.50275  10.24894  1.000 30.44180 ? 57  TRP A CD1 1 
ATOM   359 C CD2 . TRP A 1 57  ? 5.85218   -5.15511  8.47886   1.000 24.69099 ? 57  TRP A CD2 1 
ATOM   360 N NE1 . TRP A 1 57  ? 7.32962   -6.35991  9.65426   1.000 33.28852 ? 57  TRP A NE1 1 
ATOM   361 C CE2 . TRP A 1 57  ? 7.20105   -5.54321  8.56039   1.000 30.53778 ? 57  TRP A CE2 1 
ATOM   362 C CE3 . TRP A 1 57  ? 5.45457   -4.30769  7.44021   1.000 27.57071 ? 57  TRP A CE3 1 
ATOM   363 C CZ2 . TRP A 1 57  ? 8.16255   -5.11396  7.63827   1.000 31.63984 ? 57  TRP A CZ2 1 
ATOM   364 C CZ3 . TRP A 1 57  ? 6.40973   -3.88149  6.52137   1.000 27.84341 ? 57  TRP A CZ3 1 
ATOM   365 C CH2 . TRP A 1 57  ? 7.74579   -4.28762  6.62750   1.000 30.65721 ? 57  TRP A CH2 1 
ATOM   366 N N   . ASN A 1 58  ? 1.35563   -7.46927  11.01019  1.000 24.28758 ? 58  ASN A N   1 
ATOM   367 C CA  . ASN A 1 58  ? 0.15034   -7.41827  11.82964  1.000 27.42035 ? 58  ASN A CA  1 
ATOM   368 C C   . ASN A 1 58  ? -0.21123  -5.97547  12.16624  1.000 24.57156 ? 58  ASN A C   1 
ATOM   369 O O   . ASN A 1 58  ? 0.67112   -5.14143  12.40033  1.000 24.04169 ? 58  ASN A O   1 
ATOM   370 C CB  . ASN A 1 58  ? 0.40473   -8.22068  13.11598  1.000 26.51248 ? 58  ASN A CB  1 
ATOM   371 C CG  . ASN A 1 58  ? -0.86289  -8.63966  13.83176  1.000 28.45842 ? 58  ASN A CG  1 
ATOM   372 O OD1 . ASN A 1 58  ? -1.77719  -7.84165  14.05033  1.000 25.94533 ? 58  ASN A OD1 1 
ATOM   373 N ND2 . ASN A 1 58  ? -0.90526  -9.90272  14.23908  1.000 35.14117 ? 58  ASN A ND2 1 
ATOM   374 N N   . LEU A 1 59  ? -1.51909  -5.68091  12.19315  1.000 24.93748 ? 59  LEU A N   1 
ATOM   375 C CA  . LEU A 1 59  ? -1.96412  -4.36330  12.65433  1.000 27.68164 ? 59  LEU A CA  1 
ATOM   376 C C   . LEU A 1 59  ? -1.57328  -4.11908  14.10550  1.000 30.48812 ? 59  LEU A C   1 
ATOM   377 O O   . LEU A 1 59  ? -1.37799  -2.96613  14.50794  1.000 32.82350 ? 59  LEU A O   1 
ATOM   378 C CB  . LEU A 1 59  ? -3.47685  -4.19750  12.50783  1.000 29.18431 ? 59  LEU A CB  1 
ATOM   379 C CG  . LEU A 1 59  ? -4.09687  -3.53969  11.26774  1.000 34.50632 ? 59  LEU A CG  1 
ATOM   380 C CD1 . LEU A 1 59  ? -5.62860  -3.41320  11.41914  1.000 30.33428 ? 59  LEU A CD1 1 
ATOM   381 C CD2 . LEU A 1 59  ? -3.47909  -2.17839  10.94554  1.000 26.08834 ? 59  LEU A CD2 1 
ATOM   382 N N   . LEU A 1 60  ? -1.43926  -5.18496  14.90014  1.000 27.32736 ? 60  LEU A N   1 
ATOM   383 C CA  . LEU A 1 60  ? -1.03347  -5.03646  16.29490  1.000 30.15940 ? 60  LEU A CA  1 
ATOM   384 C C   . LEU A 1 60  ? 0.42766   -4.60570  16.43872  1.000 29.89944 ? 60  LEU A C   1 
ATOM   385 O O   . LEU A 1 60  ? 0.81610   -4.14695  17.51996  1.000 33.64926 ? 60  LEU A O   1 
ATOM   386 C CB  . LEU A 1 60  ? -1.27201  -6.34967  17.05800  1.000 29.56911 ? 60  LEU A CB  1 
ATOM   387 C CG  . LEU A 1 60  ? -2.66217  -6.73028  17.59615  1.000 28.50410 ? 60  LEU A CG  1 
ATOM   388 C CD1 . LEU A 1 60  ? -3.74741  -6.65684  16.52551  1.000 35.62299 ? 60  LEU A CD1 1 
ATOM   389 C CD2 . LEU A 1 60  ? -2.63189  -8.13554  18.18451  1.000 32.10478 ? 60  LEU A CD2 1 
ATOM   390 N N   . ASP A 1 61  ? 1.23721   -4.75049  15.38534  1.000 25.42627 ? 61  ASP A N   1 
ATOM   391 C CA  . ASP A 1 61  ? 2.62058   -4.27367  15.34685  1.000 26.98999 ? 61  ASP A CA  1 
ATOM   392 C C   . ASP A 1 61  ? 2.69315   -2.84755  14.79310  1.000 29.07540 ? 61  ASP A C   1 
ATOM   393 O O   . ASP A 1 61  ? 2.04116   -2.52478  13.79473  1.000 24.63451 ? 61  ASP A O   1 
ATOM   394 C CB  . ASP A 1 61  ? 3.46425   -5.21114  14.47457  1.000 30.03697 ? 61  ASP A CB  1 
ATOM   395 C CG  . ASP A 1 61  ? 4.95474   -4.89316  14.51348  1.000 32.55818 ? 61  ASP A CG  1 
ATOM   396 O OD1 . ASP A 1 61  ? 5.38013   -3.88392  13.90819  1.000 29.29392 ? 61  ASP A OD1 1 
ATOM   397 O OD2 . ASP A 1 61  ? 5.70725   -5.67890  15.12957  1.000 31.90185 ? 61  ASP A OD2 1 
ATOM   398 N N   . ASN A 1 62  ? 3.52010   -2.00201  15.42993  1.000 28.16039 ? 62  ASN A N   1 
ATOM   399 C CA  . ASN A 1 62  ? 3.67321   -0.61197  15.00123  1.000 22.35640 ? 62  ASN A CA  1 
ATOM   400 C C   . ASN A 1 62  ? 4.17785   -0.46481  13.56221  1.000 22.97165 ? 62  ASN A C   1 
ATOM   401 O O   . ASN A 1 62  ? 3.93941   0.57648   12.93980  1.000 23.62099 ? 62  ASN A O   1 
ATOM   402 C CB  . ASN A 1 62  ? 4.61786   0.13314   15.94719  1.000 29.29255 ? 62  ASN A CB  1 
ATOM   403 C CG  . ASN A 1 62  ? 3.87285   0.87273   17.06420  1.000 33.15759 ? 62  ASN A CG  1 
ATOM   404 O OD1 . ASN A 1 62  ? 2.67587   0.66867   17.27603  1.000 32.42774 ? 62  ASN A OD1 1 
ATOM   405 N ND2 . ASN A 1 62  ? 4.58480   1.73446   17.77563  1.000 30.39770 ? 62  ASN A ND2 1 
ATOM   406 N N   . ARG A 1 63  ? 4.87394   -1.45652  13.01290  1.000 21.63534 ? 63  ARG A N   1 
ATOM   407 C CA  . ARG A 1 63  ? 5.24897   -1.36955  11.60374  1.000 26.65445 ? 63  ARG A CA  1 
ATOM   408 C C   . ARG A 1 63  ? 4.03131   -1.49252  10.69817  1.000 23.81076 ? 63  ARG A C   1 
ATOM   409 O O   . ARG A 1 63  ? 3.92532   -0.77556  9.69851   1.000 20.17320 ? 63  ARG A O   1 
ATOM   410 C CB  . ARG A 1 63  ? 6.26613   -2.44358  11.24747  1.000 25.81618 ? 63  ARG A CB  1 
ATOM   411 C CG  . ARG A 1 63  ? 7.66951   -2.12546  11.69048  1.000 27.69301 ? 63  ARG A CG  1 
ATOM   412 C CD  . ARG A 1 63  ? 8.50211   -3.38640  11.57727  1.000 32.14805 ? 63  ARG A CD  1 
ATOM   413 N NE  . ARG A 1 63  ? 8.16970   -4.28056  12.67275  1.000 32.66972 ? 63  ARG A NE  1 
ATOM   414 C CZ  . ARG A 1 63  ? 9.07130   -4.90576  13.41664  1.000 36.32600 ? 63  ARG A CZ  1 
ATOM   415 N NH1 . ARG A 1 63  ? 10.36877  -4.74546  13.15990  1.000 34.61143 ? 63  ARG A NH1 1 
ATOM   416 N NH2 . ARG A 1 63  ? 8.67110   -5.69596  14.40542  1.000 29.02900 ? 63  ARG A NH2 1 
ATOM   417 N N   . GLY A 1 64  ? 3.11033   -2.39955  11.02946  1.000 22.92527 ? 64  GLY A N   1 
ATOM   418 C CA  . GLY A 1 64  ? 1.85198   -2.46107  10.30471  1.000 21.49306 ? 64  GLY A CA  1 
ATOM   419 C C   . GLY A 1 64  ? 1.05273   -1.18108  10.42729  1.000 21.31376 ? 64  GLY A C   1 
ATOM   420 O O   . GLY A 1 64  ? 0.47627   -0.70376  9.44446   1.000 20.79510 ? 64  GLY A O   1 
ATOM   421 N N   . MET A 1 65  ? 1.02015   -0.59310  11.63106  1.000 23.62276 ? 65  MET A N   1 
ATOM   422 C CA  . MET A 1 65  ? 0.33449   0.68601   11.82267  1.000 23.27214 ? 65  MET A CA  1 
ATOM   423 C C   . MET A 1 65  ? 0.93344   1.77517   10.93729  1.000 22.75272 ? 65  MET A C   1 
ATOM   424 O O   . MET A 1 65  ? 0.20450   2.60947   10.39837  1.000 22.26912 ? 65  MET A O   1 
ATOM   425 C CB  . MET A 1 65  ? 0.40097   1.11982   13.29190  1.000 27.05336 ? 65  MET A CB  1 
ATOM   426 C CG  . MET A 1 65  ? -0.58896  0.47403   14.29002  1.000 31.45601 ? 65  MET A CG  1 
ATOM   427 S SD  . MET A 1 65  ? -2.35005  0.57275   13.87395  1.000 38.71256 ? 65  MET A SD  1 
ATOM   428 C CE  . MET A 1 65  ? -2.66815  2.26437   14.24174  1.000 30.04597 ? 65  MET A CE  1 
ATOM   429 N N   . ALA A 1 66  ? 2.26432   1.79885   10.79145  1.000 23.31029 ? 66  ALA A N   1 
ATOM   430 C CA  . ALA A 1 66  ? 2.89816   2.85811   10.00942  1.000 22.16522 ? 66  ALA A CA  1 
ATOM   431 C C   . ALA A 1 66  ? 2.56969   2.72328   8.52349   1.000 22.86727 ? 66  ALA A C   1 
ATOM   432 O O   . ALA A 1 66  ? 2.26438   3.72159   7.86019   1.000 21.23020 ? 66  ALA A O   1 
ATOM   433 C CB  . ALA A 1 66  ? 4.41320   2.85388   10.22971  1.000 16.30766 ? 66  ALA A CB  1 
ATOM   434 N N   . ILE A 1 67  ? 2.61864   1.49793   7.98640   1.000 20.30599 ? 67  ILE A N   1 
ATOM   435 C CA  . ILE A 1 67  ? 2.21836   1.27224   6.59938   1.000 18.90845 ? 67  ILE A CA  1 
ATOM   436 C C   . ILE A 1 67  ? 0.73293   1.55280   6.40939   1.000 18.52848 ? 67  ILE A C   1 
ATOM   437 O O   . ILE A 1 67  ? 0.31731   2.12635   5.39066   1.000 17.25949 ? 67  ILE A O   1 
ATOM   438 C CB  . ILE A 1 67  ? 2.58987   -0.16265  6.17507   1.000 24.19143 ? 67  ILE A CB  1 
ATOM   439 C CG1 . ILE A 1 67  ? 4.10415   -0.35819  6.25887   1.000 22.45910 ? 67  ILE A CG1 1 
ATOM   440 C CG2 . ILE A 1 67  ? 2.06496   -0.48748  4.77309   1.000 23.13136 ? 67  ILE A CG2 1 
ATOM   441 C CD1 . ILE A 1 67  ? 4.88445   0.18919   5.07208   1.000 23.08626 ? 67  ILE A CD1 1 
ATOM   442 N N   . TYR A 1 68  ? -0.09258  1.16113   7.38931   1.000 20.05395 ? 68  TYR A N   1 
ATOM   443 C CA  . TYR A 1 68  ? -1.52505  1.44394   7.31884   1.000 19.31615 ? 68  TYR A CA  1 
ATOM   444 C C   . TYR A 1 68  ? -1.80273  2.94402   7.22303   1.000 19.43637 ? 68  TYR A C   1 
ATOM   445 O O   . TYR A 1 68  ? -2.72337  3.36877   6.51624   1.000 16.75573 ? 68  TYR A O   1 
ATOM   446 C CB  . TYR A 1 68  ? -2.21702  0.84941   8.54164   1.000 17.93633 ? 68  TYR A CB  1 
ATOM   447 C CG  . TYR A 1 68  ? -3.66075  1.25311   8.78636   1.000 20.16043 ? 68  TYR A CG  1 
ATOM   448 C CD1 . TYR A 1 68  ? -4.00062  2.10867   9.83214   1.000 24.31163 ? 68  TYR A CD1 1 
ATOM   449 C CD2 . TYR A 1 68  ? -4.69250  0.71068   8.03751   1.000 22.38272 ? 68  TYR A CD2 1 
ATOM   450 C CE1 . TYR A 1 68  ? -5.32908  2.45363   10.08449  1.000 24.49192 ? 68  TYR A CE1 1 
ATOM   451 C CE2 . TYR A 1 68  ? -6.03775  1.04349   8.28805   1.000 24.65025 ? 68  TYR A CE2 1 
ATOM   452 C CZ  . TYR A 1 68  ? -6.34521  1.91397   9.30453   1.000 23.52840 ? 68  TYR A CZ  1 
ATOM   453 O OH  . TYR A 1 68  ? -7.66869  2.22272   9.55912   1.000 23.04531 ? 68  TYR A OH  1 
ATOM   454 N N   . LYS A 1 69  ? -1.02028  3.76598   7.91966   1.000 18.85640 ? 69  LYS A N   1 
ATOM   455 C CA  . LYS A 1 69  ? -1.32383  5.19762   7.94571   1.000 19.93419 ? 69  LYS A CA  1 
ATOM   456 C C   . LYS A 1 69  ? -0.96311  5.89378   6.64310   1.000 22.47083 ? 69  LYS A C   1 
ATOM   457 O O   . LYS A 1 69  ? -1.73858  6.73218   6.15980   1.000 23.11549 ? 69  LYS A O   1 
ATOM   458 C CB  . LYS A 1 69  ? -0.61025  5.84832   9.10433   1.000 21.69963 ? 69  LYS A CB  1 
ATOM   459 C CG  . LYS A 1 69  ? -1.09193  5.22233   10.32879  1.000 27.98143 ? 69  LYS A CG  1 
ATOM   460 C CD  . LYS A 1 69  ? -0.61765  5.85376   11.55452  1.000 33.18424 ? 69  LYS A CD  1 
ATOM   461 C CE  . LYS A 1 69  ? -0.70281  4.75193   12.56366  1.000 35.40884 ? 69  LYS A CE  1 
ATOM   462 N NZ  . LYS A 1 69  ? -0.56832  5.20927   13.92386  1.000 38.34477 ? 69  LYS A NZ  1 
ATOM   463 N N   . VAL A 1 70  ? 0.20706   5.59075   6.06524   1.000 19.70247 ? 70  VAL A N   1 
ATOM   464 C CA  . VAL A 1 70  ? 0.56636   6.26055   4.81682   1.000 20.38526 ? 70  VAL A CA  1 
ATOM   465 C C   . VAL A 1 70  ? -0.39431  5.85844   3.69441   1.000 19.38839 ? 70  VAL A C   1 
ATOM   466 O O   . VAL A 1 70  ? -0.78601  6.69442   2.87281   1.000 18.08227 ? 70  VAL A O   1 
ATOM   467 C CB  . VAL A 1 70  ? 2.03844   6.00212   4.44431   1.000 22.67813 ? 70  VAL A CB  1 
ATOM   468 C CG1 . VAL A 1 70  ? 2.34442   4.49686   4.27889   1.000 18.16746 ? 70  VAL A CG1 1 
ATOM   469 C CG2 . VAL A 1 70  ? 2.39708   6.80301   3.18443   1.000 18.55544 ? 70  VAL A CG2 1 
ATOM   470 N N   . LEU A 1 71  ? -0.82414  4.59564   3.66345   1.000 16.94486 ? 71  LEU A N   1 
ATOM   471 C CA  . LEU A 1 71  ? -1.80156  4.18321   2.65376   1.000 18.57768 ? 71  LEU A CA  1 
ATOM   472 C C   . LEU A 1 71  ? -3.10387  4.96179   2.80050   1.000 20.51555 ? 71  LEU A C   1 
ATOM   473 O O   . LEU A 1 71  ? -3.66490  5.46399   1.81452   1.000 20.26383 ? 71  LEU A O   1 
ATOM   474 C CB  . LEU A 1 71  ? -2.06730  2.68554   2.76657   1.000 19.08218 ? 71  LEU A CB  1 
ATOM   475 C CG  . LEU A 1 71  ? -0.92750  1.78385   2.32033   1.000 18.61904 ? 71  LEU A CG  1 
ATOM   476 C CD1 . LEU A 1 71  ? -1.22030  0.35920   2.76140   1.000 19.30873 ? 71  LEU A CD1 1 
ATOM   477 C CD2 . LEU A 1 71  ? -0.72402  1.87472   0.80290   1.000 17.70795 ? 71  LEU A CD2 1 
ATOM   478 N N   . MET A 1 72  ? -3.58780  5.08195   4.03575   1.000 18.27067 ? 72  MET A N   1 
ATOM   479 C CA  . MET A 1 72  ? -4.83576  5.79271   4.31228   1.000 21.60638 ? 72  MET A CA  1 
ATOM   480 C C   . MET A 1 72  ? -4.75283  7.25169   3.89848   1.000 20.15456 ? 72  MET A C   1 
ATOM   481 O O   . MET A 1 72  ? -5.69288  7.79517   3.30494   1.000 20.94387 ? 72  MET A O   1 
ATOM   482 C CB  . MET A 1 72  ? -5.13490  5.70529   5.79656   1.000 19.37764 ? 72  MET A CB  1 
ATOM   483 C CG  . MET A 1 72  ? -6.33571  6.45062   6.27609   1.000 29.48035 ? 72  MET A CG  1 
ATOM   484 S SD  . MET A 1 72  ? -7.81816  5.65693   5.70682   1.000 36.94067 ? 72  MET A SD  1 
ATOM   485 C CE  . MET A 1 72  ? -7.81999  4.39763   6.97160   1.000 23.02777 ? 72  MET A CE  1 
ATOM   486 N N   . GLU A 1 73  ? -3.64860  7.91681   4.25769   1.000 20.50084 ? 73  GLU A N   1 
ATOM   487 C CA  . GLU A 1 73  ? -3.44454  9.30692   3.86682   1.000 23.56198 ? 73  GLU A CA  1 
ATOM   488 C C   . GLU A 1 73  ? -3.40843  9.44426   2.35059   1.000 21.56189 ? 73  GLU A C   1 
ATOM   489 O O   . GLU A 1 73  ? -3.94272  10.40869  1.79318   1.000 22.30760 ? 73  GLU A O   1 
ATOM   490 C CB  . GLU A 1 73  ? -2.14726  9.84367   4.48388   1.000 27.70933 ? 73  GLU A CB  1 
ATOM   491 C CG  . GLU A 1 73  ? -2.09804  9.87383   6.02600   1.000 31.14759 ? 73  GLU A CG  1 
ATOM   492 C CD  . GLU A 1 73  ? -2.67929  11.13712  6.63407   1.000 39.94348 ? 73  GLU A CD  1 
ATOM   493 O OE1 . GLU A 1 73  ? -1.99346  12.18782  6.61177   1.000 40.48776 ? 73  GLU A OE1 1 
ATOM   494 O OE2 . GLU A 1 73  ? -3.81021  11.07812  7.16080   1.000 47.81213 ? 73  GLU A OE2 1 
ATOM   495 N N   . ALA A 1 74  ? -2.79051  8.47840   1.66554   1.000 20.26544 ? 74  ALA A N   1 
ATOM   496 C CA  . ALA A 1 74  ? -2.73578  8.51171   0.20745   1.000 18.55389 ? 74  ALA A CA  1 
ATOM   497 C C   . ALA A 1 74  ? -4.12901  8.39634   -0.40370  1.000 23.07989 ? 74  ALA A C   1 
ATOM   498 O O   . ALA A 1 74  ? -4.42395  9.03838   -1.41803  1.000 19.07602 ? 74  ALA A O   1 
ATOM   499 C CB  . ALA A 1 74  ? -1.84230  7.38292   -0.29405  1.000 16.80609 ? 74  ALA A CB  1 
ATOM   500 N N   . LEU A 1 75  ? -4.99200  7.56193   0.18693   1.000 18.23812 ? 75  LEU A N   1 
ATOM   501 C CA  . LEU A 1 75  ? -6.36515  7.45350   -0.29621  1.000 20.14339 ? 75  LEU A CA  1 
ATOM   502 C C   . LEU A 1 75  ? -7.12723  8.75839   -0.06252  1.000 23.00322 ? 75  LEU A C   1 
ATOM   503 O O   . LEU A 1 75  ? -7.79296  9.28091   -0.96889  1.000 21.50160 ? 75  LEU A O   1 
ATOM   504 C CB  . LEU A 1 75  ? -7.06495  6.27198   0.38994   1.000 18.79600 ? 75  LEU A CB  1 
ATOM   505 C CG  . LEU A 1 75  ? -8.55324  5.99378   0.08858   1.000 24.78219 ? 75  LEU A CG  1 
ATOM   506 C CD1 . LEU A 1 75  ? -8.89068  4.52677   0.34261   1.000 20.88288 ? 75  LEU A CD1 1 
ATOM   507 C CD2 . LEU A 1 75  ? -9.48992  6.87870   0.89332   1.000 25.19298 ? 75  LEU A CD2 1 
ATOM   508 N N   . CYS A 1 76  ? -7.04444  9.29864   1.15040   1.000 18.93299 ? 76  CYS A N   1 
ATOM   509 C CA  . CYS A 1 76  ? -7.81885  10.48669  1.48784   1.000 25.54078 ? 76  CYS A CA  1 
ATOM   510 C C   . CYS A 1 76  ? -7.30385  11.74657  0.79655   1.000 24.79599 ? 76  CYS A C   1 
ATOM   511 O O   . CYS A 1 76  ? -8.08043  12.68402  0.60215   1.000 23.51571 ? 76  CYS A O   1 
ATOM   512 C CB  . CYS A 1 76  ? -7.83398  10.71211  3.00469   1.000 20.71325 ? 76  CYS A CB  1 
ATOM   513 S SG  . CYS A 1 76  ? -8.69845  9.46430   3.97889   1.000 28.91001 ? 76  CYS A SG  1 
ATOM   514 N N   . ALA A 1 77  ? -6.02888  11.80187  0.42084   1.000 23.64610 ? 77  ALA A N   1 
ATOM   515 C CA  . ALA A 1 77  ? -5.52460  12.96132  -0.30534  1.000 22.71104 ? 77  ALA A CA  1 
ATOM   516 C C   . ALA A 1 77  ? -5.62907  12.79340  -1.81071  1.000 27.14610 ? 77  ALA A C   1 
ATOM   517 O O   . ALA A 1 77  ? -5.31342  13.73425  -2.55168  1.000 26.84750 ? 77  ALA A O   1 
ATOM   518 C CB  . ALA A 1 77  ? -4.06864  13.24921  0.08169   1.000 22.90770 ? 77  ALA A CB  1 
ATOM   519 N N   . LYS A 1 78  ? -6.08115  11.62694  -2.27366  1.000 22.51203 ? 78  LYS A N   1 
ATOM   520 C CA  . LYS A 1 78  ? -6.18305  11.32005  -3.69662  1.000 23.17941 ? 78  LYS A CA  1 
ATOM   521 C C   . LYS A 1 78  ? -4.82901  11.47879  -4.38237  1.000 25.41007 ? 78  LYS A C   1 
ATOM   522 O O   . LYS A 1 78  ? -4.68973  12.18909  -5.37465  1.000 27.43388 ? 78  LYS A O   1 
ATOM   523 C CB  . LYS A 1 78  ? -7.24801  12.18415  -4.36832  1.000 25.87236 ? 78  LYS A CB  1 
ATOM   524 C CG  . LYS A 1 78  ? -8.66082  11.98825  -3.80936  1.000 26.28867 ? 78  LYS A CG  1 
ATOM   525 C CD  . LYS A 1 78  ? -9.57890  13.09257  -4.34239  1.000 27.26153 ? 78  LYS A CD  1 
ATOM   526 C CE  . LYS A 1 78  ? -11.02193 12.64331  -4.45052  1.000 32.52608 ? 78  LYS A CE  1 
ATOM   527 N NZ  . LYS A 1 78  ? -11.51736 12.10992  -3.16152  1.000 33.50145 ? 78  LYS A NZ  1 
ATOM   528 N N   . LYS A 1 79  ? -3.82479  10.79405  -3.84857  1.000 22.90245 ? 79  LYS A N   1 
ATOM   529 C CA  . LYS A 1 79  ? -2.45161  10.92202  -4.31064  1.000 24.33555 ? 79  LYS A CA  1 
ATOM   530 C C   . LYS A 1 79  ? -2.00691  9.65501   -5.01997  1.000 25.13814 ? 79  LYS A C   1 
ATOM   531 O O   . LYS A 1 79  ? -2.40169  8.55040   -4.64353  1.000 31.71384 ? 79  LYS A O   1 
ATOM   532 C CB  . LYS A 1 79  ? -1.51061  11.17969  -3.13555  1.000 24.07967 ? 79  LYS A CB  1 
ATOM   533 C CG  . LYS A 1 79  ? -1.08070  12.61301  -2.95149  1.000 27.67163 ? 79  LYS A CG  1 
ATOM   534 C CD  . LYS A 1 79  ? 0.04760   12.65017  -1.93100  1.000 29.03132 ? 79  LYS A CD  1 
ATOM   535 C CE  . LYS A 1 79  ? 0.29603   14.03498  -1.45681  1.000 26.59097 ? 79  LYS A CE  1 
ATOM   536 N NZ  . LYS A 1 79  ? 0.82586   14.85330  -2.54524  1.000 26.80811 ? 79  LYS A NZ  1 
ATOM   537 N N   . ASP A 1 80  ? -1.16760  9.81475   -6.03782  1.000 23.72131 ? 80  ASP A N   1 
ATOM   538 C CA  . ASP A 1 80  ? -0.38626  8.68562   -6.52733  1.000 24.34889 ? 80  ASP A CA  1 
ATOM   539 C C   . ASP A 1 80  ? 0.73890   8.38264   -5.53727  1.000 28.15132 ? 80  ASP A C   1 
ATOM   540 O O   . ASP A 1 80  ? 1.32381   9.29514   -4.94989  1.000 29.75177 ? 80  ASP A O   1 
ATOM   541 C CB  . ASP A 1 80  ? 0.19978   8.99230   -7.91300  1.000 26.85688 ? 80  ASP A CB  1 
ATOM   542 C CG  . ASP A 1 80  ? -0.85972  9.00409   -9.02806  1.000 33.41338 ? 80  ASP A CG  1 
ATOM   543 O OD1 . ASP A 1 80  ? -0.86619  9.93916   -9.85358  1.000 42.90654 ? 80  ASP A OD1 1 
ATOM   544 O OD2 . ASP A 1 80  ? -1.69068  8.08353   -9.09075  1.000 38.11288 ? 80  ASP A OD2 1 
ATOM   545 N N   . VAL A 1 81  ? 1.03036   7.09362   -5.32827  1.000 27.90612 ? 81  VAL A N   1 
ATOM   546 C CA  . VAL A 1 81  ? 2.14813   6.65186   -4.49844  1.000 20.68234 ? 81  VAL A CA  1 
ATOM   547 C C   . VAL A 1 81  ? 2.87946   5.52900   -5.22370  1.000 25.87068 ? 81  VAL A C   1 
ATOM   548 O O   . VAL A 1 81  ? 2.44247   5.04106   -6.26704  1.000 27.31872 ? 81  VAL A O   1 
ATOM   549 C CB  . VAL A 1 81  ? 1.70908   6.16508   -3.09830  1.000 22.87641 ? 81  VAL A CB  1 
ATOM   550 C CG1 . VAL A 1 81  ? 1.08226   7.30382   -2.29240  1.000 25.44108 ? 81  VAL A CG1 1 
ATOM   551 C CG2 . VAL A 1 81  ? 0.75854   4.96436   -3.20699  1.000 19.58003 ? 81  VAL A CG2 1 
ATOM   552 N N   . LYS A 1 82  ? 3.99689   5.09866   -4.64517  1.000 25.05715 ? 82  LYS A N   1 
ATOM   553 C CA  . LYS A 1 82  ? 4.69246   3.91086   -5.11419  1.000 24.43053 ? 82  LYS A CA  1 
ATOM   554 C C   . LYS A 1 82  ? 4.74835   2.89124   -3.98967  1.000 25.13243 ? 82  LYS A C   1 
ATOM   555 O O   . LYS A 1 82  ? 4.92691   3.25122   -2.82302  1.000 26.44983 ? 82  LYS A O   1 
ATOM   556 C CB  . LYS A 1 82  ? 6.09678   4.22572   -5.60419  1.000 22.36076 ? 82  LYS A CB  1 
ATOM   557 C CG  . LYS A 1 82  ? 6.12782   5.00461   -6.90705  1.000 31.64486 ? 82  LYS A CG  1 
ATOM   558 C CD  . LYS A 1 82  ? 7.52268   5.51701   -7.21512  1.000 29.43978 ? 82  LYS A CD  1 
ATOM   559 C CE  . LYS A 1 82  ? 7.67221   5.89036   -8.67246  1.000 38.40614 ? 82  LYS A CE  1 
ATOM   560 N NZ  . LYS A 1 82  ? 9.11111   6.10795   -9.01392  1.000 42.11103 ? 82  LYS A NZ  1 
ATOM   561 N N   . ILE A 1 83  ? 4.57380   1.62090   -4.34645  1.000 21.59135 ? 83  ILE A N   1 
ATOM   562 C CA  . ILE A 1 83  ? 4.61806   0.53324   -3.38801  1.000 20.58784 ? 83  ILE A CA  1 
ATOM   563 C C   . ILE A 1 83  ? 5.52251   -0.56746  -3.91955  1.000 24.91738 ? 83  ILE A C   1 
ATOM   564 O O   . ILE A 1 83  ? 5.76487   -0.68193  -5.12182  1.000 27.80843 ? 83  ILE A O   1 
ATOM   565 C CB  . ILE A 1 83  ? 3.21597   -0.03927  -3.07584  1.000 21.55619 ? 83  ILE A CB  1 
ATOM   566 C CG1 . ILE A 1 83  ? 2.62362   -0.73684  -4.29114  1.000 21.02487 ? 83  ILE A CG1 1 
ATOM   567 C CG2 . ILE A 1 83  ? 2.27612   1.04017   -2.58707  1.000 18.29708 ? 83  ILE A CG2 1 
ATOM   568 C CD1 . ILE A 1 83  ? 1.44767   -1.67012  -3.92240  1.000 24.32466 ? 83  ILE A CD1 1 
ATOM   569 N N   . SER A 1 84  ? 6.04162   -1.37220  -2.99484  1.000 25.33361 ? 84  SER A N   1 
ATOM   570 C CA  . SER A 1 84  ? 6.62259   -2.66407  -3.32919  1.000 25.53546 ? 84  SER A CA  1 
ATOM   571 C C   . SER A 1 84  ? 6.02355   -3.71671  -2.40558  1.000 25.64907 ? 84  SER A C   1 
ATOM   572 O O   . SER A 1 84  ? 5.51405   -3.40919  -1.32400  1.000 23.93462 ? 84  SER A O   1 
ATOM   573 C CB  . SER A 1 84  ? 8.13765   -2.67138  -3.20571  1.000 28.07403 ? 84  SER A CB  1 
ATOM   574 O OG  . SER A 1 84  ? 8.50338   -2.72909  -1.84421  1.000 32.16285 ? 84  SER A OG  1 
ATOM   575 N N   . THR A 1 85  ? 6.07756   -4.96765  -2.84837  1.000 23.62384 ? 85  THR A N   1 
ATOM   576 C CA  . THR A 1 85  ? 5.46696   -6.08430  -2.13879  1.000 28.39680 ? 85  THR A CA  1 
ATOM   577 C C   . THR A 1 85  ? 6.51244   -7.16451  -1.88130  1.000 25.47062 ? 85  THR A C   1 
ATOM   578 O O   . THR A 1 85  ? 7.62070   -7.12897  -2.41767  1.000 28.16173 ? 85  THR A O   1 
ATOM   579 C CB  . THR A 1 85  ? 4.26986   -6.66799  -2.91771  1.000 25.76335 ? 85  THR A CB  1 
ATOM   580 O OG1 . THR A 1 85  ? 4.70832   -7.16975  -4.18475  1.000 30.84369 ? 85  THR A OG1 1 
ATOM   581 C CG2 . THR A 1 85  ? 3.21925   -5.60182  -3.16363  1.000 26.76848 ? 85  THR A CG2 1 
ATOM   582 N N   . VAL A 1 86  ? 6.16038   -8.13110  -1.02950  1.000 28.20622 ? 86  VAL A N   1 
ATOM   583 C CA  . VAL A 1 86  ? 7.09118   -9.22523  -0.77392  1.000 28.17241 ? 86  VAL A CA  1 
ATOM   584 C C   . VAL A 1 86  ? 7.28259   -10.07425 -2.02576  1.000 27.55354 ? 86  VAL A C   1 
ATOM   585 O O   . VAL A 1 86  ? 8.38525   -10.56643 -2.28096  1.000 30.23367 ? 86  VAL A O   1 
ATOM   586 C CB  . VAL A 1 86  ? 6.63412   -10.06373 0.43534   1.000 28.30832 ? 86  VAL A CB  1 
ATOM   587 C CG1 . VAL A 1 86  ? 6.80091   -9.27901  1.72435   1.000 26.95084 ? 86  VAL A CG1 1 
ATOM   588 C CG2 . VAL A 1 86  ? 5.20545   -10.46459 0.27287   1.000 30.02803 ? 86  VAL A CG2 1 
ATOM   589 N N   . GLY A 1 87  ? 6.24904   -10.22998 -2.84166  1.000 27.02424 ? 87  GLY A N   1 
ATOM   590 C CA  . GLY A 1 87  ? 6.38753   -10.92007 -4.10281  1.000 27.37231 ? 87  GLY A CA  1 
ATOM   591 C C   . GLY A 1 87  ? 5.80669   -12.32262 -4.17031  1.000 32.45795 ? 87  GLY A C   1 
ATOM   592 O O   . GLY A 1 87  ? 6.12414   -13.04954 -5.12017  1.000 35.45225 ? 87  GLY A O   1 
ATOM   593 N N   . LYS A 1 88  ? 4.96287   -12.72643 -3.20843  1.000 30.20148 ? 88  LYS A N   1 
ATOM   594 C CA  . LYS A 1 88  ? 4.24580   -13.99376 -3.30355  1.000 33.89970 ? 88  LYS A CA  1 
ATOM   595 C C   . LYS A 1 88  ? 2.83189   -13.84890 -2.80609  1.000 29.94435 ? 88  LYS A C   1 
ATOM   596 O O   . LYS A 1 88  ? 2.59222   -13.22634 -1.77102  1.000 34.13147 ? 88  LYS A O   1 
ATOM   597 C CB  . LYS A 1 88  ? 4.89103   -15.13577 -2.52206  1.000 36.73025 ? 88  LYS A CB  1 
ATOM   598 C CG  . LYS A 1 88  ? 6.15046   -15.63702 -3.14400  1.000 45.10521 ? 88  LYS A CG  1 
ATOM   599 C CD  . LYS A 1 88  ? 6.73085   -16.79879 -2.36302  1.000 50.05560 ? 88  LYS A CD  1 
ATOM   600 C CE  . LYS A 1 88  ? 7.92340   -17.30491 -3.14208  1.000 58.57640 ? 88  LYS A CE  1 
ATOM   601 N NZ  . LYS A 1 88  ? 9.03467   -16.33604 -3.21483  1.000 63.10861 ? 88  LYS A NZ  1 
ATOM   602 N N   . VAL A 1 89  ? 1.91067   -14.45713 -3.54935  1.000 32.11353 ? 89  VAL A N   1 
ATOM   603 C CA  . VAL A 1 89  ? 0.54345   -14.62795 -3.08440  1.000 32.10418 ? 89  VAL A CA  1 
ATOM   604 C C   . VAL A 1 89  ? 0.53617   -15.60609 -1.91182  1.000 36.02511 ? 89  VAL A C   1 
ATOM   605 O O   . VAL A 1 89  ? 1.15649   -16.67642 -1.97005  1.000 30.96520 ? 89  VAL A O   1 
ATOM   606 C CB  . VAL A 1 89  ? -0.34540  -15.11156 -4.23968  1.000 29.97131 ? 89  VAL A CB  1 
ATOM   607 C CG1 . VAL A 1 89  ? -1.75482  -15.26094 -3.79522  1.000 30.77839 ? 89  VAL A CG1 1 
ATOM   608 C CG2 . VAL A 1 89  ? -0.25631  -14.14012 -5.40028  1.000 29.50320 ? 89  VAL A CG2 1 
ATOM   609 N N   . GLY A 1 90  ? -0.14040  -15.22947 -0.82695  1.000 31.55975 ? 90  GLY A N   1 
ATOM   610 C CA  . GLY A 1 90  ? -0.22618  -16.08597 0.33342   1.000 27.67669 ? 90  GLY A CA  1 
ATOM   611 C C   . GLY A 1 90  ? -1.46120  -16.96177 0.31543   1.000 28.69823 ? 90  GLY A C   1 
ATOM   612 O O   . GLY A 1 90  ? -2.19827  -17.02465 -0.67621  1.000 25.42222 ? 90  GLY A O   1 
ATOM   613 N N   . PRO A 1 91  ? -1.72105  -17.65062 1.43479   1.000 32.10213 ? 91  PRO A N   1 
ATOM   614 C CA  . PRO A 1 91  ? -2.86150  -18.57858 1.50058   1.000 26.79819 ? 91  PRO A CA  1 
ATOM   615 C C   . PRO A 1 91  ? -4.21895  -17.90713 1.53594   1.000 30.41714 ? 91  PRO A C   1 
ATOM   616 O O   . PRO A 1 91  ? -5.23444  -18.61416 1.54078   1.000 34.51153 ? 91  PRO A O   1 
ATOM   617 C CB  . PRO A 1 91  ? -2.61988  -19.33454 2.80860   1.000 25.04805 ? 91  PRO A CB  1 
ATOM   618 C CG  . PRO A 1 91  ? -1.79083  -18.43624 3.61690   1.000 24.83988 ? 91  PRO A CG  1 
ATOM   619 C CD  . PRO A 1 91  ? -0.92555  -17.66842 2.67324   1.000 25.73108 ? 91  PRO A CD  1 
ATOM   620 N N   . LEU A 1 92  ? -4.28143  -16.57922 1.60747   1.000 27.86507 ? 92  LEU A N   1 
ATOM   621 C CA  . LEU A 1 92  ? -5.54279  -15.87175 1.47363   1.000 26.64455 ? 92  LEU A CA  1 
ATOM   622 C C   . LEU A 1 92  ? -5.75244  -15.33198 0.06306   1.000 26.23157 ? 92  LEU A C   1 
ATOM   623 O O   . LEU A 1 92  ? -6.78703  -14.71819 -0.20636  1.000 27.21764 ? 92  LEU A O   1 
ATOM   624 C CB  . LEU A 1 92  ? -5.62083  -14.73105 2.49434   1.000 27.13932 ? 92  LEU A CB  1 
ATOM   625 C CG  . LEU A 1 92  ? -5.47021  -15.07914 3.97750   1.000 27.28750 ? 92  LEU A CG  1 
ATOM   626 C CD1 . LEU A 1 92  ? -5.52109  -13.80131 4.80377   1.000 27.38231 ? 92  LEU A CD1 1 
ATOM   627 C CD2 . LEU A 1 92  ? -6.53110  -16.07197 4.45810   1.000 27.20296 ? 92  LEU A CD2 1 
ATOM   628 N N   . GLY A 1 93  ? -4.80427  -15.54844 -0.84020  1.000 24.81003 ? 93  GLY A N   1 
ATOM   629 C CA  . GLY A 1 93  ? -4.95423  -15.10498 -2.20961  1.000 28.62337 ? 93  GLY A CA  1 
ATOM   630 C C   . GLY A 1 93  ? -4.35733  -13.75439 -2.56481  1.000 28.22589 ? 93  GLY A C   1 
ATOM   631 O O   . GLY A 1 93  ? -4.54671  -13.31272 -3.70093  1.000 31.79909 ? 93  GLY A O   1 
ATOM   632 N N   . CYS A 1 94  ? -3.60895  -13.10729 -1.65943  1.000 29.24364 ? 94  CYS A N   1 
ATOM   633 C CA  . CYS A 1 94  ? -3.07872  -11.75552 -1.85913  1.000 21.84671 ? 94  CYS A CA  1 
ATOM   634 C C   . CYS A 1 94  ? -1.57049  -11.69815 -1.62463  1.000 24.71420 ? 94  CYS A C   1 
ATOM   635 O O   . CYS A 1 94  ? -1.02293  -12.45021 -0.81266  1.000 28.52604 ? 94  CYS A O   1 
ATOM   636 C CB  . CYS A 1 94  ? -3.72738  -10.74625 -0.89922  1.000 24.61081 ? 94  CYS A CB  1 
ATOM   637 S SG  . CYS A 1 94  ? -5.51598  -10.72830 -0.82603  1.000 29.79751 ? 94  CYS A SG  1 
ATOM   638 N N   . ASP A 1 95  ? -0.90987  -10.76988 -2.32750  1.000 29.03628 ? 95  ASP A N   1 
ATOM   639 C CA  . ASP A 1 95  ? 0.44499   -10.30843 -2.02202  1.000 25.50275 ? 95  ASP A CA  1 
ATOM   640 C C   . ASP A 1 95  ? 0.41532   -9.39744  -0.78808  1.000 26.50908 ? 95  ASP A C   1 
ATOM   641 O O   . ASP A 1 95  ? -0.65118  -9.02347  -0.29843  1.000 23.71616 ? 95  ASP A O   1 
ATOM   642 C CB  . ASP A 1 95  ? 1.02443   -9.55256  -3.22116  1.000 25.69497 ? 95  ASP A CB  1 
ATOM   643 C CG  . ASP A 1 95  ? 2.52525   -9.79292  -3.43500  1.000 27.81775 ? 95  ASP A CG  1 
ATOM   644 O OD1 . ASP A 1 95  ? 3.26172   -10.11343 -2.48696  1.000 28.57902 ? 95  ASP A OD1 1 
ATOM   645 O OD2 . ASP A 1 95  ? 2.98585   -9.62193  -4.57841  1.000 32.58184 ? 95  ASP A OD2 1 
ATOM   646 N N   . TYR A 1 96  ? 1.60529   -9.02375  -0.29421  1.000 24.66720 ? 96  TYR A N   1 
ATOM   647 C CA  . TYR A 1 96  ? 1.75655   -8.24677  0.93891   1.000 24.02820 ? 96  TYR A CA  1 
ATOM   648 C C   . TYR A 1 96  ? 2.59718   -6.99441  0.68395   1.000 25.09157 ? 96  TYR A C   1 
ATOM   649 O O   . TYR A 1 96  ? 3.74736   -7.09556  0.25111   1.000 25.64184 ? 96  TYR A O   1 
ATOM   650 C CB  . TYR A 1 96  ? 2.39896   -9.09678  2.03930   1.000 25.17507 ? 96  TYR A CB  1 
ATOM   651 C CG  . TYR A 1 96  ? 1.61874   -10.35697 2.38056   1.000 25.69341 ? 96  TYR A CG  1 
ATOM   652 C CD1 . TYR A 1 96  ? 0.84502   -10.43248 3.53490   1.000 19.35136 ? 96  TYR A CD1 1 
ATOM   653 C CD2 . TYR A 1 96  ? 1.66527   -11.47332 1.54703   1.000 26.83797 ? 96  TYR A CD2 1 
ATOM   654 C CE1 . TYR A 1 96  ? 0.13394   -11.58038 3.84334   1.000 22.71762 ? 96  TYR A CE1 1 
ATOM   655 C CE2 . TYR A 1 96  ? 0.95346   -12.62625 1.84290   1.000 25.58353 ? 96  TYR A CE2 1 
ATOM   656 C CZ  . TYR A 1 96  ? 0.19790   -12.67519 2.99067   1.000 25.91821 ? 96  TYR A CZ  1 
ATOM   657 O OH  . TYR A 1 96  ? -0.50583  -13.81778 3.27321   1.000 25.46638 ? 96  TYR A OH  1 
ATOM   658 N N   . ILE A 1 97  ? 2.02515   -5.81919  0.96030   1.000 22.49734 ? 97  ILE A N   1 
ATOM   659 C CA  . ILE A 1 97  ? 2.74495   -4.54954  0.82432   1.000 24.27411 ? 97  ILE A CA  1 
ATOM   660 C C   . ILE A 1 97  ? 3.78991   -4.41839  1.92946   1.000 22.94874 ? 97  ILE A C   1 
ATOM   661 O O   . ILE A 1 97  ? 3.47332   -4.56142  3.11826   1.000 20.79002 ? 97  ILE A O   1 
ATOM   662 C CB  . ILE A 1 97  ? 1.75923   -3.37234  0.88411   1.000 17.29258 ? 97  ILE A CB  1 
ATOM   663 C CG1 . ILE A 1 97  ? 0.82246   -3.37681  -0.32587  1.000 20.61303 ? 97  ILE A CG1 1 
ATOM   664 C CG2 . ILE A 1 97  ? 2.49568   -2.04347  0.98805   1.000 15.65967 ? 97  ILE A CG2 1 
ATOM   665 C CD1 . ILE A 1 97  ? -0.35814  -2.44217  -0.16081  1.000 16.52889 ? 97  ILE A CD1 1 
ATOM   666 N N   . ASN A 1 98  ? 5.03853   -4.10262  1.55035   1.000 20.05044 ? 98  ASN A N   1 
ATOM   667 C CA  . ASN A 1 98  ? 6.07771   -3.90688  2.55818   1.000 24.19340 ? 98  ASN A CA  1 
ATOM   668 C C   . ASN A 1 98  ? 6.81917   -2.56772  2.48965   1.000 25.33372 ? 98  ASN A C   1 
ATOM   669 O O   . ASN A 1 98  ? 7.63309   -2.29239  3.38523   1.000 23.07856 ? 98  ASN A O   1 
ATOM   670 C CB  . ASN A 1 98  ? 7.09816   -5.06107  2.52641   1.000 25.01419 ? 98  ASN A CB  1 
ATOM   671 C CG  . ASN A 1 98  ? 7.92999   -5.10789  1.24860   1.000 27.59601 ? 98  ASN A CG  1 
ATOM   672 O OD1 . ASN A 1 98  ? 7.50596   -4.68046  0.18208   1.000 27.99073 ? 98  ASN A OD1 1 
ATOM   673 N ND2 . ASN A 1 98  ? 9.12909   -5.64385  1.36701   1.000 30.11558 ? 98  ASN A ND2 1 
ATOM   674 N N   . CYS A 1 99  ? 6.53187   -1.71459  1.50141   1.000 21.05409 ? 99  CYS A N   1 
ATOM   675 C CA  . CYS A 1 99  ? 7.16117   -0.40356  1.39147   1.000 20.75004 ? 99  CYS A CA  1 
ATOM   676 C C   . CYS A 1 99  ? 6.22665   0.56133   0.66297   1.000 22.08340 ? 99  CYS A C   1 
ATOM   677 O O   . CYS A 1 99  ? 5.60644   0.19734   -0.34398  1.000 23.17751 ? 99  CYS A O   1 
ATOM   678 C CB  . CYS A 1 99  ? 8.50224   -0.52160  0.65492   1.000 25.16460 ? 99  CYS A CB  1 
ATOM   679 S SG  . CYS A 1 99  ? 9.35399   1.02502   0.30488   1.000 29.18119 ? 99  CYS A SG  1 
ATOM   680 N N   . VAL A 1 100 ? 6.11322   1.78768   1.17482   1.000 20.71999 ? 100 VAL A N   1 
ATOM   681 C CA  . VAL A 1 100 ? 5.33784   2.83433   0.51062   1.000 23.07188 ? 100 VAL A CA  1 
ATOM   682 C C   . VAL A 1 100 ? 6.16226   4.11276   0.47315   1.000 22.64943 ? 100 VAL A C   1 
ATOM   683 O O   . VAL A 1 100 ? 6.79793   4.48725   1.46732   1.000 24.05150 ? 100 VAL A O   1 
ATOM   684 C CB  . VAL A 1 100 ? 3.97682   3.09366   1.19837   1.000 19.31941 ? 100 VAL A CB  1 
ATOM   685 C CG1 . VAL A 1 100 ? 3.19920   4.14070   0.43991   1.000 17.64790 ? 100 VAL A CG1 1 
ATOM   686 C CG2 . VAL A 1 100 ? 3.14974   1.80605   1.28566   1.000 17.01693 ? 100 VAL A CG2 1 
ATOM   687 N N   . GLU A 1 101 ? 6.16051   4.77612   -0.68109  1.000 20.89731 ? 101 GLU A N   1 
ATOM   688 C CA  . GLU A 1 101 ? 6.78982   6.07827   -0.83708  1.000 23.72940 ? 101 GLU A CA  1 
ATOM   689 C C   . GLU A 1 101 ? 5.74581   7.09199   -1.28236  1.000 20.85657 ? 101 GLU A C   1 
ATOM   690 O O   . GLU A 1 101 ? 4.96061   6.81984   -2.19155  1.000 21.09298 ? 101 GLU A O   1 
ATOM   691 C CB  . GLU A 1 101 ? 7.93951   6.02664   -1.83798  1.000 26.42138 ? 101 GLU A CB  1 
ATOM   692 C CG  . GLU A 1 101 ? 8.83001   7.24460   -1.75969  1.000 30.02234 ? 101 GLU A CG  1 
ATOM   693 C CD  . GLU A 1 101 ? 9.62707   7.48052   -3.03195  1.000 42.73042 ? 101 GLU A CD  1 
ATOM   694 O OE1 . GLU A 1 101 ? 10.59980  6.72654   -3.28135  1.000 43.99564 ? 101 GLU A OE1 1 
ATOM   695 O OE2 . GLU A 1 101 ? 9.27440   8.42292   -3.77865  1.000 44.25599 ? 101 GLU A OE2 1 
ATOM   696 N N   . ILE A 1 102 ? 5.75022   8.25465   -0.64347  1.000 20.60034 ? 102 ILE A N   1 
ATOM   697 C CA  . ILE A 1 102 ? 4.77308   9.31218   -0.87095  1.000 21.89167 ? 102 ILE A CA  1 
ATOM   698 C C   . ILE A 1 102 ? 5.53228   10.62734  -1.02174  1.000 22.62773 ? 102 ILE A C   1 
ATOM   699 O O   . ILE A 1 102 ? 6.54781   10.84176  -0.35082  1.000 23.39784 ? 102 ILE A O   1 
ATOM   700 C CB  . ILE A 1 102 ? 3.75511   9.35321   0.29359   1.000 23.27471 ? 102 ILE A CB  1 
ATOM   701 C CG1 . ILE A 1 102 ? 2.49762   10.15262  -0.07227  1.000 28.50957 ? 102 ILE A CG1 1 
ATOM   702 C CG2 . ILE A 1 102 ? 4.41822   9.83242   1.60923   1.000 20.43017 ? 102 ILE A CG2 1 
ATOM   703 C CD1 . ILE A 1 102 ? 1.45377   10.16718  1.03972   1.000 25.81944 ? 102 ILE A CD1 1 
ATOM   704 N N   . SER A 1 103 ? 5.07751   11.50431  -1.91794  1.000 21.89148 ? 103 SER A N   1 
ATOM   705 C CA  . SER A 1 103 ? 5.78131   12.77322  -2.07782  1.000 23.17401 ? 103 SER A CA  1 
ATOM   706 C C   . SER A 1 103 ? 4.81014   13.94547  -2.18213  1.000 26.18790 ? 103 SER A C   1 
ATOM   707 O O   . SER A 1 103 ? 3.66914   13.80110  -2.63525  1.000 25.19902 ? 103 SER A O   1 
ATOM   708 C CB  . SER A 1 103 ? 6.72586   12.72986  -3.28765  1.000 22.37614 ? 103 SER A CB  1 
ATOM   709 O OG  . SER A 1 103 ? 6.00818   12.71428  -4.48112  1.000 27.52831 ? 103 SER A OG  1 
ATOM   710 N N   . MET A 1 104 ? 5.27738   15.11259  -1.74026  1.000 24.55056 ? 104 MET A N   1 
ATOM   711 C CA  . MET A 1 104 ? 4.45991   16.32717  -1.74230  1.000 26.59286 ? 104 MET A CA  1 
ATOM   712 C C   . MET A 1 104 ? 4.00009   16.72025  -3.13388  1.000 28.94864 ? 104 MET A C   1 
ATOM   713 O O   . MET A 1 104 ? 4.76756   16.67059  -4.09813  1.000 26.08404 ? 104 MET A O   1 
ATOM   714 C CB  . MET A 1 104 ? 5.21813   17.50694  -1.15003  1.000 22.34841 ? 104 MET A CB  1 
ATOM   715 C CG  . MET A 1 104 ? 4.31125   18.68854  -0.84800  1.000 28.23533 ? 104 MET A CG  1 
ATOM   716 S SD  . MET A 1 104 ? 5.21432   20.06267  -0.11302  1.000 31.06233 ? 104 MET A SD  1 
ATOM   717 C CE  . MET A 1 104 ? 4.72686   19.84285  1.57625   1.000 28.13956 ? 104 MET A CE  1 
ATOM   718 O OXT . MET A 1 104 ? 2.84882   17.11046  -3.30794  1.000 32.79110 ? 104 MET A OXT 1 
HETATM 719 O O   . HOH B 2 .   ? -11.66746 -4.91076  -3.87800  1.000 28.17652 ? 201 HOH A O   1 
HETATM 720 O O   . HOH B 2 .   ? -0.72313  5.08171   16.41413  0.25  26.78551 ? 202 HOH A O   1 
HETATM 721 O O   . HOH B 2 .   ? -4.01992  6.96522   -3.57187  1.000 22.62040 ? 203 HOH A O   1 
HETATM 722 O O   . HOH B 2 .   ? -2.31492  -14.02904 1.36368   1.000 26.02605 ? 204 HOH A O   1 
HETATM 723 O O   . HOH B 2 .   ? -2.49853  -9.65650  -4.24247  1.000 27.25814 ? 205 HOH A O   1 
HETATM 724 O O   . HOH B 2 .   ? -10.32472 10.67636  -1.23605  1.000 24.38111 ? 206 HOH A O   1 
HETATM 725 O O   . HOH B 2 .   ? -3.50643  -6.65356  6.09810   1.000 20.09771 ? 207 HOH A O   1 
HETATM 726 O O   . HOH B 2 .   ? -0.44146  12.34755  -6.69369  1.000 31.56954 ? 208 HOH A O   1 
HETATM 727 O O   . HOH B 2 .   ? 2.79447   11.04190  -3.47325  1.000 27.35700 ? 209 HOH A O   1 
HETATM 728 O O   . HOH B 2 .   ? -10.31867 -2.58070  -0.12239  1.000 21.20962 ? 210 HOH A O   1 
HETATM 729 O O   . HOH B 2 .   ? 6.65663   -4.93658  -5.75968  1.000 35.50642 ? 211 HOH A O   1 
HETATM 730 O O   . HOH B 2 .   ? 9.74561   16.42092  -5.83436  1.000 31.36260 ? 212 HOH A O   1 
HETATM 731 O O   . HOH B 2 .   ? -2.36118  -6.28297  8.92494   1.000 19.26139 ? 213 HOH A O   1 
HETATM 732 O O   . HOH B 2 .   ? 10.40160  -2.21118  3.73342   1.000 27.20094 ? 214 HOH A O   1 
HETATM 733 O O   . HOH B 2 .   ? -0.61881  5.78775   -10.50171 1.000 34.06486 ? 215 HOH A O   1 
HETATM 734 O O   . HOH B 2 .   ? -10.78381 -11.43335 6.18550   1.000 35.49126 ? 216 HOH A O   1 
HETATM 735 O O   . HOH B 2 .   ? 4.52099   -2.97023  18.23667  1.000 32.69210 ? 217 HOH A O   1 
HETATM 736 O O   . HOH B 2 .   ? -4.26890  8.77233   9.30089   1.000 35.51831 ? 218 HOH A O   1 
HETATM 737 O O   . HOH B 2 .   ? -2.61691  4.70074   -11.41709 1.000 32.83637 ? 219 HOH A O   1 
HETATM 738 O O   . HOH B 2 .   ? 12.14536  9.06631   -1.26241  1.000 30.71393 ? 220 HOH A O   1 
# 
